data_7X9U
#
_entry.id   7X9U
#
_entity_poly.entity_id   1
_entity_poly.type   'polypeptide(L)'
_entity_poly.pdbx_seq_one_letter_code
;GSSGSSGRKEDHARLRALNGLLYKALTDLLCTPEVSQELYDLNVELSKVSLTPDFSACRAYWKTTLSAEQNAHMEAVLQR
SAAHMRHLLMSQQTLRNVPPIVFVQDKGNAALAELDQLLAVADSGPSSG
;
_entity_poly.pdbx_strand_id   A
#
# COMPACT_ATOMS: atom_id res chain seq x y z
N GLY A 1 0.60 18.47 7.56
CA GLY A 1 -0.40 19.42 8.07
C GLY A 1 -0.33 19.56 9.58
N SER A 2 -1.49 19.74 10.24
CA SER A 2 -1.60 19.98 11.70
C SER A 2 -0.75 21.17 12.21
N SER A 3 -0.66 22.24 11.41
CA SER A 3 0.19 23.41 11.63
C SER A 3 -0.24 24.31 12.80
N GLY A 4 -1.45 24.10 13.33
CA GLY A 4 -2.01 24.81 14.49
C GLY A 4 -3.18 24.04 15.13
N SER A 5 -3.54 24.41 16.36
CA SER A 5 -4.48 23.68 17.24
C SER A 5 -4.02 22.22 17.53
N SER A 6 -4.86 21.42 18.21
CA SER A 6 -4.60 20.02 18.56
C SER A 6 -5.89 19.22 18.74
N GLY A 7 -5.88 17.94 18.36
CA GLY A 7 -7.03 17.02 18.48
C GLY A 7 -7.28 16.54 19.91
N ARG A 8 -8.53 16.17 20.22
CA ARG A 8 -8.94 15.57 21.50
C ARG A 8 -8.64 14.05 21.54
N LYS A 9 -8.69 13.43 22.72
CA LYS A 9 -8.54 11.97 22.88
C LYS A 9 -9.58 11.17 22.07
N GLU A 10 -10.78 11.72 21.89
CA GLU A 10 -11.81 11.15 21.02
C GLU A 10 -11.50 11.23 19.50
N ASP A 11 -10.66 12.19 19.06
CA ASP A 11 -10.16 12.22 17.67
C ASP A 11 -9.19 11.06 17.36
N HIS A 12 -8.31 10.73 18.32
CA HIS A 12 -7.46 9.54 18.25
C HIS A 12 -8.28 8.25 18.26
N ALA A 13 -9.33 8.17 19.09
CA ALA A 13 -10.27 7.05 19.09
C ALA A 13 -11.01 6.90 17.74
N ARG A 14 -11.47 8.01 17.15
CA ARG A 14 -12.08 8.03 15.80
C ARG A 14 -11.10 7.59 14.70
N LEU A 15 -9.87 8.09 14.70
CA LEU A 15 -8.80 7.65 13.78
C LEU A 15 -8.53 6.15 13.91
N ARG A 16 -8.42 5.62 15.13
CA ARG A 16 -8.17 4.20 15.39
C ARG A 16 -9.32 3.30 14.96
N ALA A 17 -10.57 3.71 15.19
CA ALA A 17 -11.76 2.96 14.79
C ALA A 17 -11.92 2.94 13.25
N LEU A 18 -11.76 4.10 12.60
CA LEU A 18 -11.86 4.25 11.15
C LEU A 18 -10.73 3.49 10.42
N ASN A 19 -9.51 3.51 10.97
CA ASN A 19 -8.39 2.69 10.50
C ASN A 19 -8.66 1.18 10.65
N GLY A 20 -9.31 0.75 11.74
CA GLY A 20 -9.73 -0.64 11.95
C GLY A 20 -10.79 -1.11 10.93
N LEU A 21 -11.77 -0.24 10.63
CA LEU A 21 -12.78 -0.48 9.59
C LEU A 21 -12.13 -0.57 8.19
N LEU A 22 -11.21 0.35 7.86
CA LEU A 22 -10.42 0.29 6.62
C LEU A 22 -9.58 -1.00 6.55
N TYR A 23 -8.96 -1.43 7.65
CA TYR A 23 -8.21 -2.68 7.71
C TYR A 23 -9.00 -3.95 7.36
N LYS A 24 -10.17 -4.13 7.99
CA LYS A 24 -11.07 -5.24 7.68
C LYS A 24 -11.59 -5.15 6.24
N ALA A 25 -12.03 -3.97 5.80
CA ALA A 25 -12.63 -3.78 4.48
C ALA A 25 -11.62 -3.94 3.31
N LEU A 26 -10.40 -3.42 3.45
CA LEU A 26 -9.31 -3.64 2.49
C LEU A 26 -8.94 -5.12 2.41
N THR A 27 -8.73 -5.78 3.56
CA THR A 27 -8.47 -7.23 3.62
C THR A 27 -9.57 -8.08 2.97
N ASP A 28 -10.84 -7.70 3.16
CA ASP A 28 -11.97 -8.31 2.46
C ASP A 28 -11.93 -8.19 0.92
N LEU A 29 -11.47 -7.05 0.39
CA LEU A 29 -11.24 -6.86 -1.05
C LEU A 29 -10.04 -7.66 -1.59
N LEU A 30 -8.94 -7.78 -0.83
CA LEU A 30 -7.85 -8.71 -1.18
C LEU A 30 -8.36 -10.16 -1.25
N CYS A 31 -9.34 -10.52 -0.41
CA CYS A 31 -10.00 -11.83 -0.38
C CYS A 31 -11.09 -12.04 -1.47
N THR A 32 -11.20 -11.18 -2.48
CA THR A 32 -12.20 -11.32 -3.57
C THR A 32 -11.55 -11.06 -4.93
N PRO A 33 -11.99 -11.77 -6.00
CA PRO A 33 -11.60 -11.46 -7.38
C PRO A 33 -12.24 -10.18 -7.93
N GLU A 34 -13.18 -9.56 -7.20
CA GLU A 34 -13.91 -8.35 -7.60
C GLU A 34 -13.00 -7.11 -7.78
N VAL A 35 -11.90 -7.03 -7.03
CA VAL A 35 -10.84 -6.03 -7.26
C VAL A 35 -9.91 -6.43 -8.42
N SER A 36 -9.42 -7.67 -8.42
CA SER A 36 -8.60 -8.26 -9.48
C SER A 36 -8.54 -9.78 -9.34
N GLN A 37 -8.81 -10.50 -10.43
CA GLN A 37 -8.71 -11.96 -10.51
C GLN A 37 -7.26 -12.44 -10.25
N GLU A 38 -6.30 -11.71 -10.79
CA GLU A 38 -4.86 -11.95 -10.59
C GLU A 38 -4.46 -11.75 -9.13
N LEU A 39 -4.89 -10.65 -8.50
CA LEU A 39 -4.61 -10.37 -7.09
C LEU A 39 -5.19 -11.44 -6.16
N TYR A 40 -6.42 -11.89 -6.44
CA TYR A 40 -7.07 -12.98 -5.74
C TYR A 40 -6.36 -14.34 -5.89
N ASP A 41 -5.95 -14.68 -7.11
CA ASP A 41 -5.13 -15.86 -7.40
C ASP A 41 -3.74 -15.89 -6.76
N LEU A 42 -3.10 -14.72 -6.62
CA LEU A 42 -1.85 -14.54 -5.86
C LEU A 42 -2.01 -14.74 -4.35
N ASN A 43 -3.26 -14.78 -3.84
CA ASN A 43 -3.59 -15.07 -2.43
C ASN A 43 -2.90 -14.15 -1.39
N VAL A 44 -2.65 -12.88 -1.75
CA VAL A 44 -2.12 -11.85 -0.84
C VAL A 44 -3.10 -11.58 0.31
N GLU A 45 -2.57 -11.21 1.48
CA GLU A 45 -3.34 -10.78 2.65
C GLU A 45 -2.58 -9.72 3.45
N LEU A 46 -3.29 -8.72 3.97
CA LEU A 46 -2.72 -7.69 4.85
C LEU A 46 -2.29 -8.22 6.23
N SER A 47 -1.28 -7.57 6.81
CA SER A 47 -0.85 -7.73 8.21
C SER A 47 -1.42 -6.64 9.13
N LYS A 48 -1.51 -5.39 8.63
CA LYS A 48 -2.03 -4.20 9.34
C LYS A 48 -2.30 -3.04 8.36
N VAL A 49 -2.99 -2.00 8.83
CA VAL A 49 -3.14 -0.71 8.16
C VAL A 49 -2.86 0.43 9.15
N SER A 50 -2.26 1.53 8.67
CA SER A 50 -2.03 2.77 9.43
C SER A 50 -2.57 3.99 8.68
N LEU A 51 -3.38 4.81 9.34
CA LEU A 51 -4.02 6.01 8.80
C LEU A 51 -3.37 7.27 9.37
N THR A 52 -3.09 8.28 8.55
CA THR A 52 -2.46 9.53 9.03
C THR A 52 -3.43 10.37 9.86
N PRO A 53 -2.92 11.08 10.90
CA PRO A 53 -3.72 11.98 11.74
C PRO A 53 -4.32 13.17 10.97
N ASP A 54 -3.67 13.58 9.89
CA ASP A 54 -4.17 14.57 8.92
C ASP A 54 -5.32 14.10 8.00
N PHE A 55 -5.70 12.83 8.08
CA PHE A 55 -6.60 12.15 7.13
C PHE A 55 -6.11 12.07 5.66
N SER A 56 -4.84 12.40 5.45
CA SER A 56 -4.18 12.60 4.15
C SER A 56 -3.83 11.32 3.40
N ALA A 57 -3.52 10.20 4.09
CA ALA A 57 -3.17 8.93 3.46
C ALA A 57 -3.40 7.70 4.35
N CYS A 58 -3.65 6.56 3.69
CA CYS A 58 -3.85 5.25 4.31
C CYS A 58 -2.75 4.29 3.83
N ARG A 59 -1.82 3.93 4.72
CA ARG A 59 -0.72 2.97 4.46
C ARG A 59 -1.16 1.56 4.81
N ALA A 60 -1.27 0.69 3.82
CA ALA A 60 -1.71 -0.70 3.99
C ALA A 60 -0.55 -1.69 3.84
N TYR A 61 -0.34 -2.53 4.85
CA TYR A 61 0.81 -3.43 4.95
C TYR A 61 0.48 -4.87 4.55
N TRP A 62 1.22 -5.45 3.60
CA TRP A 62 0.92 -6.77 3.02
C TRP A 62 2.01 -7.81 3.29
N LYS A 63 1.59 -9.07 3.51
CA LYS A 63 2.48 -10.20 3.83
C LYS A 63 3.23 -10.72 2.61
N THR A 64 4.55 -10.89 2.73
CA THR A 64 5.48 -11.18 1.63
C THR A 64 6.00 -12.63 1.56
N THR A 65 6.42 -13.07 0.36
CA THR A 65 7.07 -14.37 0.11
C THR A 65 8.62 -14.31 0.15
N LEU A 66 9.27 -15.48 0.08
CA LEU A 66 10.71 -15.63 -0.02
C LEU A 66 11.30 -15.12 -1.35
N SER A 67 10.51 -15.11 -2.43
CA SER A 67 10.95 -14.65 -3.76
C SER A 67 10.75 -13.14 -3.95
N ALA A 68 11.86 -12.41 -4.13
CA ALA A 68 11.82 -10.96 -4.37
C ALA A 68 11.18 -10.58 -5.73
N GLU A 69 11.30 -11.44 -6.75
CA GLU A 69 10.64 -11.26 -8.04
C GLU A 69 9.11 -11.39 -7.92
N GLN A 70 8.64 -12.41 -7.19
CA GLN A 70 7.22 -12.59 -6.89
C GLN A 70 6.68 -11.45 -5.99
N ASN A 71 7.48 -10.98 -5.02
CA ASN A 71 7.15 -9.82 -4.20
C ASN A 71 6.97 -8.55 -5.04
N ALA A 72 7.87 -8.27 -5.98
CA ALA A 72 7.73 -7.12 -6.89
C ALA A 72 6.50 -7.24 -7.81
N HIS A 73 6.18 -8.44 -8.30
CA HIS A 73 4.97 -8.72 -9.06
C HIS A 73 3.70 -8.46 -8.25
N MET A 74 3.60 -9.02 -7.03
CA MET A 74 2.49 -8.76 -6.10
C MET A 74 2.37 -7.28 -5.74
N GLU A 75 3.49 -6.60 -5.47
CA GLU A 75 3.50 -5.18 -5.13
C GLU A 75 2.97 -4.32 -6.29
N ALA A 76 3.39 -4.59 -7.52
CA ALA A 76 2.94 -3.84 -8.70
C ALA A 76 1.41 -3.99 -8.91
N VAL A 77 0.88 -5.23 -8.91
CA VAL A 77 -0.57 -5.45 -9.06
C VAL A 77 -1.39 -4.89 -7.88
N LEU A 78 -0.89 -4.99 -6.65
CA LEU A 78 -1.56 -4.48 -5.45
C LEU A 78 -1.62 -2.93 -5.44
N GLN A 79 -0.54 -2.26 -5.83
CA GLN A 79 -0.52 -0.79 -6.05
C GLN A 79 -1.43 -0.35 -7.21
N ARG A 80 -1.47 -1.11 -8.32
CA ARG A 80 -2.44 -0.88 -9.42
C ARG A 80 -3.89 -1.06 -8.99
N SER A 81 -4.15 -2.00 -8.08
CA SER A 81 -5.47 -2.28 -7.53
C SER A 81 -6.00 -1.19 -6.59
N ALA A 82 -5.12 -0.37 -6.01
CA ALA A 82 -5.43 0.58 -4.93
C ALA A 82 -6.50 1.64 -5.27
N ALA A 83 -6.48 2.21 -6.48
CA ALA A 83 -7.46 3.22 -6.90
C ALA A 83 -8.88 2.64 -7.02
N HIS A 84 -8.99 1.42 -7.56
CA HIS A 84 -10.23 0.63 -7.62
C HIS A 84 -10.69 0.20 -6.22
N MET A 85 -9.78 -0.22 -5.32
CA MET A 85 -10.13 -0.44 -3.91
C MET A 85 -10.73 0.83 -3.27
N ARG A 86 -10.16 2.01 -3.53
CA ARG A 86 -10.69 3.28 -3.00
C ARG A 86 -12.14 3.50 -3.46
N HIS A 87 -12.40 3.32 -4.76
CA HIS A 87 -13.73 3.40 -5.39
C HIS A 87 -14.73 2.37 -4.82
N LEU A 88 -14.30 1.13 -4.59
CA LEU A 88 -15.12 0.08 -4.00
C LEU A 88 -15.51 0.40 -2.54
N LEU A 89 -14.60 0.98 -1.75
CA LEU A 89 -14.86 1.43 -0.39
C LEU A 89 -15.65 2.75 -0.32
N MET A 90 -15.66 3.55 -1.40
CA MET A 90 -16.43 4.79 -1.52
C MET A 90 -17.96 4.57 -1.64
N SER A 91 -18.39 3.31 -1.79
CA SER A 91 -19.81 2.91 -1.68
C SER A 91 -20.38 3.02 -0.25
N GLN A 92 -19.53 3.13 0.78
CA GLN A 92 -19.95 3.36 2.16
C GLN A 92 -20.54 4.77 2.35
N GLN A 93 -21.76 4.86 2.89
CA GLN A 93 -22.50 6.11 3.06
C GLN A 93 -21.89 7.04 4.14
N THR A 94 -21.38 6.47 5.23
CA THR A 94 -20.82 7.21 6.38
C THR A 94 -19.44 7.84 6.14
N LEU A 95 -18.54 7.15 5.43
CA LEU A 95 -17.21 7.64 5.07
C LEU A 95 -17.25 8.52 3.81
N ARG A 96 -17.53 9.81 4.00
CA ARG A 96 -17.72 10.83 2.94
C ARG A 96 -16.54 10.93 1.96
N ASN A 97 -15.32 10.78 2.47
CA ASN A 97 -14.06 10.91 1.72
C ASN A 97 -13.04 9.83 2.12
N VAL A 98 -12.98 8.73 1.36
CA VAL A 98 -12.03 7.64 1.56
C VAL A 98 -10.59 8.10 1.25
N PRO A 99 -9.63 7.96 2.18
CA PRO A 99 -8.24 8.40 1.98
C PRO A 99 -7.53 7.61 0.86
N PRO A 100 -6.52 8.19 0.19
CA PRO A 100 -5.73 7.49 -0.82
C PRO A 100 -4.96 6.31 -0.18
N ILE A 101 -5.08 5.14 -0.81
CA ILE A 101 -4.49 3.89 -0.35
C ILE A 101 -3.09 3.72 -0.97
N VAL A 102 -2.10 3.42 -0.14
CA VAL A 102 -0.70 3.22 -0.52
C VAL A 102 -0.16 1.93 0.10
N PHE A 103 0.34 1.01 -0.73
CA PHE A 103 0.84 -0.29 -0.27
C PHE A 103 2.29 -0.37 0.23
N VAL A 104 2.50 -1.09 1.32
CA VAL A 104 3.78 -1.17 2.07
C VAL A 104 4.17 -2.61 2.43
N GLN A 105 5.44 -2.96 2.29
CA GLN A 105 5.95 -4.27 2.73
C GLN A 105 5.95 -4.37 4.26
N ASP A 106 5.75 -5.58 4.79
CA ASP A 106 5.59 -5.82 6.24
C ASP A 106 6.79 -5.45 7.15
N LYS A 107 8.01 -5.41 6.59
CA LYS A 107 9.24 -5.01 7.28
C LYS A 107 9.28 -3.51 7.57
N GLY A 108 9.51 -3.13 8.83
CA GLY A 108 9.61 -1.73 9.28
C GLY A 108 10.93 -1.04 8.92
N ASN A 109 10.95 0.29 9.02
CA ASN A 109 12.12 1.17 8.81
C ASN A 109 13.12 1.13 9.98
N ALA A 110 13.67 -0.05 10.28
CA ALA A 110 14.50 -0.33 11.45
C ALA A 110 15.88 0.39 11.47
N ALA A 111 16.34 0.91 10.32
CA ALA A 111 17.56 1.69 10.17
C ALA A 111 17.37 2.85 9.17
N LEU A 112 18.05 3.97 9.41
CA LEU A 112 18.08 5.15 8.55
C LEU A 112 18.89 4.84 7.27
N ALA A 113 18.30 5.09 6.09
CA ALA A 113 18.85 4.74 4.78
C ALA A 113 20.12 5.54 4.37
N GLU A 114 20.78 5.10 3.30
CA GLU A 114 21.96 5.75 2.69
C GLU A 114 21.58 6.99 1.86
N LEU A 115 20.94 7.97 2.49
CA LEU A 115 20.41 9.19 1.87
C LEU A 115 21.53 10.08 1.28
N ASP A 116 21.28 10.64 0.10
CA ASP A 116 22.22 11.52 -0.63
C ASP A 116 22.20 12.95 -0.05
N GLN A 117 23.25 13.73 -0.31
CA GLN A 117 23.37 15.15 0.05
C GLN A 117 22.45 16.06 -0.79
N LEU A 118 22.31 17.32 -0.36
CA LEU A 118 21.59 18.38 -1.08
C LEU A 118 22.40 19.68 -1.07
N LEU A 119 22.58 20.29 -2.25
CA LEU A 119 23.36 21.52 -2.49
C LEU A 119 22.67 22.41 -3.53
N ALA A 120 22.90 23.73 -3.45
CA ALA A 120 22.38 24.73 -4.40
C ALA A 120 23.29 25.96 -4.48
N VAL A 121 23.25 26.65 -5.64
CA VAL A 121 24.02 27.89 -5.93
C VAL A 121 23.18 28.91 -6.70
N ALA A 122 23.25 30.18 -6.32
CA ALA A 122 22.54 31.28 -6.98
C ALA A 122 23.08 31.59 -8.39
N ASP A 123 22.20 32.03 -9.30
CA ASP A 123 22.58 32.47 -10.65
C ASP A 123 23.35 33.80 -10.69
N SER A 124 24.53 33.83 -11.32
CA SER A 124 25.38 35.02 -11.47
C SER A 124 24.88 35.96 -12.59
N GLY A 125 23.65 36.47 -12.44
CA GLY A 125 23.00 37.39 -13.37
C GLY A 125 23.54 38.83 -13.32
N PRO A 126 23.25 39.66 -14.34
CA PRO A 126 23.66 41.07 -14.39
C PRO A 126 22.93 41.94 -13.34
N SER A 127 23.55 43.06 -12.98
CA SER A 127 22.95 44.07 -12.08
C SER A 127 21.81 44.85 -12.75
N SER A 128 21.96 45.15 -14.05
CA SER A 128 20.95 45.85 -14.87
C SER A 128 19.68 45.04 -15.11
N GLY A 129 18.53 45.73 -15.19
CA GLY A 129 17.21 45.14 -15.52
C GLY A 129 17.09 44.70 -16.98
N GLY A 1 0.42 12.29 21.33
CA GLY A 1 0.08 12.77 22.70
C GLY A 1 -0.93 13.91 22.67
N SER A 2 -1.57 14.18 23.80
CA SER A 2 -2.61 15.22 23.94
C SER A 2 -2.07 16.66 24.00
N SER A 3 -0.79 16.86 24.31
CA SER A 3 -0.16 18.19 24.37
C SER A 3 -0.20 18.90 23.01
N GLY A 4 -0.79 20.11 22.96
CA GLY A 4 -1.04 20.87 21.73
C GLY A 4 -2.13 20.28 20.81
N SER A 5 -2.81 19.21 21.25
CA SER A 5 -3.80 18.42 20.49
C SER A 5 -4.96 17.97 21.39
N SER A 6 -5.45 18.88 22.25
CA SER A 6 -6.40 18.59 23.33
C SER A 6 -7.73 17.98 22.85
N GLY A 7 -8.19 16.94 23.54
CA GLY A 7 -9.44 16.23 23.27
C GLY A 7 -9.62 14.97 24.13
N ARG A 8 -10.85 14.45 24.19
CA ARG A 8 -11.19 13.23 24.96
C ARG A 8 -10.71 11.95 24.28
N LYS A 9 -10.43 10.91 25.07
CA LYS A 9 -9.91 9.60 24.60
C LYS A 9 -10.82 8.87 23.60
N GLU A 10 -12.13 9.15 23.63
CA GLU A 10 -13.10 8.61 22.67
C GLU A 10 -12.82 9.04 21.21
N ASP A 11 -12.12 10.16 20.97
CA ASP A 11 -11.74 10.57 19.61
C ASP A 11 -10.57 9.71 19.08
N HIS A 12 -9.65 9.28 19.95
CA HIS A 12 -8.62 8.29 19.59
C HIS A 12 -9.24 6.91 19.33
N ALA A 13 -10.25 6.53 20.12
CA ALA A 13 -11.04 5.32 19.87
C ALA A 13 -11.81 5.39 18.53
N ARG A 14 -12.36 6.56 18.17
CA ARG A 14 -13.00 6.82 16.87
C ARG A 14 -12.02 6.66 15.70
N LEU A 15 -10.80 7.21 15.81
CA LEU A 15 -9.73 7.03 14.82
C LEU A 15 -9.33 5.55 14.69
N ARG A 16 -9.16 4.84 15.81
CA ARG A 16 -8.84 3.39 15.83
C ARG A 16 -9.96 2.54 15.23
N ALA A 17 -11.22 2.89 15.45
CA ALA A 17 -12.37 2.22 14.85
C ALA A 17 -12.46 2.46 13.33
N LEU A 18 -12.25 3.69 12.86
CA LEU A 18 -12.21 4.04 11.44
C LEU A 18 -11.07 3.28 10.73
N ASN A 19 -9.88 3.23 11.34
CA ASN A 19 -8.73 2.48 10.87
C ASN A 19 -9.02 0.96 10.82
N GLY A 20 -9.75 0.42 11.79
CA GLY A 20 -10.21 -0.97 11.82
C GLY A 20 -11.25 -1.31 10.74
N LEU A 21 -12.19 -0.40 10.47
CA LEU A 21 -13.15 -0.51 9.38
C LEU A 21 -12.47 -0.47 8.01
N LEU A 22 -11.49 0.44 7.81
CA LEU A 22 -10.64 0.45 6.63
C LEU A 22 -9.86 -0.86 6.50
N TYR A 23 -9.28 -1.39 7.59
CA TYR A 23 -8.61 -2.70 7.56
C TYR A 23 -9.50 -3.86 7.11
N LYS A 24 -10.69 -3.98 7.72
CA LYS A 24 -11.67 -5.02 7.39
C LYS A 24 -12.14 -4.93 5.94
N ALA A 25 -12.49 -3.73 5.48
CA ALA A 25 -12.99 -3.51 4.12
C ALA A 25 -11.89 -3.68 3.04
N LEU A 26 -10.66 -3.22 3.29
CA LEU A 26 -9.51 -3.49 2.41
C LEU A 26 -9.23 -5.00 2.34
N THR A 27 -9.16 -5.69 3.50
CA THR A 27 -8.98 -7.15 3.56
C THR A 27 -10.05 -7.92 2.80
N ASP A 28 -11.32 -7.51 2.89
CA ASP A 28 -12.41 -8.07 2.08
C ASP A 28 -12.25 -7.95 0.56
N LEU A 29 -11.71 -6.82 0.07
CA LEU A 29 -11.38 -6.62 -1.34
C LEU A 29 -10.16 -7.46 -1.78
N LEU A 30 -9.10 -7.52 -0.97
CA LEU A 30 -7.98 -8.43 -1.22
C LEU A 30 -8.42 -9.91 -1.24
N CYS A 31 -9.45 -10.27 -0.47
CA CYS A 31 -10.05 -11.61 -0.40
C CYS A 31 -11.11 -11.91 -1.47
N THR A 32 -11.29 -11.08 -2.50
CA THR A 32 -12.28 -11.31 -3.58
C THR A 32 -11.65 -11.02 -4.94
N PRO A 33 -12.04 -11.77 -6.01
CA PRO A 33 -11.63 -11.51 -7.38
C PRO A 33 -12.30 -10.26 -8.00
N GLU A 34 -13.26 -9.64 -7.31
CA GLU A 34 -14.05 -8.50 -7.78
C GLU A 34 -13.22 -7.22 -7.99
N VAL A 35 -12.16 -7.00 -7.18
CA VAL A 35 -11.17 -5.94 -7.41
C VAL A 35 -10.15 -6.33 -8.50
N SER A 36 -9.61 -7.54 -8.41
CA SER A 36 -8.67 -8.13 -9.38
C SER A 36 -8.61 -9.66 -9.20
N GLN A 37 -8.89 -10.38 -10.28
CA GLN A 37 -8.81 -11.85 -10.35
C GLN A 37 -7.39 -12.33 -10.08
N GLU A 38 -6.44 -11.67 -10.74
CA GLU A 38 -5.00 -11.87 -10.58
C GLU A 38 -4.56 -11.67 -9.12
N LEU A 39 -4.95 -10.57 -8.47
CA LEU A 39 -4.60 -10.30 -7.07
C LEU A 39 -5.17 -11.35 -6.10
N TYR A 40 -6.41 -11.78 -6.35
CA TYR A 40 -7.05 -12.86 -5.60
C TYR A 40 -6.36 -14.22 -5.74
N ASP A 41 -5.99 -14.60 -6.96
CA ASP A 41 -5.22 -15.81 -7.26
C ASP A 41 -3.81 -15.83 -6.63
N LEU A 42 -3.16 -14.65 -6.57
CA LEU A 42 -1.87 -14.46 -5.88
C LEU A 42 -1.97 -14.59 -4.34
N ASN A 43 -3.19 -14.64 -3.78
CA ASN A 43 -3.45 -14.89 -2.36
C ASN A 43 -2.71 -13.93 -1.40
N VAL A 44 -2.73 -12.63 -1.72
CA VAL A 44 -2.20 -11.54 -0.89
C VAL A 44 -2.86 -11.49 0.51
N GLU A 45 -2.10 -11.03 1.51
CA GLU A 45 -2.45 -11.03 2.93
C GLU A 45 -1.92 -9.77 3.65
N LEU A 46 -2.81 -8.98 4.25
CA LEU A 46 -2.42 -7.85 5.11
C LEU A 46 -1.83 -8.31 6.45
N SER A 47 -0.93 -7.50 7.01
CA SER A 47 -0.39 -7.63 8.38
C SER A 47 -0.96 -6.56 9.32
N LYS A 48 -1.06 -5.31 8.86
CA LYS A 48 -1.55 -4.13 9.62
C LYS A 48 -1.93 -2.98 8.66
N VAL A 49 -2.73 -2.03 9.14
CA VAL A 49 -3.10 -0.79 8.43
C VAL A 49 -2.96 0.38 9.41
N SER A 50 -2.39 1.49 8.93
CA SER A 50 -2.22 2.75 9.67
C SER A 50 -2.69 3.95 8.85
N LEU A 51 -3.78 4.56 9.28
CA LEU A 51 -4.31 5.83 8.79
C LEU A 51 -3.59 7.02 9.44
N THR A 52 -3.24 8.04 8.64
CA THR A 52 -2.60 9.26 9.16
C THR A 52 -3.61 10.08 9.98
N PRO A 53 -3.18 10.71 11.09
CA PRO A 53 -4.03 11.61 11.88
C PRO A 53 -4.46 12.87 11.08
N ASP A 54 -3.66 13.27 10.08
CA ASP A 54 -3.96 14.34 9.12
C ASP A 54 -4.92 13.97 7.97
N PHE A 55 -5.40 12.72 7.93
CA PHE A 55 -6.24 12.16 6.86
C PHE A 55 -5.65 12.11 5.42
N SER A 56 -4.36 12.37 5.28
CA SER A 56 -3.65 12.49 4.00
C SER A 56 -3.34 11.15 3.30
N ALA A 57 -3.22 10.04 4.03
CA ALA A 57 -3.07 8.70 3.45
C ALA A 57 -3.41 7.55 4.41
N CYS A 58 -3.90 6.44 3.86
CA CYS A 58 -4.07 5.16 4.53
C CYS A 58 -2.97 4.19 4.05
N ARG A 59 -1.98 3.93 4.91
CA ARG A 59 -0.90 2.97 4.65
C ARG A 59 -1.33 1.55 5.03
N ALA A 60 -1.24 0.62 4.08
CA ALA A 60 -1.65 -0.77 4.25
C ALA A 60 -0.47 -1.72 4.02
N TYR A 61 -0.12 -2.50 5.04
CA TYR A 61 1.06 -3.36 5.05
C TYR A 61 0.70 -4.82 4.72
N TRP A 62 1.48 -5.49 3.86
CA TRP A 62 1.21 -6.84 3.39
C TRP A 62 2.41 -7.79 3.53
N LYS A 63 2.12 -9.05 3.85
CA LYS A 63 3.10 -10.11 4.14
C LYS A 63 3.70 -10.65 2.83
N THR A 64 5.02 -10.74 2.76
CA THR A 64 5.79 -11.02 1.53
C THR A 64 6.43 -12.40 1.43
N THR A 65 6.71 -12.85 0.20
CA THR A 65 7.43 -14.10 -0.10
C THR A 65 8.96 -14.02 0.04
N LEU A 66 9.66 -15.15 -0.08
CA LEU A 66 11.12 -15.21 -0.12
C LEU A 66 11.71 -14.59 -1.41
N SER A 67 10.96 -14.64 -2.52
CA SER A 67 11.42 -14.21 -3.86
C SER A 67 11.10 -12.75 -4.14
N ALA A 68 12.12 -11.89 -4.30
CA ALA A 68 11.93 -10.46 -4.54
C ALA A 68 11.25 -10.14 -5.89
N GLU A 69 11.41 -11.00 -6.91
CA GLU A 69 10.71 -10.86 -8.20
C GLU A 69 9.19 -11.09 -8.05
N GLN A 70 8.80 -12.12 -7.28
CA GLN A 70 7.39 -12.38 -6.93
C GLN A 70 6.82 -11.23 -6.07
N ASN A 71 7.60 -10.72 -5.13
CA ASN A 71 7.22 -9.58 -4.29
C ASN A 71 6.99 -8.30 -5.12
N ALA A 72 7.88 -7.99 -6.08
CA ALA A 72 7.71 -6.87 -7.01
C ALA A 72 6.48 -7.03 -7.92
N HIS A 73 6.18 -8.26 -8.37
CA HIS A 73 4.96 -8.57 -9.12
C HIS A 73 3.70 -8.32 -8.28
N MET A 74 3.64 -8.87 -7.06
CA MET A 74 2.53 -8.64 -6.14
C MET A 74 2.36 -7.16 -5.76
N GLU A 75 3.45 -6.42 -5.56
CA GLU A 75 3.42 -4.99 -5.28
C GLU A 75 2.75 -4.20 -6.43
N ALA A 76 3.14 -4.46 -7.67
CA ALA A 76 2.62 -3.76 -8.84
C ALA A 76 1.11 -4.00 -9.08
N VAL A 77 0.64 -5.25 -8.99
CA VAL A 77 -0.80 -5.58 -9.10
C VAL A 77 -1.61 -5.00 -7.94
N LEU A 78 -1.09 -5.06 -6.70
CA LEU A 78 -1.76 -4.51 -5.53
C LEU A 78 -1.88 -2.97 -5.59
N GLN A 79 -0.82 -2.29 -6.05
CA GLN A 79 -0.81 -0.85 -6.31
C GLN A 79 -1.73 -0.42 -7.46
N ARG A 80 -1.75 -1.14 -8.61
CA ARG A 80 -2.67 -0.79 -9.71
C ARG A 80 -4.14 -1.05 -9.33
N SER A 81 -4.38 -2.02 -8.44
CA SER A 81 -5.71 -2.30 -7.87
C SER A 81 -6.21 -1.22 -6.90
N ALA A 82 -5.31 -0.45 -6.27
CA ALA A 82 -5.63 0.46 -5.16
C ALA A 82 -6.57 1.63 -5.52
N ALA A 83 -6.51 2.17 -6.74
CA ALA A 83 -7.42 3.23 -7.19
C ALA A 83 -8.88 2.73 -7.31
N HIS A 84 -9.06 1.51 -7.81
CA HIS A 84 -10.34 0.79 -7.83
C HIS A 84 -10.80 0.41 -6.41
N MET A 85 -9.90 -0.02 -5.51
CA MET A 85 -10.25 -0.18 -4.08
C MET A 85 -10.76 1.13 -3.47
N ARG A 86 -10.11 2.26 -3.74
CA ARG A 86 -10.53 3.57 -3.21
C ARG A 86 -11.96 3.89 -3.64
N HIS A 87 -12.29 3.70 -4.92
CA HIS A 87 -13.63 3.85 -5.49
C HIS A 87 -14.66 2.89 -4.87
N LEU A 88 -14.31 1.60 -4.72
CA LEU A 88 -15.19 0.58 -4.12
C LEU A 88 -15.52 0.90 -2.65
N LEU A 89 -14.57 1.47 -1.90
CA LEU A 89 -14.78 1.94 -0.53
C LEU A 89 -15.51 3.31 -0.46
N MET A 90 -15.43 4.13 -1.51
CA MET A 90 -16.17 5.40 -1.64
C MET A 90 -17.66 5.21 -1.94
N SER A 91 -18.03 4.10 -2.60
CA SER A 91 -19.43 3.71 -2.84
C SER A 91 -20.19 3.36 -1.55
N GLN A 92 -19.49 3.06 -0.45
CA GLN A 92 -20.10 2.77 0.85
C GLN A 92 -20.64 4.06 1.48
N GLN A 93 -21.95 4.13 1.68
CA GLN A 93 -22.66 5.37 2.06
C GLN A 93 -22.29 5.91 3.46
N THR A 94 -21.77 5.05 4.34
CA THR A 94 -21.17 5.45 5.63
C THR A 94 -19.83 6.19 5.58
N LEU A 95 -19.08 6.01 4.47
CA LEU A 95 -17.71 6.48 4.28
C LEU A 95 -17.49 7.02 2.84
N ARG A 96 -18.31 7.99 2.42
CA ARG A 96 -18.31 8.52 1.04
C ARG A 96 -16.98 9.14 0.61
N ASN A 97 -16.27 9.80 1.54
CA ASN A 97 -14.90 10.27 1.37
C ASN A 97 -13.92 9.23 1.94
N VAL A 98 -12.89 8.87 1.16
CA VAL A 98 -11.87 7.85 1.49
C VAL A 98 -10.47 8.41 1.21
N PRO A 99 -9.49 8.27 2.11
CA PRO A 99 -8.11 8.72 1.90
C PRO A 99 -7.39 7.94 0.78
N PRO A 100 -6.30 8.49 0.20
CA PRO A 100 -5.43 7.74 -0.71
C PRO A 100 -4.89 6.46 -0.06
N ILE A 101 -5.03 5.32 -0.75
CA ILE A 101 -4.55 4.02 -0.29
C ILE A 101 -3.11 3.82 -0.80
N VAL A 102 -2.19 3.44 0.09
CA VAL A 102 -0.77 3.21 -0.20
C VAL A 102 -0.33 1.85 0.32
N PHE A 103 0.03 0.93 -0.58
CA PHE A 103 0.51 -0.41 -0.21
C PHE A 103 2.00 -0.52 0.12
N VAL A 104 2.34 -1.26 1.19
CA VAL A 104 3.68 -1.32 1.79
C VAL A 104 4.11 -2.74 2.15
N GLN A 105 5.35 -3.11 1.85
CA GLN A 105 5.91 -4.40 2.29
C GLN A 105 6.08 -4.41 3.82
N ASP A 106 5.55 -5.43 4.49
CA ASP A 106 5.65 -5.57 5.96
C ASP A 106 7.09 -5.85 6.43
N LYS A 107 7.90 -6.47 5.56
CA LYS A 107 9.31 -6.84 5.75
C LYS A 107 10.29 -5.80 5.19
N GLY A 108 11.51 -5.76 5.72
CA GLY A 108 12.60 -4.91 5.25
C GLY A 108 13.93 -5.15 5.97
N ASN A 109 15.03 -4.69 5.38
CA ASN A 109 16.39 -4.81 5.91
C ASN A 109 17.25 -3.56 5.57
N ALA A 110 18.28 -3.30 6.38
CA ALA A 110 19.27 -2.24 6.14
C ALA A 110 20.24 -2.58 4.98
N ALA A 111 20.87 -1.55 4.41
CA ALA A 111 21.90 -1.65 3.36
C ALA A 111 22.96 -0.56 3.53
N LEU A 112 24.21 -0.88 3.17
CA LEU A 112 25.39 -0.01 3.20
C LEU A 112 26.29 -0.25 1.97
N ALA A 113 27.09 0.76 1.59
CA ALA A 113 28.07 0.69 0.50
C ALA A 113 29.38 1.44 0.85
N GLU A 114 30.43 1.18 0.06
CA GLU A 114 31.81 1.67 0.29
C GLU A 114 32.53 2.12 -1.00
N LEU A 115 31.79 2.33 -2.09
CA LEU A 115 32.31 2.73 -3.40
C LEU A 115 32.94 4.14 -3.43
N ASP A 116 33.82 4.37 -4.41
CA ASP A 116 34.46 5.67 -4.69
C ASP A 116 34.60 5.94 -6.21
N GLN A 117 34.17 7.11 -6.68
CA GLN A 117 34.18 7.48 -8.10
C GLN A 117 35.59 7.88 -8.58
N LEU A 118 36.24 7.00 -9.34
CA LEU A 118 37.57 7.20 -9.92
C LEU A 118 37.68 6.57 -11.33
N LEU A 119 38.40 7.24 -12.24
CA LEU A 119 38.70 6.78 -13.60
C LEU A 119 40.06 7.32 -14.10
N ALA A 120 40.65 6.65 -15.11
CA ALA A 120 41.87 7.12 -15.77
C ALA A 120 41.58 8.32 -16.71
N VAL A 121 42.40 9.36 -16.62
CA VAL A 121 42.34 10.59 -17.44
C VAL A 121 43.73 11.08 -17.85
N ALA A 122 43.90 11.52 -19.10
CA ALA A 122 45.14 12.05 -19.65
C ALA A 122 44.89 13.09 -20.77
N ASP A 123 45.80 14.07 -20.90
CA ASP A 123 45.78 15.09 -21.96
C ASP A 123 46.26 14.61 -23.35
N SER A 124 45.81 15.29 -24.41
CA SER A 124 46.22 15.04 -25.81
C SER A 124 46.14 16.30 -26.67
N GLY A 125 46.90 16.33 -27.77
CA GLY A 125 46.98 17.45 -28.72
C GLY A 125 48.17 17.36 -29.69
N PRO A 126 48.29 18.29 -30.66
CA PRO A 126 49.40 18.36 -31.60
C PRO A 126 50.73 18.75 -30.92
N SER A 127 51.85 18.34 -31.51
CA SER A 127 53.21 18.66 -31.03
C SER A 127 53.55 20.15 -31.13
N SER A 128 54.35 20.66 -30.18
CA SER A 128 54.88 22.02 -30.20
C SER A 128 55.97 22.21 -31.28
N GLY A 129 56.14 23.45 -31.78
CA GLY A 129 57.10 23.82 -32.83
C GLY A 129 57.16 25.33 -33.06
N GLY A 1 -29.72 23.89 30.62
CA GLY A 1 -29.33 23.25 29.34
C GLY A 1 -28.32 22.14 29.53
N SER A 2 -28.15 21.28 28.52
CA SER A 2 -27.18 20.17 28.52
C SER A 2 -25.72 20.67 28.49
N SER A 3 -24.81 19.89 29.09
CA SER A 3 -23.37 20.16 29.16
C SER A 3 -22.56 18.86 29.31
N GLY A 4 -21.30 18.85 28.85
CA GLY A 4 -20.42 17.67 28.88
C GLY A 4 -20.82 16.53 27.93
N SER A 5 -21.63 16.83 26.91
CA SER A 5 -22.20 15.86 25.96
C SER A 5 -21.20 15.23 24.97
N SER A 6 -19.99 15.81 24.84
CA SER A 6 -18.90 15.31 23.99
C SER A 6 -17.52 15.75 24.50
N GLY A 7 -16.45 15.15 23.96
CA GLY A 7 -15.06 15.51 24.24
C GLY A 7 -14.10 15.13 23.12
N ARG A 8 -13.01 15.88 23.02
CA ARG A 8 -12.06 15.88 21.90
C ARG A 8 -11.19 14.62 21.79
N LYS A 9 -11.08 13.84 22.87
CA LYS A 9 -10.42 12.52 22.90
C LYS A 9 -11.03 11.52 21.90
N GLU A 10 -12.31 11.66 21.56
CA GLU A 10 -12.99 10.85 20.55
C GLU A 10 -12.39 10.99 19.13
N ASP A 11 -11.65 12.05 18.82
CA ASP A 11 -10.93 12.15 17.54
C ASP A 11 -9.95 10.98 17.28
N HIS A 12 -9.24 10.54 18.32
CA HIS A 12 -8.40 9.33 18.28
C HIS A 12 -9.24 8.05 18.17
N ALA A 13 -10.37 7.97 18.88
CA ALA A 13 -11.29 6.84 18.81
C ALA A 13 -11.89 6.66 17.40
N ARG A 14 -12.23 7.76 16.72
CA ARG A 14 -12.70 7.77 15.32
C ARG A 14 -11.61 7.36 14.34
N LEU A 15 -10.39 7.89 14.46
CA LEU A 15 -9.22 7.46 13.66
C LEU A 15 -8.94 5.96 13.83
N ARG A 16 -8.95 5.47 15.07
CA ARG A 16 -8.70 4.07 15.45
C ARG A 16 -9.75 3.11 14.86
N ALA A 17 -11.04 3.47 14.97
CA ALA A 17 -12.15 2.70 14.41
C ALA A 17 -12.11 2.68 12.87
N LEU A 18 -11.88 3.84 12.24
CA LEU A 18 -11.81 3.98 10.78
C LEU A 18 -10.60 3.25 10.20
N ASN A 19 -9.46 3.26 10.88
CA ASN A 19 -8.29 2.46 10.53
C ASN A 19 -8.54 0.94 10.62
N GLY A 20 -9.28 0.49 11.65
CA GLY A 20 -9.72 -0.91 11.78
C GLY A 20 -10.70 -1.34 10.68
N LEU A 21 -11.66 -0.47 10.34
CA LEU A 21 -12.57 -0.66 9.21
C LEU A 21 -11.82 -0.72 7.87
N LEU A 22 -10.84 0.16 7.65
CA LEU A 22 -9.96 0.10 6.48
C LEU A 22 -9.19 -1.22 6.41
N TYR A 23 -8.63 -1.72 7.53
CA TYR A 23 -7.97 -3.03 7.53
C TYR A 23 -8.88 -4.19 7.12
N LYS A 24 -10.06 -4.28 7.76
CA LYS A 24 -11.02 -5.35 7.49
C LYS A 24 -11.56 -5.27 6.07
N ALA A 25 -11.97 -4.09 5.61
CA ALA A 25 -12.55 -3.88 4.30
C ALA A 25 -11.54 -4.04 3.14
N LEU A 26 -10.31 -3.55 3.28
CA LEU A 26 -9.24 -3.79 2.29
C LEU A 26 -8.92 -5.30 2.23
N THR A 27 -8.74 -5.97 3.38
CA THR A 27 -8.52 -7.43 3.43
C THR A 27 -9.66 -8.22 2.79
N ASP A 28 -10.91 -7.80 2.97
CA ASP A 28 -12.06 -8.35 2.27
C ASP A 28 -12.03 -8.19 0.73
N LEU A 29 -11.55 -7.04 0.22
CA LEU A 29 -11.32 -6.83 -1.22
C LEU A 29 -10.16 -7.69 -1.76
N LEU A 30 -9.04 -7.82 -1.03
CA LEU A 30 -7.97 -8.78 -1.38
C LEU A 30 -8.53 -10.23 -1.46
N CYS A 31 -9.55 -10.55 -0.65
CA CYS A 31 -10.26 -11.82 -0.67
C CYS A 31 -11.39 -11.95 -1.72
N THR A 32 -11.50 -11.05 -2.71
CA THR A 32 -12.52 -11.12 -3.78
C THR A 32 -11.88 -10.91 -5.16
N PRO A 33 -12.36 -11.62 -6.21
CA PRO A 33 -12.01 -11.32 -7.61
C PRO A 33 -12.48 -9.94 -8.09
N GLU A 34 -13.40 -9.28 -7.37
CA GLU A 34 -14.05 -8.03 -7.77
C GLU A 34 -13.09 -6.83 -7.90
N VAL A 35 -12.00 -6.81 -7.12
CA VAL A 35 -10.89 -5.86 -7.32
C VAL A 35 -9.97 -6.28 -8.47
N SER A 36 -9.53 -7.54 -8.46
CA SER A 36 -8.75 -8.18 -9.52
C SER A 36 -8.76 -9.70 -9.36
N GLN A 37 -9.07 -10.42 -10.45
CA GLN A 37 -9.03 -11.88 -10.48
C GLN A 37 -7.62 -12.42 -10.22
N GLU A 38 -6.61 -11.74 -10.78
CA GLU A 38 -5.20 -12.08 -10.57
C GLU A 38 -4.75 -11.81 -9.13
N LEU A 39 -5.16 -10.70 -8.51
CA LEU A 39 -4.84 -10.40 -7.11
C LEU A 39 -5.47 -11.43 -6.16
N TYR A 40 -6.70 -11.86 -6.45
CA TYR A 40 -7.36 -12.97 -5.74
C TYR A 40 -6.66 -14.32 -5.89
N ASP A 41 -6.20 -14.65 -7.10
CA ASP A 41 -5.38 -15.84 -7.38
C ASP A 41 -3.99 -15.86 -6.74
N LEU A 42 -3.32 -14.70 -6.66
CA LEU A 42 -2.08 -14.49 -5.88
C LEU A 42 -2.33 -14.59 -4.37
N ASN A 43 -3.57 -14.34 -3.94
CA ASN A 43 -4.11 -14.57 -2.58
C ASN A 43 -3.27 -13.87 -1.47
N VAL A 44 -2.90 -12.61 -1.74
CA VAL A 44 -2.21 -11.71 -0.81
C VAL A 44 -3.06 -11.47 0.46
N GLU A 45 -2.38 -11.16 1.58
CA GLU A 45 -2.97 -10.92 2.90
C GLU A 45 -2.31 -9.71 3.60
N LEU A 46 -3.11 -8.81 4.15
CA LEU A 46 -2.62 -7.68 4.96
C LEU A 46 -2.14 -8.12 6.35
N SER A 47 -1.04 -7.51 6.80
CA SER A 47 -0.51 -7.66 8.17
C SER A 47 -1.03 -6.56 9.12
N LYS A 48 -1.16 -5.32 8.62
CA LYS A 48 -1.69 -4.15 9.34
C LYS A 48 -2.04 -2.99 8.39
N VAL A 49 -2.81 -2.02 8.87
CA VAL A 49 -3.03 -0.71 8.21
C VAL A 49 -2.72 0.40 9.22
N SER A 50 -2.05 1.46 8.76
CA SER A 50 -1.77 2.68 9.51
C SER A 50 -2.37 3.90 8.80
N LEU A 51 -3.15 4.70 9.53
CA LEU A 51 -3.85 5.89 9.03
C LEU A 51 -3.26 7.18 9.61
N THR A 52 -3.09 8.21 8.78
CA THR A 52 -2.57 9.52 9.23
C THR A 52 -3.63 10.23 10.08
N PRO A 53 -3.21 10.94 11.15
CA PRO A 53 -4.11 11.77 11.96
C PRO A 53 -4.71 12.95 11.17
N ASP A 54 -4.00 13.43 10.14
CA ASP A 54 -4.44 14.46 9.19
C ASP A 54 -5.41 14.00 8.08
N PHE A 55 -5.79 12.71 8.07
CA PHE A 55 -6.61 12.09 7.02
C PHE A 55 -6.05 12.10 5.57
N SER A 56 -4.74 12.34 5.42
CA SER A 56 -4.05 12.54 4.15
C SER A 56 -3.55 11.27 3.46
N ALA A 57 -3.35 10.15 4.18
CA ALA A 57 -2.93 8.87 3.60
C ALA A 57 -3.27 7.63 4.46
N CYS A 58 -3.62 6.52 3.80
CA CYS A 58 -3.77 5.19 4.38
C CYS A 58 -2.65 4.26 3.89
N ARG A 59 -1.74 3.88 4.79
CA ARG A 59 -0.64 2.94 4.51
C ARG A 59 -1.06 1.51 4.85
N ALA A 60 -1.15 0.64 3.86
CA ALA A 60 -1.59 -0.75 4.01
C ALA A 60 -0.40 -1.72 3.83
N TYR A 61 -0.11 -2.52 4.86
CA TYR A 61 1.04 -3.41 4.91
C TYR A 61 0.65 -4.86 4.58
N TRP A 62 1.44 -5.56 3.75
CA TRP A 62 1.08 -6.89 3.27
C TRP A 62 2.22 -7.91 3.39
N LYS A 63 1.86 -9.17 3.65
CA LYS A 63 2.77 -10.27 4.00
C LYS A 63 3.52 -10.77 2.76
N THR A 64 4.86 -10.77 2.82
CA THR A 64 5.76 -10.98 1.67
C THR A 64 6.34 -12.41 1.71
N THR A 65 6.71 -12.92 0.54
CA THR A 65 7.46 -14.18 0.37
C THR A 65 8.98 -13.95 0.42
N LEU A 66 9.76 -15.03 0.40
CA LEU A 66 11.23 -15.01 0.32
C LEU A 66 11.74 -14.63 -1.09
N SER A 67 10.93 -14.83 -2.13
CA SER A 67 11.29 -14.56 -3.53
C SER A 67 11.02 -13.10 -3.95
N ALA A 68 12.08 -12.32 -4.15
CA ALA A 68 11.96 -10.88 -4.44
C ALA A 68 11.28 -10.57 -5.79
N GLU A 69 11.42 -11.43 -6.80
CA GLU A 69 10.73 -11.29 -8.09
C GLU A 69 9.19 -11.45 -7.93
N GLN A 70 8.76 -12.41 -7.12
CA GLN A 70 7.34 -12.59 -6.77
C GLN A 70 6.82 -11.43 -5.93
N ASN A 71 7.62 -10.92 -4.96
CA ASN A 71 7.28 -9.73 -4.20
C ASN A 71 7.09 -8.48 -5.09
N ALA A 72 7.97 -8.28 -6.08
CA ALA A 72 7.86 -7.18 -7.05
C ALA A 72 6.61 -7.31 -7.95
N HIS A 73 6.27 -8.52 -8.39
CA HIS A 73 5.04 -8.78 -9.13
C HIS A 73 3.79 -8.45 -8.31
N MET A 74 3.71 -8.97 -7.07
CA MET A 74 2.61 -8.70 -6.15
C MET A 74 2.50 -7.22 -5.76
N GLU A 75 3.63 -6.51 -5.56
CA GLU A 75 3.65 -5.07 -5.28
C GLU A 75 2.97 -4.26 -6.38
N ALA A 76 3.34 -4.51 -7.65
CA ALA A 76 2.86 -3.73 -8.78
C ALA A 76 1.36 -3.94 -9.06
N VAL A 77 0.87 -5.19 -9.01
CA VAL A 77 -0.58 -5.49 -9.14
C VAL A 77 -1.40 -4.94 -7.97
N LEU A 78 -0.89 -5.02 -6.74
CA LEU A 78 -1.58 -4.49 -5.56
C LEU A 78 -1.65 -2.96 -5.56
N GLN A 79 -0.56 -2.28 -5.96
CA GLN A 79 -0.51 -0.82 -6.13
C GLN A 79 -1.45 -0.30 -7.22
N ARG A 80 -1.49 -0.93 -8.42
CA ARG A 80 -2.41 -0.50 -9.49
C ARG A 80 -3.89 -0.80 -9.17
N SER A 81 -4.13 -1.80 -8.31
CA SER A 81 -5.48 -2.11 -7.78
C SER A 81 -6.01 -1.06 -6.78
N ALA A 82 -5.13 -0.27 -6.16
CA ALA A 82 -5.46 0.62 -5.02
C ALA A 82 -6.49 1.73 -5.35
N ALA A 83 -6.46 2.31 -6.54
CA ALA A 83 -7.42 3.35 -6.95
C ALA A 83 -8.86 2.80 -7.07
N HIS A 84 -9.00 1.60 -7.63
CA HIS A 84 -10.25 0.83 -7.67
C HIS A 84 -10.70 0.38 -6.28
N MET A 85 -9.77 -0.06 -5.41
CA MET A 85 -10.10 -0.30 -3.98
C MET A 85 -10.67 0.95 -3.31
N ARG A 86 -10.10 2.15 -3.56
CA ARG A 86 -10.60 3.39 -2.95
C ARG A 86 -12.07 3.64 -3.33
N HIS A 87 -12.40 3.51 -4.62
CA HIS A 87 -13.76 3.59 -5.16
C HIS A 87 -14.72 2.55 -4.57
N LEU A 88 -14.29 1.29 -4.47
CA LEU A 88 -15.06 0.18 -3.87
C LEU A 88 -15.38 0.42 -2.39
N LEU A 89 -14.48 1.07 -1.63
CA LEU A 89 -14.71 1.46 -0.24
C LEU A 89 -15.48 2.79 -0.08
N MET A 90 -15.47 3.68 -1.06
CA MET A 90 -16.13 4.99 -1.02
C MET A 90 -17.67 4.93 -1.07
N SER A 91 -18.23 3.85 -1.64
CA SER A 91 -19.67 3.59 -1.66
C SER A 91 -20.21 3.04 -0.32
N GLN A 92 -19.34 2.57 0.58
CA GLN A 92 -19.72 1.98 1.86
C GLN A 92 -20.06 3.07 2.90
N GLN A 93 -21.18 2.94 3.60
CA GLN A 93 -21.63 3.91 4.62
C GLN A 93 -20.71 3.98 5.85
N THR A 94 -19.94 2.93 6.12
CA THR A 94 -18.91 2.85 7.17
C THR A 94 -17.66 3.65 6.82
N LEU A 95 -17.44 3.99 5.53
CA LEU A 95 -16.26 4.66 4.99
C LEU A 95 -16.68 5.78 4.01
N ARG A 96 -17.53 6.70 4.50
CA ARG A 96 -18.14 7.81 3.73
C ARG A 96 -17.14 8.69 2.97
N ASN A 97 -15.94 8.88 3.53
CA ASN A 97 -14.78 9.51 2.89
C ASN A 97 -13.54 8.61 3.06
N VAL A 98 -12.73 8.48 2.00
CA VAL A 98 -11.60 7.53 1.94
C VAL A 98 -10.28 8.20 1.50
N PRO A 99 -9.21 8.13 2.31
CA PRO A 99 -7.88 8.66 1.95
C PRO A 99 -7.23 7.86 0.81
N PRO A 100 -6.21 8.41 0.12
CA PRO A 100 -5.43 7.64 -0.85
C PRO A 100 -4.75 6.43 -0.18
N ILE A 101 -4.89 5.26 -0.83
CA ILE A 101 -4.36 3.98 -0.35
C ILE A 101 -2.95 3.79 -0.93
N VAL A 102 -1.99 3.48 -0.07
CA VAL A 102 -0.58 3.26 -0.41
C VAL A 102 -0.10 1.93 0.16
N PHE A 103 0.29 1.00 -0.72
CA PHE A 103 0.79 -0.32 -0.30
C PHE A 103 2.25 -0.39 0.13
N VAL A 104 2.51 -1.11 1.23
CA VAL A 104 3.82 -1.18 1.90
C VAL A 104 4.29 -2.63 2.11
N GLN A 105 5.49 -2.94 1.62
CA GLN A 105 6.08 -4.27 1.73
C GLN A 105 6.59 -4.52 3.17
N ASP A 106 6.18 -5.64 3.76
CA ASP A 106 6.63 -6.07 5.10
C ASP A 106 8.16 -6.23 5.24
N LYS A 107 8.81 -6.80 4.22
CA LYS A 107 10.27 -6.85 4.05
C LYS A 107 10.69 -6.31 2.66
N GLY A 108 11.79 -5.58 2.62
CA GLY A 108 12.42 -5.05 1.40
C GLY A 108 13.94 -4.91 1.52
N ASN A 109 14.59 -4.36 0.48
CA ASN A 109 16.04 -4.14 0.39
C ASN A 109 16.36 -2.77 -0.27
N ALA A 110 17.55 -2.23 -0.01
CA ALA A 110 18.09 -1.04 -0.66
C ALA A 110 19.61 -1.17 -0.94
N ALA A 111 20.05 -0.66 -2.09
CA ALA A 111 21.44 -0.65 -2.54
C ALA A 111 21.70 0.51 -3.53
N LEU A 112 22.98 0.88 -3.69
CA LEU A 112 23.49 1.84 -4.67
C LEU A 112 24.77 1.31 -5.34
N ALA A 113 24.95 1.60 -6.64
CA ALA A 113 26.15 1.24 -7.41
C ALA A 113 27.31 2.23 -7.26
N GLU A 114 28.48 1.84 -7.78
CA GLU A 114 29.77 2.54 -7.56
C GLU A 114 30.54 2.86 -8.86
N LEU A 115 29.91 2.65 -10.02
CA LEU A 115 30.50 2.84 -11.35
C LEU A 115 30.60 4.33 -11.72
N ASP A 116 31.71 4.71 -12.34
CA ASP A 116 31.94 6.02 -12.98
C ASP A 116 31.46 6.11 -14.45
N GLN A 117 31.22 7.34 -14.94
CA GLN A 117 30.88 7.59 -16.34
C GLN A 117 32.07 7.35 -17.27
N LEU A 118 31.83 6.64 -18.39
CA LEU A 118 32.85 6.34 -19.41
C LEU A 118 33.07 7.52 -20.38
N LEU A 119 34.30 7.65 -20.88
CA LEU A 119 34.74 8.65 -21.87
C LEU A 119 35.70 8.03 -22.89
N ALA A 120 35.74 8.60 -24.10
CA ALA A 120 36.66 8.17 -25.16
C ALA A 120 38.13 8.50 -24.84
N VAL A 121 39.05 7.59 -25.18
CA VAL A 121 40.51 7.71 -24.96
C VAL A 121 41.25 8.57 -26.00
N ALA A 122 40.67 9.72 -26.34
CA ALA A 122 41.20 10.65 -27.34
C ALA A 122 42.46 11.41 -26.85
N ASP A 123 43.33 11.79 -27.79
CA ASP A 123 44.57 12.55 -27.52
C ASP A 123 44.40 14.05 -27.19
N SER A 124 43.19 14.59 -27.32
CA SER A 124 42.79 15.97 -26.96
C SER A 124 43.64 17.05 -27.64
N GLY A 125 43.83 16.93 -28.96
CA GLY A 125 44.58 17.88 -29.80
C GLY A 125 46.09 17.87 -29.53
N PRO A 126 46.80 16.76 -29.82
CA PRO A 126 48.24 16.62 -29.56
C PRO A 126 49.09 17.55 -30.45
N SER A 127 50.29 17.92 -29.97
CA SER A 127 51.25 18.74 -30.73
C SER A 127 51.73 18.02 -31.99
N SER A 128 51.77 18.73 -33.12
CA SER A 128 52.09 18.19 -34.47
C SER A 128 51.20 17.03 -34.94
N GLY A 129 49.97 16.91 -34.39
CA GLY A 129 48.96 15.89 -34.76
C GLY A 129 48.42 16.05 -36.19
N GLY A 1 -30.80 14.71 29.73
CA GLY A 1 -30.54 14.59 28.28
C GLY A 1 -29.24 13.85 28.00
N SER A 2 -28.78 13.90 26.74
CA SER A 2 -27.55 13.25 26.25
C SER A 2 -26.94 13.96 25.03
N SER A 3 -25.67 13.66 24.74
CA SER A 3 -24.92 14.21 23.60
C SER A 3 -23.80 13.24 23.17
N GLY A 4 -23.27 13.39 21.94
CA GLY A 4 -22.22 12.54 21.38
C GLY A 4 -20.86 12.71 22.11
N SER A 5 -20.22 11.59 22.44
CA SER A 5 -18.96 11.55 23.21
C SER A 5 -17.77 12.09 22.40
N SER A 6 -16.93 12.93 23.02
CA SER A 6 -15.73 13.52 22.43
C SER A 6 -14.67 13.87 23.49
N GLY A 7 -13.39 13.82 23.11
CA GLY A 7 -12.24 14.15 23.96
C GLY A 7 -10.89 13.82 23.29
N ARG A 8 -9.78 14.33 23.84
CA ARG A 8 -8.43 14.18 23.26
C ARG A 8 -7.95 12.73 23.12
N LYS A 9 -8.30 11.87 24.09
CA LYS A 9 -8.07 10.41 24.03
C LYS A 9 -9.04 9.70 23.09
N GLU A 10 -10.30 10.14 23.06
CA GLU A 10 -11.35 9.57 22.20
C GLU A 10 -11.12 9.85 20.71
N ASP A 11 -10.45 10.95 20.36
CA ASP A 11 -9.99 11.21 18.99
C ASP A 11 -9.00 10.16 18.43
N HIS A 12 -8.09 9.65 19.28
CA HIS A 12 -7.23 8.52 18.95
C HIS A 12 -8.04 7.21 18.83
N ALA A 13 -9.01 6.98 19.71
CA ALA A 13 -9.92 5.83 19.61
C ALA A 13 -10.78 5.86 18.32
N ARG A 14 -11.23 7.05 17.89
CA ARG A 14 -11.93 7.28 16.61
C ARG A 14 -11.04 7.00 15.39
N LEU A 15 -9.79 7.47 15.40
CA LEU A 15 -8.79 7.12 14.38
C LEU A 15 -8.55 5.60 14.34
N ARG A 16 -8.40 4.93 15.49
CA ARG A 16 -8.23 3.48 15.60
C ARG A 16 -9.42 2.70 15.08
N ALA A 17 -10.65 3.14 15.38
CA ALA A 17 -11.88 2.52 14.89
C ALA A 17 -12.01 2.62 13.36
N LEU A 18 -11.76 3.80 12.78
CA LEU A 18 -11.79 4.02 11.33
C LEU A 18 -10.69 3.20 10.62
N ASN A 19 -9.49 3.17 11.20
CA ASN A 19 -8.37 2.37 10.73
C ASN A 19 -8.67 0.85 10.75
N GLY A 20 -9.37 0.36 11.78
CA GLY A 20 -9.82 -1.04 11.88
C GLY A 20 -10.91 -1.39 10.86
N LEU A 21 -11.86 -0.48 10.61
CA LEU A 21 -12.86 -0.61 9.55
C LEU A 21 -12.20 -0.63 8.16
N LEU A 22 -11.23 0.24 7.90
CA LEU A 22 -10.41 0.23 6.68
C LEU A 22 -9.62 -1.09 6.55
N TYR A 23 -9.03 -1.62 7.63
CA TYR A 23 -8.35 -2.92 7.58
C TYR A 23 -9.25 -4.07 7.13
N LYS A 24 -10.43 -4.19 7.77
CA LYS A 24 -11.44 -5.21 7.44
C LYS A 24 -11.96 -5.05 6.01
N ALA A 25 -12.30 -3.83 5.60
CA ALA A 25 -12.88 -3.55 4.29
C ALA A 25 -11.86 -3.73 3.14
N LEU A 26 -10.61 -3.26 3.30
CA LEU A 26 -9.54 -3.49 2.32
C LEU A 26 -9.23 -4.99 2.20
N THR A 27 -9.05 -5.69 3.32
CA THR A 27 -8.83 -7.15 3.34
C THR A 27 -9.98 -7.95 2.69
N ASP A 28 -11.23 -7.52 2.87
CA ASP A 28 -12.37 -8.06 2.14
C ASP A 28 -12.32 -7.90 0.61
N LEU A 29 -11.78 -6.79 0.10
CA LEU A 29 -11.53 -6.59 -1.33
C LEU A 29 -10.37 -7.45 -1.86
N LEU A 30 -9.29 -7.64 -1.10
CA LEU A 30 -8.24 -8.63 -1.44
C LEU A 30 -8.83 -10.05 -1.52
N CYS A 31 -9.84 -10.35 -0.70
CA CYS A 31 -10.58 -11.61 -0.68
C CYS A 31 -11.68 -11.75 -1.76
N THR A 32 -11.74 -10.89 -2.78
CA THR A 32 -12.73 -10.96 -3.87
C THR A 32 -12.04 -10.76 -5.23
N PRO A 33 -12.49 -11.45 -6.30
CA PRO A 33 -12.05 -11.17 -7.68
C PRO A 33 -12.60 -9.84 -8.24
N GLU A 34 -13.54 -9.18 -7.54
CA GLU A 34 -14.18 -7.92 -7.95
C GLU A 34 -13.18 -6.75 -8.09
N VAL A 35 -12.09 -6.75 -7.32
CA VAL A 35 -10.97 -5.82 -7.51
C VAL A 35 -10.03 -6.26 -8.65
N SER A 36 -9.61 -7.53 -8.63
CA SER A 36 -8.77 -8.16 -9.65
C SER A 36 -8.79 -9.69 -9.53
N GLN A 37 -9.00 -10.38 -10.66
CA GLN A 37 -8.93 -11.85 -10.75
C GLN A 37 -7.55 -12.38 -10.35
N GLU A 38 -6.49 -11.74 -10.87
CA GLU A 38 -5.10 -12.09 -10.56
C GLU A 38 -4.76 -11.87 -9.08
N LEU A 39 -5.19 -10.74 -8.50
CA LEU A 39 -4.95 -10.45 -7.07
C LEU A 39 -5.65 -11.46 -6.15
N TYR A 40 -6.88 -11.83 -6.49
CA TYR A 40 -7.63 -12.88 -5.81
C TYR A 40 -6.99 -14.27 -5.91
N ASP A 41 -6.54 -14.67 -7.10
CA ASP A 41 -5.78 -15.90 -7.33
C ASP A 41 -4.42 -15.99 -6.61
N LEU A 42 -3.71 -14.87 -6.47
CA LEU A 42 -2.48 -14.76 -5.67
C LEU A 42 -2.72 -14.94 -4.16
N ASN A 43 -3.98 -14.85 -3.69
CA ASN A 43 -4.38 -15.06 -2.29
C ASN A 43 -3.61 -14.18 -1.27
N VAL A 44 -3.26 -12.94 -1.68
CA VAL A 44 -2.63 -11.94 -0.80
C VAL A 44 -3.55 -11.56 0.37
N GLU A 45 -2.95 -11.21 1.51
CA GLU A 45 -3.66 -10.81 2.73
C GLU A 45 -2.86 -9.73 3.51
N LEU A 46 -3.55 -8.67 3.95
CA LEU A 46 -2.96 -7.62 4.80
C LEU A 46 -2.68 -8.12 6.24
N SER A 47 -1.56 -7.67 6.80
CA SER A 47 -1.17 -7.92 8.20
C SER A 47 -1.39 -6.70 9.10
N LYS A 48 -1.42 -5.48 8.53
CA LYS A 48 -1.61 -4.20 9.24
C LYS A 48 -2.10 -3.11 8.28
N VAL A 49 -2.81 -2.11 8.79
CA VAL A 49 -3.15 -0.86 8.10
C VAL A 49 -2.89 0.29 9.08
N SER A 50 -2.35 1.40 8.57
CA SER A 50 -2.05 2.63 9.33
C SER A 50 -2.54 3.86 8.56
N LEU A 51 -3.67 4.40 9.00
CA LEU A 51 -4.22 5.69 8.60
C LEU A 51 -3.49 6.83 9.31
N THR A 52 -3.08 7.87 8.58
CA THR A 52 -2.35 9.00 9.18
C THR A 52 -3.26 9.89 10.05
N PRO A 53 -2.73 10.47 11.13
CA PRO A 53 -3.48 11.32 12.08
C PRO A 53 -4.02 12.62 11.47
N ASP A 54 -3.39 13.12 10.41
CA ASP A 54 -3.84 14.28 9.61
C ASP A 54 -4.89 13.92 8.53
N PHE A 55 -5.32 12.65 8.48
CA PHE A 55 -6.20 12.07 7.47
C PHE A 55 -5.68 12.01 6.01
N SER A 56 -4.39 12.35 5.79
CA SER A 56 -3.79 12.50 4.47
C SER A 56 -3.67 11.20 3.67
N ALA A 57 -3.31 10.06 4.29
CA ALA A 57 -3.10 8.79 3.59
C ALA A 57 -3.41 7.55 4.43
N CYS A 58 -3.89 6.49 3.78
CA CYS A 58 -4.07 5.16 4.36
C CYS A 58 -2.97 4.21 3.85
N ARG A 59 -2.02 3.86 4.72
CA ARG A 59 -0.97 2.86 4.41
C ARG A 59 -1.45 1.45 4.73
N ALA A 60 -1.18 0.49 3.84
CA ALA A 60 -1.65 -0.89 3.96
C ALA A 60 -0.52 -1.91 3.76
N TYR A 61 -0.26 -2.72 4.79
CA TYR A 61 0.90 -3.60 4.91
C TYR A 61 0.60 -5.08 4.58
N TRP A 62 1.41 -5.70 3.72
CA TRP A 62 1.18 -7.08 3.24
C TRP A 62 2.45 -7.93 3.27
N LYS A 63 2.27 -9.25 3.50
CA LYS A 63 3.35 -10.22 3.78
C LYS A 63 4.17 -10.62 2.55
N THR A 64 5.49 -10.75 2.74
CA THR A 64 6.50 -10.95 1.69
C THR A 64 7.24 -12.29 1.75
N THR A 65 7.97 -12.63 0.68
CA THR A 65 8.85 -13.80 0.56
C THR A 65 10.31 -13.40 0.26
N LEU A 66 11.25 -14.36 0.30
CA LEU A 66 12.66 -14.15 -0.04
C LEU A 66 12.87 -13.90 -1.54
N SER A 67 11.93 -14.32 -2.39
CA SER A 67 11.97 -14.12 -3.85
C SER A 67 11.48 -12.72 -4.24
N ALA A 68 12.40 -11.80 -4.52
CA ALA A 68 12.07 -10.41 -4.84
C ALA A 68 11.27 -10.25 -6.15
N GLU A 69 11.39 -11.18 -7.11
CA GLU A 69 10.56 -11.21 -8.32
C GLU A 69 9.08 -11.50 -8.00
N GLN A 70 8.82 -12.43 -7.07
CA GLN A 70 7.46 -12.73 -6.59
C GLN A 70 6.87 -11.56 -5.78
N ASN A 71 7.70 -10.88 -4.98
CA ASN A 71 7.31 -9.65 -4.28
C ASN A 71 6.95 -8.53 -5.26
N ALA A 72 7.76 -8.30 -6.30
CA ALA A 72 7.50 -7.27 -7.30
C ALA A 72 6.25 -7.55 -8.13
N HIS A 73 5.98 -8.82 -8.47
CA HIS A 73 4.74 -9.23 -9.16
C HIS A 73 3.50 -8.93 -8.32
N MET A 74 3.48 -9.35 -7.05
CA MET A 74 2.37 -9.04 -6.14
C MET A 74 2.24 -7.53 -5.87
N GLU A 75 3.35 -6.80 -5.74
CA GLU A 75 3.30 -5.35 -5.56
C GLU A 75 2.68 -4.65 -6.77
N ALA A 76 3.12 -4.97 -7.99
CA ALA A 76 2.66 -4.26 -9.20
C ALA A 76 1.15 -4.44 -9.46
N VAL A 77 0.58 -5.60 -9.16
CA VAL A 77 -0.87 -5.83 -9.18
C VAL A 77 -1.62 -5.17 -8.00
N LEU A 78 -1.07 -5.22 -6.78
CA LEU A 78 -1.71 -4.63 -5.59
C LEU A 78 -1.71 -3.09 -5.62
N GLN A 79 -0.62 -2.46 -6.04
CA GLN A 79 -0.49 -1.01 -6.20
C GLN A 79 -1.45 -0.44 -7.26
N ARG A 80 -1.59 -1.10 -8.42
CA ARG A 80 -2.54 -0.67 -9.47
C ARG A 80 -4.00 -0.92 -9.08
N SER A 81 -4.25 -1.92 -8.23
CA SER A 81 -5.59 -2.19 -7.68
C SER A 81 -6.10 -1.10 -6.72
N ALA A 82 -5.20 -0.30 -6.13
CA ALA A 82 -5.49 0.64 -5.04
C ALA A 82 -6.53 1.73 -5.39
N ALA A 83 -6.48 2.30 -6.60
CA ALA A 83 -7.44 3.34 -7.01
C ALA A 83 -8.87 2.81 -7.15
N HIS A 84 -9.02 1.60 -7.70
CA HIS A 84 -10.27 0.86 -7.78
C HIS A 84 -10.76 0.42 -6.39
N MET A 85 -9.86 -0.03 -5.49
CA MET A 85 -10.22 -0.25 -4.08
C MET A 85 -10.76 1.03 -3.42
N ARG A 86 -10.14 2.19 -3.67
CA ARG A 86 -10.61 3.47 -3.09
C ARG A 86 -12.06 3.75 -3.53
N HIS A 87 -12.36 3.61 -4.82
CA HIS A 87 -13.70 3.76 -5.40
C HIS A 87 -14.73 2.75 -4.85
N LEU A 88 -14.34 1.48 -4.68
CA LEU A 88 -15.19 0.44 -4.10
C LEU A 88 -15.55 0.75 -2.63
N LEU A 89 -14.63 1.32 -1.86
CA LEU A 89 -14.89 1.78 -0.49
C LEU A 89 -15.65 3.11 -0.43
N MET A 90 -15.55 3.96 -1.45
CA MET A 90 -16.31 5.22 -1.59
C MET A 90 -17.78 4.99 -1.99
N SER A 91 -18.09 3.83 -2.58
CA SER A 91 -19.46 3.40 -2.89
C SER A 91 -20.29 3.10 -1.62
N GLN A 92 -19.63 2.77 -0.49
CA GLN A 92 -20.25 2.66 0.82
C GLN A 92 -20.66 4.06 1.32
N GLN A 93 -21.95 4.30 1.55
CA GLN A 93 -22.49 5.65 1.79
C GLN A 93 -22.07 6.26 3.15
N THR A 94 -21.62 5.46 4.10
CA THR A 94 -21.05 5.89 5.40
C THR A 94 -19.65 6.47 5.17
N LEU A 95 -18.86 5.93 4.22
CA LEU A 95 -17.54 6.42 3.82
C LEU A 95 -17.70 7.57 2.80
N ARG A 96 -18.21 8.72 3.27
CA ARG A 96 -18.49 9.94 2.46
C ARG A 96 -17.26 10.44 1.68
N ASN A 97 -16.07 10.23 2.23
CA ASN A 97 -14.77 10.40 1.57
C ASN A 97 -13.82 9.28 2.04
N VAL A 98 -12.85 8.90 1.19
CA VAL A 98 -11.83 7.88 1.46
C VAL A 98 -10.44 8.42 1.04
N PRO A 99 -9.43 8.43 1.93
CA PRO A 99 -8.09 8.91 1.61
C PRO A 99 -7.35 7.99 0.60
N PRO A 100 -6.30 8.48 -0.08
CA PRO A 100 -5.48 7.66 -0.98
C PRO A 100 -4.89 6.44 -0.25
N ILE A 101 -5.01 5.28 -0.89
CA ILE A 101 -4.49 4.00 -0.40
C ILE A 101 -3.08 3.80 -0.95
N VAL A 102 -2.14 3.44 -0.06
CA VAL A 102 -0.71 3.22 -0.36
C VAL A 102 -0.27 1.86 0.15
N PHE A 103 0.11 0.95 -0.75
CA PHE A 103 0.58 -0.38 -0.36
C PHE A 103 2.06 -0.44 0.07
N VAL A 104 2.34 -1.19 1.14
CA VAL A 104 3.64 -1.24 1.82
C VAL A 104 4.09 -2.67 2.09
N GLN A 105 5.33 -3.00 1.73
CA GLN A 105 5.89 -4.34 1.91
C GLN A 105 6.33 -4.58 3.38
N ASP A 106 5.81 -5.62 4.03
CA ASP A 106 6.33 -6.10 5.31
C ASP A 106 7.56 -7.00 5.05
N LYS A 107 8.64 -6.37 4.57
CA LYS A 107 9.84 -7.02 4.04
C LYS A 107 10.58 -7.88 5.07
N GLY A 108 10.75 -9.17 4.75
CA GLY A 108 11.60 -10.11 5.46
C GLY A 108 13.04 -10.13 4.90
N ASN A 109 13.72 -11.28 5.04
CA ASN A 109 14.98 -11.55 4.35
C ASN A 109 14.76 -11.65 2.82
N ALA A 110 15.84 -11.58 2.03
CA ALA A 110 15.80 -11.64 0.57
C ALA A 110 16.96 -12.46 -0.03
N ALA A 111 16.78 -12.98 -1.25
CA ALA A 111 17.78 -13.68 -2.04
C ALA A 111 18.85 -12.74 -2.65
N LEU A 112 19.59 -12.03 -1.79
CA LEU A 112 20.60 -11.03 -2.15
C LEU A 112 21.84 -11.64 -2.83
N ALA A 113 22.53 -10.83 -3.64
CA ALA A 113 23.77 -11.20 -4.34
C ALA A 113 25.01 -11.24 -3.42
N GLU A 114 26.16 -11.60 -3.99
CA GLU A 114 27.44 -11.82 -3.31
C GLU A 114 28.57 -11.16 -4.12
N LEU A 115 29.11 -10.07 -3.60
CA LEU A 115 30.14 -9.22 -4.25
C LEU A 115 31.56 -9.82 -4.19
N ASP A 116 31.81 -10.81 -3.32
CA ASP A 116 33.12 -11.43 -3.07
C ASP A 116 33.66 -12.41 -4.16
N GLN A 117 33.37 -12.10 -5.42
CA GLN A 117 33.70 -12.91 -6.61
C GLN A 117 35.20 -12.87 -6.96
N LEU A 118 35.66 -13.90 -7.67
CA LEU A 118 37.05 -14.10 -8.12
C LEU A 118 37.10 -14.52 -9.60
N LEU A 119 38.27 -14.35 -10.23
CA LEU A 119 38.56 -14.70 -11.64
C LEU A 119 39.81 -15.58 -11.75
N ALA A 120 39.84 -16.43 -12.78
CA ALA A 120 41.00 -17.27 -13.11
C ALA A 120 42.18 -16.47 -13.68
N VAL A 121 43.40 -16.99 -13.52
CA VAL A 121 44.65 -16.39 -14.04
C VAL A 121 45.54 -17.45 -14.71
N ALA A 122 45.86 -17.25 -15.99
CA ALA A 122 46.76 -18.12 -16.77
C ALA A 122 48.23 -17.72 -16.60
N ASP A 123 49.14 -18.70 -16.74
CA ASP A 123 50.59 -18.47 -16.77
C ASP A 123 51.12 -17.79 -18.05
N SER A 124 52.13 -16.92 -17.89
CA SER A 124 52.78 -16.19 -19.01
C SER A 124 53.75 -17.05 -19.85
N GLY A 125 54.14 -18.22 -19.34
CA GLY A 125 55.09 -19.16 -19.97
C GLY A 125 55.41 -20.37 -19.08
N PRO A 126 56.35 -21.24 -19.51
CA PRO A 126 56.80 -22.39 -18.71
C PRO A 126 57.52 -21.97 -17.43
N SER A 127 57.46 -22.81 -16.39
CA SER A 127 58.11 -22.57 -15.09
C SER A 127 59.64 -22.62 -15.18
N SER A 128 60.31 -21.82 -14.34
CA SER A 128 61.78 -21.83 -14.15
C SER A 128 62.29 -23.03 -13.32
N GLY A 129 61.41 -23.78 -12.65
CA GLY A 129 61.74 -24.96 -11.83
C GLY A 129 60.52 -25.63 -11.21
N GLY A 1 -12.95 20.59 9.48
CA GLY A 1 -11.85 21.56 9.23
C GLY A 1 -10.51 21.05 9.73
N SER A 2 -9.43 21.70 9.31
CA SER A 2 -8.04 21.36 9.68
C SER A 2 -7.62 21.75 11.10
N SER A 3 -8.42 22.57 11.79
CA SER A 3 -8.19 23.07 13.16
C SER A 3 -9.52 23.32 13.89
N GLY A 4 -9.46 23.66 15.19
CA GLY A 4 -10.64 23.89 16.05
C GLY A 4 -11.21 22.62 16.70
N SER A 5 -10.46 21.51 16.69
CA SER A 5 -10.83 20.24 17.34
C SER A 5 -10.91 20.36 18.88
N SER A 6 -11.71 19.48 19.50
CA SER A 6 -11.76 19.29 20.97
C SER A 6 -10.41 18.82 21.54
N GLY A 7 -9.62 18.07 20.77
CA GLY A 7 -8.25 17.65 21.10
C GLY A 7 -8.12 16.60 22.22
N ARG A 8 -9.23 16.13 22.80
CA ARG A 8 -9.29 15.04 23.78
C ARG A 8 -8.98 13.67 23.14
N LYS A 9 -8.46 12.73 23.94
CA LYS A 9 -7.92 11.42 23.51
C LYS A 9 -8.88 10.49 22.73
N GLU A 10 -10.18 10.81 22.71
CA GLU A 10 -11.16 10.16 21.84
C GLU A 10 -10.85 10.32 20.34
N ASP A 11 -10.04 11.32 19.95
CA ASP A 11 -9.53 11.46 18.58
C ASP A 11 -8.70 10.27 18.10
N HIS A 12 -7.75 9.81 18.92
CA HIS A 12 -6.95 8.61 18.69
C HIS A 12 -7.80 7.34 18.70
N ALA A 13 -8.78 7.23 19.61
CA ALA A 13 -9.71 6.10 19.65
C ALA A 13 -10.57 6.01 18.36
N ARG A 14 -11.07 7.16 17.87
CA ARG A 14 -11.83 7.25 16.61
C ARG A 14 -10.96 6.91 15.39
N LEU A 15 -9.73 7.44 15.33
CA LEU A 15 -8.75 7.09 14.29
C LEU A 15 -8.44 5.59 14.30
N ARG A 16 -8.21 4.98 15.46
CA ARG A 16 -7.94 3.54 15.61
C ARG A 16 -9.12 2.66 15.19
N ALA A 17 -10.36 3.09 15.45
CA ALA A 17 -11.57 2.40 14.98
C ALA A 17 -11.72 2.48 13.45
N LEU A 18 -11.51 3.67 12.87
CA LEU A 18 -11.56 3.90 11.42
C LEU A 18 -10.45 3.11 10.69
N ASN A 19 -9.24 3.09 11.27
CA ASN A 19 -8.11 2.29 10.81
C ASN A 19 -8.41 0.77 10.82
N GLY A 20 -9.12 0.28 11.84
CA GLY A 20 -9.59 -1.11 11.91
C GLY A 20 -10.67 -1.44 10.87
N LEU A 21 -11.62 -0.54 10.64
CA LEU A 21 -12.63 -0.65 9.58
C LEU A 21 -11.99 -0.67 8.19
N LEU A 22 -11.02 0.23 7.92
CA LEU A 22 -10.23 0.23 6.69
C LEU A 22 -9.42 -1.07 6.54
N TYR A 23 -8.80 -1.58 7.60
CA TYR A 23 -8.09 -2.86 7.54
C TYR A 23 -8.97 -4.03 7.11
N LYS A 24 -10.14 -4.20 7.75
CA LYS A 24 -11.10 -5.25 7.43
C LYS A 24 -11.64 -5.09 6.01
N ALA A 25 -12.05 -3.88 5.64
CA ALA A 25 -12.65 -3.61 4.34
C ALA A 25 -11.66 -3.72 3.17
N LEU A 26 -10.42 -3.28 3.33
CA LEU A 26 -9.35 -3.49 2.33
C LEU A 26 -9.05 -5.00 2.20
N THR A 27 -8.83 -5.69 3.32
CA THR A 27 -8.57 -7.15 3.33
C THR A 27 -9.68 -7.98 2.70
N ASP A 28 -10.94 -7.58 2.89
CA ASP A 28 -12.09 -8.17 2.20
C ASP A 28 -12.03 -8.06 0.66
N LEU A 29 -11.56 -6.93 0.12
CA LEU A 29 -11.31 -6.73 -1.31
C LEU A 29 -10.10 -7.53 -1.83
N LEU A 30 -9.00 -7.62 -1.06
CA LEU A 30 -7.89 -8.55 -1.37
C LEU A 30 -8.39 -10.01 -1.46
N CYS A 31 -9.39 -10.37 -0.65
CA CYS A 31 -10.04 -11.68 -0.63
C CYS A 31 -11.12 -11.91 -1.71
N THR A 32 -11.23 -11.05 -2.74
CA THR A 32 -12.21 -11.20 -3.84
C THR A 32 -11.54 -10.95 -5.19
N PRO A 33 -11.93 -11.69 -6.26
CA PRO A 33 -11.52 -11.39 -7.63
C PRO A 33 -12.18 -10.12 -8.21
N GLU A 34 -13.18 -9.54 -7.51
CA GLU A 34 -13.92 -8.36 -7.94
C GLU A 34 -13.05 -7.09 -8.09
N VAL A 35 -11.97 -6.98 -7.31
CA VAL A 35 -10.94 -5.96 -7.51
C VAL A 35 -9.94 -6.32 -8.61
N SER A 36 -9.40 -7.55 -8.56
CA SER A 36 -8.50 -8.12 -9.56
C SER A 36 -8.43 -9.65 -9.43
N GLN A 37 -8.63 -10.36 -10.54
CA GLN A 37 -8.55 -11.82 -10.63
C GLN A 37 -7.16 -12.33 -10.26
N GLU A 38 -6.16 -11.70 -10.85
CA GLU A 38 -4.73 -11.95 -10.59
C GLU A 38 -4.36 -11.73 -9.11
N LEU A 39 -4.85 -10.64 -8.50
CA LEU A 39 -4.61 -10.33 -7.09
C LEU A 39 -5.21 -11.40 -6.15
N TYR A 40 -6.43 -11.83 -6.46
CA TYR A 40 -7.10 -12.93 -5.76
C TYR A 40 -6.39 -14.29 -5.89
N ASP A 41 -5.92 -14.61 -7.10
CA ASP A 41 -5.09 -15.79 -7.38
C ASP A 41 -3.71 -15.82 -6.69
N LEU A 42 -3.09 -14.66 -6.49
CA LEU A 42 -1.88 -14.48 -5.67
C LEU A 42 -2.15 -14.67 -4.16
N ASN A 43 -3.42 -14.61 -3.73
CA ASN A 43 -3.88 -14.82 -2.35
C ASN A 43 -3.15 -13.94 -1.31
N VAL A 44 -2.88 -12.67 -1.67
CA VAL A 44 -2.30 -11.65 -0.77
C VAL A 44 -3.25 -11.34 0.40
N GLU A 45 -2.68 -10.97 1.55
CA GLU A 45 -3.41 -10.57 2.76
C GLU A 45 -2.61 -9.50 3.54
N LEU A 46 -3.31 -8.47 4.04
CA LEU A 46 -2.73 -7.45 4.91
C LEU A 46 -2.34 -8.01 6.28
N SER A 47 -1.18 -7.55 6.79
CA SER A 47 -0.75 -7.78 8.18
C SER A 47 -1.24 -6.67 9.12
N LYS A 48 -1.32 -5.42 8.62
CA LYS A 48 -1.67 -4.20 9.36
C LYS A 48 -1.95 -3.02 8.42
N VAL A 49 -2.54 -1.96 8.97
CA VAL A 49 -2.79 -0.66 8.30
C VAL A 49 -2.44 0.46 9.29
N SER A 50 -1.87 1.56 8.77
CA SER A 50 -1.65 2.81 9.48
C SER A 50 -2.26 3.98 8.70
N LEU A 51 -3.35 4.54 9.24
CA LEU A 51 -4.01 5.76 8.78
C LEU A 51 -3.35 7.00 9.38
N THR A 52 -3.10 8.03 8.56
CA THR A 52 -2.53 9.30 9.05
C THR A 52 -3.56 10.05 9.89
N PRO A 53 -3.13 10.71 10.98
CA PRO A 53 -4.01 11.58 11.79
C PRO A 53 -4.52 12.80 11.00
N ASP A 54 -3.76 13.26 10.00
CA ASP A 54 -4.12 14.33 9.07
C ASP A 54 -5.09 13.96 7.92
N PHE A 55 -5.53 12.69 7.86
CA PHE A 55 -6.35 12.13 6.77
C PHE A 55 -5.75 12.14 5.34
N SER A 56 -4.44 12.37 5.23
CA SER A 56 -3.71 12.53 3.97
C SER A 56 -3.35 11.21 3.27
N ALA A 57 -3.23 10.08 3.98
CA ALA A 57 -2.96 8.76 3.40
C ALA A 57 -3.37 7.57 4.31
N CYS A 58 -3.75 6.46 3.69
CA CYS A 58 -3.94 5.16 4.34
C CYS A 58 -2.85 4.18 3.87
N ARG A 59 -1.84 3.95 4.72
CA ARG A 59 -0.74 3.02 4.44
C ARG A 59 -1.12 1.59 4.82
N ALA A 60 -1.20 0.70 3.85
CA ALA A 60 -1.64 -0.69 4.01
C ALA A 60 -0.48 -1.67 3.79
N TYR A 61 -0.15 -2.46 4.81
CA TYR A 61 1.01 -3.35 4.83
C TYR A 61 0.64 -4.80 4.54
N TRP A 62 1.26 -5.40 3.53
CA TRP A 62 0.91 -6.75 3.04
C TRP A 62 2.04 -7.76 3.20
N LYS A 63 1.68 -9.03 3.47
CA LYS A 63 2.63 -10.11 3.77
C LYS A 63 3.45 -10.50 2.54
N THR A 64 4.78 -10.53 2.70
CA THR A 64 5.77 -10.68 1.62
C THR A 64 6.33 -12.11 1.66
N THR A 65 6.72 -12.61 0.48
CA THR A 65 7.47 -13.86 0.30
C THR A 65 9.00 -13.70 0.36
N LEU A 66 9.74 -14.80 0.36
CA LEU A 66 11.22 -14.79 0.30
C LEU A 66 11.75 -14.31 -1.07
N SER A 67 10.93 -14.36 -2.13
CA SER A 67 11.31 -13.98 -3.51
C SER A 67 11.00 -12.51 -3.81
N ALA A 68 12.03 -11.68 -3.98
CA ALA A 68 11.86 -10.25 -4.26
C ALA A 68 11.18 -9.96 -5.62
N GLU A 69 11.36 -10.83 -6.62
CA GLU A 69 10.65 -10.74 -7.91
C GLU A 69 9.13 -10.97 -7.74
N GLN A 70 8.74 -11.94 -6.92
CA GLN A 70 7.33 -12.19 -6.57
C GLN A 70 6.75 -11.02 -5.76
N ASN A 71 7.51 -10.48 -4.81
CA ASN A 71 7.13 -9.27 -4.07
C ASN A 71 6.92 -8.06 -4.99
N ALA A 72 7.81 -7.80 -5.95
CA ALA A 72 7.65 -6.72 -6.92
C ALA A 72 6.43 -6.92 -7.84
N HIS A 73 6.14 -8.16 -8.25
CA HIS A 73 4.93 -8.50 -9.01
C HIS A 73 3.65 -8.24 -8.21
N MET A 74 3.57 -8.75 -6.97
CA MET A 74 2.46 -8.49 -6.04
C MET A 74 2.28 -7.00 -5.76
N GLU A 75 3.36 -6.26 -5.55
CA GLU A 75 3.34 -4.82 -5.29
C GLU A 75 2.71 -4.05 -6.46
N ALA A 76 3.11 -4.34 -7.70
CA ALA A 76 2.60 -3.66 -8.89
C ALA A 76 1.10 -3.91 -9.14
N VAL A 77 0.63 -5.17 -9.01
CA VAL A 77 -0.80 -5.50 -9.14
C VAL A 77 -1.65 -4.91 -8.01
N LEU A 78 -1.16 -4.94 -6.78
CA LEU A 78 -1.84 -4.39 -5.61
C LEU A 78 -1.93 -2.85 -5.66
N GLN A 79 -0.87 -2.18 -6.10
CA GLN A 79 -0.84 -0.73 -6.34
C GLN A 79 -1.81 -0.28 -7.45
N ARG A 80 -1.86 -0.95 -8.61
CA ARG A 80 -2.83 -0.59 -9.69
C ARG A 80 -4.28 -0.92 -9.28
N SER A 81 -4.48 -1.89 -8.38
CA SER A 81 -5.78 -2.19 -7.78
C SER A 81 -6.30 -1.10 -6.82
N ALA A 82 -5.41 -0.27 -6.25
CA ALA A 82 -5.72 0.67 -5.16
C ALA A 82 -6.76 1.74 -5.50
N ALA A 83 -6.76 2.30 -6.71
CA ALA A 83 -7.73 3.33 -7.12
C ALA A 83 -9.16 2.77 -7.21
N HIS A 84 -9.31 1.54 -7.69
CA HIS A 84 -10.56 0.78 -7.70
C HIS A 84 -10.99 0.38 -6.28
N MET A 85 -10.07 -0.04 -5.41
CA MET A 85 -10.37 -0.22 -3.98
C MET A 85 -10.89 1.06 -3.32
N ARG A 86 -10.26 2.22 -3.61
CA ARG A 86 -10.67 3.51 -3.02
C ARG A 86 -12.15 3.79 -3.31
N HIS A 87 -12.56 3.63 -4.57
CA HIS A 87 -13.95 3.77 -5.04
C HIS A 87 -14.91 2.75 -4.42
N LEU A 88 -14.51 1.48 -4.33
CA LEU A 88 -15.30 0.41 -3.72
C LEU A 88 -15.56 0.66 -2.21
N LEU A 89 -14.63 1.31 -1.51
CA LEU A 89 -14.81 1.76 -0.12
C LEU A 89 -15.60 3.08 0.00
N MET A 90 -15.47 4.01 -0.96
CA MET A 90 -16.22 5.28 -1.02
C MET A 90 -17.73 5.08 -1.25
N SER A 91 -18.10 3.95 -1.87
CA SER A 91 -19.50 3.55 -2.13
C SER A 91 -20.27 3.12 -0.85
N GLN A 92 -19.59 2.98 0.29
CA GLN A 92 -20.15 2.41 1.53
C GLN A 92 -20.53 3.49 2.56
N GLN A 93 -21.69 3.35 3.20
CA GLN A 93 -22.21 4.33 4.19
C GLN A 93 -21.35 4.46 5.45
N THR A 94 -20.53 3.45 5.76
CA THR A 94 -19.52 3.48 6.84
C THR A 94 -18.29 4.40 6.61
N LEU A 95 -18.04 4.78 5.35
CA LEU A 95 -16.83 5.49 4.89
C LEU A 95 -17.21 6.62 3.92
N ARG A 96 -17.82 7.69 4.45
CA ARG A 96 -18.32 8.87 3.70
C ARG A 96 -17.23 9.58 2.87
N ASN A 97 -15.99 9.49 3.32
CA ASN A 97 -14.78 9.90 2.59
C ASN A 97 -13.66 8.88 2.85
N VAL A 98 -12.78 8.66 1.86
CA VAL A 98 -11.68 7.70 1.90
C VAL A 98 -10.37 8.37 1.44
N PRO A 99 -9.26 8.27 2.21
CA PRO A 99 -7.95 8.81 1.81
C PRO A 99 -7.34 8.02 0.63
N PRO A 100 -6.29 8.53 -0.03
CA PRO A 100 -5.54 7.74 -1.00
C PRO A 100 -4.89 6.52 -0.30
N ILE A 101 -5.08 5.35 -0.88
CA ILE A 101 -4.55 4.07 -0.37
C ILE A 101 -3.15 3.88 -0.93
N VAL A 102 -2.19 3.55 -0.06
CA VAL A 102 -0.77 3.34 -0.40
C VAL A 102 -0.33 1.97 0.11
N PHE A 103 0.02 1.06 -0.79
CA PHE A 103 0.47 -0.29 -0.43
C PHE A 103 1.97 -0.41 -0.14
N VAL A 104 2.31 -1.10 0.96
CA VAL A 104 3.67 -1.16 1.53
C VAL A 104 4.12 -2.57 1.89
N GLN A 105 5.36 -2.92 1.54
CA GLN A 105 5.95 -4.20 1.96
C GLN A 105 6.10 -4.24 3.49
N ASP A 106 5.58 -5.30 4.11
CA ASP A 106 5.71 -5.57 5.56
C ASP A 106 7.13 -5.43 6.15
N LYS A 107 8.15 -5.79 5.36
CA LYS A 107 9.57 -5.82 5.74
C LYS A 107 10.39 -4.62 5.23
N GLY A 108 9.76 -3.69 4.49
CA GLY A 108 10.35 -2.40 4.09
C GLY A 108 11.61 -2.48 3.21
N ASN A 109 11.70 -3.49 2.32
CA ASN A 109 12.89 -3.78 1.54
C ASN A 109 13.29 -2.65 0.56
N ALA A 110 14.60 -2.39 0.42
CA ALA A 110 15.21 -1.50 -0.57
C ALA A 110 16.60 -1.99 -0.99
N ALA A 111 17.00 -1.74 -2.25
CA ALA A 111 18.26 -2.23 -2.83
C ALA A 111 19.00 -1.24 -3.76
N LEU A 112 18.58 0.03 -3.81
CA LEU A 112 19.17 1.08 -4.65
C LEU A 112 20.56 1.52 -4.14
N ALA A 113 21.53 1.65 -5.05
CA ALA A 113 22.86 2.20 -4.77
C ALA A 113 23.45 2.96 -5.98
N GLU A 114 24.15 4.07 -5.71
CA GLU A 114 24.88 4.87 -6.70
C GLU A 114 26.30 4.31 -6.98
N LEU A 115 26.35 3.05 -7.42
CA LEU A 115 27.59 2.28 -7.60
C LEU A 115 28.58 2.90 -8.62
N ASP A 116 29.88 2.81 -8.32
CA ASP A 116 30.97 3.37 -9.12
C ASP A 116 31.42 2.45 -10.28
N GLN A 117 31.26 2.90 -11.53
CA GLN A 117 31.62 2.13 -12.73
C GLN A 117 33.13 2.16 -13.03
N LEU A 118 33.68 1.04 -13.50
CA LEU A 118 35.12 0.86 -13.82
C LEU A 118 35.31 0.02 -15.10
N LEU A 119 36.25 0.44 -15.96
CA LEU A 119 36.60 -0.25 -17.22
C LEU A 119 37.41 -1.53 -16.97
N ALA A 120 37.23 -2.53 -17.82
CA ALA A 120 37.98 -3.80 -17.78
C ALA A 120 39.46 -3.62 -18.21
N VAL A 121 40.35 -4.43 -17.63
CA VAL A 121 41.79 -4.49 -17.97
C VAL A 121 42.04 -5.46 -19.13
N ALA A 122 42.70 -4.97 -20.18
CA ALA A 122 43.07 -5.74 -21.37
C ALA A 122 44.14 -6.81 -21.11
N ASP A 123 44.14 -7.88 -21.92
CA ASP A 123 45.12 -8.98 -21.91
C ASP A 123 46.40 -8.74 -22.76
N SER A 124 46.56 -7.54 -23.33
CA SER A 124 47.69 -7.14 -24.18
C SER A 124 49.02 -7.01 -23.39
N GLY A 125 50.14 -7.00 -24.11
CA GLY A 125 51.50 -6.91 -23.56
C GLY A 125 52.12 -8.26 -23.14
N PRO A 126 53.34 -8.25 -22.56
CA PRO A 126 54.09 -9.46 -22.22
C PRO A 126 53.56 -10.21 -20.96
N SER A 127 52.71 -9.57 -20.16
CA SER A 127 52.16 -10.13 -18.91
C SER A 127 51.29 -11.37 -19.12
N SER A 128 51.36 -12.33 -18.20
CA SER A 128 50.53 -13.55 -18.20
C SER A 128 49.04 -13.24 -17.89
N GLY A 129 48.13 -14.04 -18.44
CA GLY A 129 46.67 -13.93 -18.27
C GLY A 129 46.18 -14.42 -16.91
N GLY A 1 -24.56 25.14 31.91
CA GLY A 1 -23.70 25.63 30.81
C GLY A 1 -22.80 26.78 31.26
N SER A 2 -22.49 27.70 30.35
CA SER A 2 -21.67 28.91 30.59
C SER A 2 -20.27 28.65 31.19
N SER A 3 -19.65 27.51 30.82
CA SER A 3 -18.33 27.07 31.28
C SER A 3 -17.64 26.15 30.25
N GLY A 4 -16.31 26.13 30.24
CA GLY A 4 -15.49 25.36 29.28
C GLY A 4 -15.53 23.84 29.50
N SER A 5 -15.35 23.08 28.40
CA SER A 5 -15.29 21.61 28.38
C SER A 5 -14.53 21.11 27.15
N SER A 6 -13.94 19.91 27.22
CA SER A 6 -13.21 19.24 26.12
C SER A 6 -13.14 17.71 26.29
N GLY A 7 -13.15 17.00 25.16
CA GLY A 7 -13.02 15.53 25.06
C GLY A 7 -12.22 15.11 23.82
N ARG A 8 -11.19 15.89 23.48
CA ARG A 8 -10.42 15.88 22.21
C ARG A 8 -9.74 14.54 21.87
N LYS A 9 -9.54 13.66 22.85
CA LYS A 9 -9.08 12.27 22.68
C LYS A 9 -9.98 11.44 21.74
N GLU A 10 -11.25 11.86 21.55
CA GLU A 10 -12.16 11.26 20.57
C GLU A 10 -11.64 11.30 19.12
N ASP A 11 -10.76 12.24 18.77
CA ASP A 11 -10.05 12.25 17.49
C ASP A 11 -9.10 11.06 17.27
N HIS A 12 -8.29 10.75 18.30
CA HIS A 12 -7.43 9.56 18.31
C HIS A 12 -8.25 8.27 18.34
N ALA A 13 -9.34 8.24 19.12
CA ALA A 13 -10.25 7.09 19.17
C ALA A 13 -10.91 6.83 17.80
N ARG A 14 -11.38 7.88 17.11
CA ARG A 14 -11.96 7.80 15.76
C ARG A 14 -10.92 7.34 14.73
N LEU A 15 -9.70 7.90 14.75
CA LEU A 15 -8.61 7.45 13.88
C LEU A 15 -8.28 5.96 14.10
N ARG A 16 -8.18 5.49 15.34
CA ARG A 16 -7.87 4.09 15.67
C ARG A 16 -8.98 3.13 15.25
N ALA A 17 -10.25 3.52 15.40
CA ALA A 17 -11.39 2.73 14.94
C ALA A 17 -11.45 2.66 13.41
N LEU A 18 -11.32 3.81 12.73
CA LEU A 18 -11.37 3.93 11.26
C LEU A 18 -10.18 3.23 10.59
N ASN A 19 -9.00 3.26 11.20
CA ASN A 19 -7.82 2.47 10.79
C ASN A 19 -8.09 0.95 10.82
N GLY A 20 -8.76 0.46 11.87
CA GLY A 20 -9.16 -0.96 11.98
C GLY A 20 -10.25 -1.36 10.99
N LEU A 21 -11.24 -0.48 10.77
CA LEU A 21 -12.29 -0.66 9.76
C LEU A 21 -11.70 -0.70 8.34
N LEU A 22 -10.77 0.20 8.01
CA LEU A 22 -10.03 0.17 6.74
C LEU A 22 -9.22 -1.13 6.59
N TYR A 23 -8.56 -1.61 7.64
CA TYR A 23 -7.87 -2.91 7.57
C TYR A 23 -8.78 -4.08 7.19
N LYS A 24 -9.93 -4.21 7.87
CA LYS A 24 -10.91 -5.27 7.62
C LYS A 24 -11.52 -5.12 6.22
N ALA A 25 -11.94 -3.92 5.85
CA ALA A 25 -12.61 -3.64 4.59
C ALA A 25 -11.69 -3.82 3.36
N LEU A 26 -10.44 -3.36 3.43
CA LEU A 26 -9.42 -3.62 2.41
C LEU A 26 -9.11 -5.12 2.29
N THR A 27 -8.85 -5.80 3.41
CA THR A 27 -8.59 -7.26 3.43
C THR A 27 -9.74 -8.08 2.84
N ASP A 28 -10.99 -7.66 3.06
CA ASP A 28 -12.16 -8.24 2.40
C ASP A 28 -12.14 -8.14 0.85
N LEU A 29 -11.66 -7.01 0.31
CA LEU A 29 -11.44 -6.84 -1.14
C LEU A 29 -10.26 -7.66 -1.68
N LEU A 30 -9.14 -7.78 -0.93
CA LEU A 30 -8.05 -8.71 -1.26
C LEU A 30 -8.57 -10.17 -1.37
N CYS A 31 -9.57 -10.53 -0.56
CA CYS A 31 -10.22 -11.84 -0.54
C CYS A 31 -11.31 -12.06 -1.62
N THR A 32 -11.39 -11.23 -2.67
CA THR A 32 -12.42 -11.35 -3.74
C THR A 32 -11.77 -11.07 -5.11
N PRO A 33 -12.17 -11.78 -6.18
CA PRO A 33 -11.76 -11.49 -7.55
C PRO A 33 -12.38 -10.20 -8.12
N GLU A 34 -13.41 -9.62 -7.48
CA GLU A 34 -14.05 -8.36 -7.89
C GLU A 34 -13.10 -7.15 -7.99
N VAL A 35 -12.03 -7.11 -7.18
CA VAL A 35 -10.95 -6.13 -7.37
C VAL A 35 -10.00 -6.52 -8.50
N SER A 36 -9.50 -7.76 -8.49
CA SER A 36 -8.69 -8.36 -9.55
C SER A 36 -8.65 -9.89 -9.39
N GLN A 37 -8.95 -10.62 -10.45
CA GLN A 37 -8.82 -12.08 -10.48
C GLN A 37 -7.38 -12.55 -10.26
N GLU A 38 -6.40 -11.78 -10.77
CA GLU A 38 -4.98 -12.06 -10.57
C GLU A 38 -4.57 -11.85 -9.10
N LEU A 39 -5.02 -10.75 -8.48
CA LEU A 39 -4.75 -10.48 -7.07
C LEU A 39 -5.37 -11.54 -6.14
N TYR A 40 -6.60 -11.98 -6.46
CA TYR A 40 -7.28 -13.05 -5.76
C TYR A 40 -6.60 -14.43 -5.90
N ASP A 41 -6.10 -14.74 -7.10
CA ASP A 41 -5.27 -15.93 -7.35
C ASP A 41 -3.89 -15.94 -6.67
N LEU A 42 -3.24 -14.77 -6.58
CA LEU A 42 -2.03 -14.56 -5.76
C LEU A 42 -2.32 -14.65 -4.26
N ASN A 43 -3.58 -14.39 -3.87
CA ASN A 43 -4.14 -14.61 -2.53
C ASN A 43 -3.36 -13.87 -1.42
N VAL A 44 -2.96 -12.64 -1.69
CA VAL A 44 -2.33 -11.70 -0.74
C VAL A 44 -3.25 -11.42 0.46
N GLU A 45 -2.65 -11.07 1.61
CA GLU A 45 -3.36 -10.60 2.81
C GLU A 45 -2.61 -9.41 3.43
N LEU A 46 -3.35 -8.45 3.99
CA LEU A 46 -2.77 -7.37 4.80
C LEU A 46 -2.22 -7.89 6.14
N SER A 47 -1.09 -7.33 6.57
CA SER A 47 -0.49 -7.55 7.89
C SER A 47 -0.85 -6.44 8.88
N LYS A 48 -1.01 -5.19 8.40
CA LYS A 48 -1.35 -3.98 9.19
C LYS A 48 -1.80 -2.82 8.29
N VAL A 49 -2.52 -1.84 8.84
CA VAL A 49 -2.78 -0.54 8.21
C VAL A 49 -2.26 0.56 9.16
N SER A 50 -1.71 1.63 8.58
CA SER A 50 -1.34 2.89 9.23
C SER A 50 -2.02 4.08 8.54
N LEU A 51 -3.18 4.47 9.03
CA LEU A 51 -3.89 5.68 8.65
C LEU A 51 -3.18 6.93 9.22
N THR A 52 -3.00 7.96 8.40
CA THR A 52 -2.35 9.22 8.83
C THR A 52 -3.32 10.03 9.72
N PRO A 53 -2.82 10.72 10.75
CA PRO A 53 -3.63 11.56 11.63
C PRO A 53 -4.26 12.77 10.92
N ASP A 54 -3.63 13.26 9.85
CA ASP A 54 -4.14 14.29 8.95
C ASP A 54 -5.23 13.85 7.95
N PHE A 55 -5.59 12.56 7.96
CA PHE A 55 -6.48 11.91 6.97
C PHE A 55 -6.01 11.93 5.50
N SER A 56 -4.72 12.24 5.28
CA SER A 56 -4.11 12.53 3.97
C SER A 56 -3.92 11.26 3.12
N ALA A 57 -3.59 10.14 3.76
CA ALA A 57 -3.35 8.83 3.14
C ALA A 57 -3.57 7.66 4.11
N CYS A 58 -3.91 6.49 3.55
CA CYS A 58 -3.97 5.20 4.24
C CYS A 58 -2.85 4.27 3.73
N ARG A 59 -1.83 4.03 4.58
CA ARG A 59 -0.73 3.09 4.27
C ARG A 59 -1.13 1.66 4.63
N ALA A 60 -1.21 0.78 3.63
CA ALA A 60 -1.61 -0.62 3.80
C ALA A 60 -0.39 -1.55 3.66
N TYR A 61 -0.03 -2.23 4.75
CA TYR A 61 1.06 -3.19 4.83
C TYR A 61 0.62 -4.62 4.51
N TRP A 62 1.36 -5.37 3.70
CA TRP A 62 0.94 -6.67 3.18
C TRP A 62 2.02 -7.75 3.28
N LYS A 63 1.57 -9.00 3.44
CA LYS A 63 2.43 -10.17 3.73
C LYS A 63 3.18 -10.66 2.48
N THR A 64 4.51 -10.57 2.53
CA THR A 64 5.44 -10.84 1.41
C THR A 64 5.88 -12.30 1.44
N THR A 65 6.35 -12.79 0.29
CA THR A 65 7.02 -14.10 0.12
C THR A 65 8.56 -14.04 0.21
N LEU A 66 9.23 -15.20 0.18
CA LEU A 66 10.69 -15.29 0.14
C LEU A 66 11.32 -14.74 -1.16
N SER A 67 10.58 -14.75 -2.28
CA SER A 67 11.07 -14.29 -3.59
C SER A 67 10.82 -12.80 -3.83
N ALA A 68 11.89 -12.04 -4.09
CA ALA A 68 11.78 -10.62 -4.42
C ALA A 68 11.11 -10.37 -5.78
N GLU A 69 11.21 -11.30 -6.73
CA GLU A 69 10.51 -11.22 -8.03
C GLU A 69 9.00 -11.42 -7.85
N GLN A 70 8.59 -12.39 -7.03
CA GLN A 70 7.19 -12.57 -6.64
C GLN A 70 6.65 -11.37 -5.88
N ASN A 71 7.45 -10.81 -4.96
CA ASN A 71 7.09 -9.59 -4.22
C ASN A 71 6.90 -8.38 -5.12
N ALA A 72 7.77 -8.16 -6.11
CA ALA A 72 7.63 -7.08 -7.09
C ALA A 72 6.38 -7.25 -7.98
N HIS A 73 6.06 -8.48 -8.38
CA HIS A 73 4.83 -8.79 -9.12
C HIS A 73 3.57 -8.48 -8.30
N MET A 74 3.49 -8.99 -7.06
CA MET A 74 2.40 -8.70 -6.13
C MET A 74 2.28 -7.21 -5.80
N GLU A 75 3.39 -6.50 -5.61
CA GLU A 75 3.42 -5.06 -5.34
C GLU A 75 2.76 -4.27 -6.48
N ALA A 76 3.15 -4.56 -7.73
CA ALA A 76 2.66 -3.85 -8.90
C ALA A 76 1.16 -4.05 -9.12
N VAL A 77 0.65 -5.29 -9.06
CA VAL A 77 -0.80 -5.57 -9.19
C VAL A 77 -1.61 -4.99 -8.03
N LEU A 78 -1.10 -5.04 -6.80
CA LEU A 78 -1.76 -4.48 -5.62
C LEU A 78 -1.83 -2.93 -5.67
N GLN A 79 -0.77 -2.26 -6.13
CA GLN A 79 -0.76 -0.82 -6.45
C GLN A 79 -1.72 -0.45 -7.59
N ARG A 80 -1.78 -1.24 -8.67
CA ARG A 80 -2.79 -1.07 -9.76
C ARG A 80 -4.22 -1.23 -9.26
N SER A 81 -4.43 -2.11 -8.29
CA SER A 81 -5.73 -2.37 -7.65
C SER A 81 -6.20 -1.25 -6.71
N ALA A 82 -5.29 -0.39 -6.20
CA ALA A 82 -5.55 0.57 -5.13
C ALA A 82 -6.67 1.59 -5.42
N ALA A 83 -6.69 2.21 -6.60
CA ALA A 83 -7.72 3.20 -6.96
C ALA A 83 -9.12 2.57 -7.06
N HIS A 84 -9.20 1.36 -7.62
CA HIS A 84 -10.42 0.54 -7.67
C HIS A 84 -10.85 0.07 -6.27
N MET A 85 -9.93 -0.32 -5.38
CA MET A 85 -10.26 -0.56 -3.97
C MET A 85 -10.87 0.68 -3.30
N ARG A 86 -10.32 1.88 -3.55
CA ARG A 86 -10.88 3.12 -2.98
C ARG A 86 -12.33 3.32 -3.45
N HIS A 87 -12.59 3.15 -4.75
CA HIS A 87 -13.93 3.21 -5.34
C HIS A 87 -14.89 2.16 -4.75
N LEU A 88 -14.45 0.91 -4.61
CA LEU A 88 -15.23 -0.19 -4.01
C LEU A 88 -15.59 0.07 -2.54
N LEU A 89 -14.73 0.76 -1.77
CA LEU A 89 -15.05 1.21 -0.41
C LEU A 89 -15.91 2.49 -0.37
N MET A 90 -15.90 3.31 -1.43
CA MET A 90 -16.67 4.56 -1.56
C MET A 90 -18.10 4.36 -2.10
N SER A 91 -18.38 3.25 -2.79
CA SER A 91 -19.71 2.92 -3.34
C SER A 91 -20.69 2.36 -2.30
N GLN A 92 -20.22 2.05 -1.09
CA GLN A 92 -21.00 1.44 -0.01
C GLN A 92 -22.03 2.38 0.61
N GLN A 93 -23.09 1.82 1.21
CA GLN A 93 -24.07 2.57 2.03
C GLN A 93 -23.49 2.96 3.40
N THR A 94 -22.61 2.13 3.96
CA THR A 94 -22.02 2.28 5.30
C THR A 94 -20.78 3.18 5.35
N LEU A 95 -20.08 3.35 4.21
CA LEU A 95 -18.80 4.06 4.10
C LEU A 95 -18.73 4.91 2.82
N ARG A 96 -18.26 6.16 2.93
CA ARG A 96 -18.11 7.09 1.80
C ARG A 96 -16.84 7.95 1.86
N ASN A 97 -16.47 8.45 3.04
CA ASN A 97 -15.20 9.13 3.26
C ASN A 97 -14.04 8.12 3.32
N VAL A 98 -13.27 8.00 2.23
CA VAL A 98 -12.14 7.07 2.09
C VAL A 98 -10.88 7.81 1.59
N PRO A 99 -9.74 7.74 2.32
CA PRO A 99 -8.47 8.33 1.90
C PRO A 99 -7.83 7.58 0.72
N PRO A 100 -6.85 8.17 0.00
CA PRO A 100 -6.05 7.44 -0.99
C PRO A 100 -5.24 6.31 -0.33
N ILE A 101 -5.30 5.13 -0.94
CA ILE A 101 -4.67 3.90 -0.46
C ILE A 101 -3.26 3.77 -1.06
N VAL A 102 -2.27 3.46 -0.23
CA VAL A 102 -0.85 3.34 -0.61
C VAL A 102 -0.25 2.06 -0.05
N PHE A 103 0.21 1.14 -0.91
CA PHE A 103 0.73 -0.15 -0.50
C PHE A 103 2.21 -0.20 -0.10
N VAL A 104 2.53 -0.91 0.98
CA VAL A 104 3.86 -0.94 1.62
C VAL A 104 4.31 -2.34 2.02
N GLN A 105 5.57 -2.69 1.75
CA GLN A 105 6.14 -3.98 2.12
C GLN A 105 6.56 -4.02 3.59
N ASP A 106 6.42 -5.18 4.24
CA ASP A 106 6.91 -5.44 5.60
C ASP A 106 8.44 -5.35 5.79
N LYS A 107 9.21 -5.72 4.76
CA LYS A 107 10.67 -5.82 4.78
C LYS A 107 11.31 -5.32 3.47
N GLY A 108 12.55 -4.84 3.54
CA GLY A 108 13.34 -4.44 2.36
C GLY A 108 14.70 -3.81 2.73
N ASN A 109 15.67 -3.92 1.82
CA ASN A 109 17.02 -3.34 1.93
C ASN A 109 17.60 -2.98 0.54
N ALA A 110 18.51 -2.01 0.48
CA ALA A 110 19.20 -1.56 -0.75
C ALA A 110 20.64 -1.08 -0.47
N ALA A 111 21.52 -1.19 -1.47
CA ALA A 111 22.89 -0.69 -1.48
C ALA A 111 23.34 -0.26 -2.90
N LEU A 112 24.17 0.77 -2.98
CA LEU A 112 24.74 1.27 -4.25
C LEU A 112 25.87 0.36 -4.77
N ALA A 113 25.62 -0.34 -5.88
CA ALA A 113 26.64 -1.11 -6.61
C ALA A 113 27.51 -0.22 -7.53
N GLU A 114 26.92 0.82 -8.12
CA GLU A 114 27.52 1.69 -9.15
C GLU A 114 28.44 2.81 -8.57
N LEU A 115 29.09 2.55 -7.43
CA LEU A 115 29.93 3.51 -6.70
C LEU A 115 31.23 3.89 -7.42
N ASP A 116 31.69 3.08 -8.38
CA ASP A 116 32.93 3.23 -9.15
C ASP A 116 32.91 4.30 -10.27
N GLN A 117 32.50 5.52 -9.93
CA GLN A 117 32.42 6.67 -10.85
C GLN A 117 33.79 7.07 -11.44
N LEU A 118 33.78 7.60 -12.68
CA LEU A 118 34.97 8.07 -13.39
C LEU A 118 35.50 9.41 -12.85
N LEU A 119 36.80 9.65 -13.04
CA LEU A 119 37.54 10.87 -12.66
C LEU A 119 38.56 11.26 -13.74
N ALA A 120 38.97 12.53 -13.76
CA ALA A 120 39.92 13.11 -14.73
C ALA A 120 40.76 14.27 -14.14
N VAL A 121 41.87 14.60 -14.80
CA VAL A 121 42.80 15.69 -14.42
C VAL A 121 43.17 16.55 -15.63
N ALA A 122 43.02 17.88 -15.50
CA ALA A 122 43.18 18.86 -16.58
C ALA A 122 44.57 19.56 -16.65
N ASP A 123 45.46 19.31 -15.69
CA ASP A 123 46.76 19.99 -15.58
C ASP A 123 47.74 19.80 -16.77
N SER A 124 48.34 20.91 -17.23
CA SER A 124 49.27 20.93 -18.37
C SER A 124 50.73 20.59 -18.02
N GLY A 125 51.12 20.72 -16.74
CA GLY A 125 52.49 20.47 -16.25
C GLY A 125 53.52 21.55 -16.64
N PRO A 126 54.80 21.38 -16.22
CA PRO A 126 55.88 22.33 -16.50
C PRO A 126 56.31 22.33 -17.99
N SER A 127 56.99 23.41 -18.40
CA SER A 127 57.55 23.59 -19.75
C SER A 127 58.77 24.52 -19.75
N SER A 128 59.46 24.61 -20.88
CA SER A 128 60.63 25.50 -21.09
C SER A 128 60.30 27.00 -21.25
N GLY A 129 59.01 27.36 -21.26
CA GLY A 129 58.52 28.75 -21.45
C GLY A 129 58.86 29.69 -20.29
N GLY A 1 -19.43 2.85 30.37
CA GLY A 1 -19.00 2.39 31.71
C GLY A 1 -18.06 3.39 32.37
N SER A 2 -18.11 3.49 33.70
CA SER A 2 -17.25 4.40 34.49
C SER A 2 -15.76 4.07 34.33
N SER A 3 -14.92 5.11 34.20
CA SER A 3 -13.48 5.01 33.91
C SER A 3 -13.11 4.21 32.64
N GLY A 4 -14.03 4.13 31.67
CA GLY A 4 -13.87 3.37 30.41
C GLY A 4 -12.89 3.97 29.39
N SER A 5 -12.37 5.17 29.63
CA SER A 5 -11.37 5.86 28.80
C SER A 5 -10.50 6.80 29.64
N SER A 6 -9.25 7.03 29.21
CA SER A 6 -8.30 7.97 29.84
C SER A 6 -8.63 9.42 29.42
N GLY A 7 -9.77 9.93 29.92
CA GLY A 7 -10.36 11.20 29.49
C GLY A 7 -11.03 11.13 28.11
N ARG A 8 -11.41 12.30 27.57
CA ARG A 8 -12.22 12.48 26.35
C ARG A 8 -11.48 12.24 25.02
N LYS A 9 -10.69 11.16 24.93
CA LYS A 9 -9.92 10.70 23.75
C LYS A 9 -10.76 10.16 22.57
N GLU A 10 -11.98 10.68 22.40
CA GLU A 10 -12.93 10.24 21.38
C GLU A 10 -12.48 10.54 19.94
N ASP A 11 -11.58 11.52 19.76
CA ASP A 11 -10.89 11.77 18.49
C ASP A 11 -9.97 10.61 18.05
N HIS A 12 -9.14 10.12 18.98
CA HIS A 12 -8.34 8.91 18.78
C HIS A 12 -9.22 7.68 18.59
N ALA A 13 -10.31 7.55 19.35
CA ALA A 13 -11.27 6.45 19.20
C ALA A 13 -11.93 6.42 17.82
N ARG A 14 -12.32 7.57 17.26
CA ARG A 14 -12.85 7.70 15.89
C ARG A 14 -11.82 7.37 14.81
N LEU A 15 -10.58 7.87 14.94
CA LEU A 15 -9.47 7.52 14.03
C LEU A 15 -9.18 6.01 14.05
N ARG A 16 -9.12 5.41 15.24
CA ARG A 16 -8.89 3.97 15.49
C ARG A 16 -9.99 3.11 14.88
N ALA A 17 -11.26 3.49 15.08
CA ALA A 17 -12.42 2.81 14.51
C ALA A 17 -12.44 2.88 12.98
N LEU A 18 -12.24 4.07 12.39
CA LEU A 18 -12.22 4.27 10.94
C LEU A 18 -11.05 3.50 10.29
N ASN A 19 -9.86 3.52 10.90
CA ASN A 19 -8.71 2.74 10.43
C ASN A 19 -8.97 1.22 10.50
N GLY A 20 -9.66 0.74 11.55
CA GLY A 20 -10.07 -0.66 11.69
C GLY A 20 -11.12 -1.09 10.66
N LEU A 21 -12.12 -0.23 10.38
CA LEU A 21 -13.13 -0.45 9.34
C LEU A 21 -12.48 -0.50 7.94
N LEU A 22 -11.59 0.44 7.62
CA LEU A 22 -10.79 0.38 6.39
C LEU A 22 -9.94 -0.89 6.32
N TYR A 23 -9.28 -1.29 7.41
CA TYR A 23 -8.48 -2.52 7.44
C TYR A 23 -9.24 -3.82 7.16
N LYS A 24 -10.39 -4.00 7.82
CA LYS A 24 -11.30 -5.14 7.58
C LYS A 24 -11.83 -5.13 6.14
N ALA A 25 -12.29 -3.98 5.65
CA ALA A 25 -12.85 -3.85 4.31
C ALA A 25 -11.81 -4.00 3.19
N LEU A 26 -10.59 -3.48 3.36
CA LEU A 26 -9.46 -3.69 2.45
C LEU A 26 -9.10 -5.18 2.41
N THR A 27 -8.98 -5.84 3.57
CA THR A 27 -8.75 -7.30 3.65
C THR A 27 -9.83 -8.12 2.95
N ASP A 28 -11.10 -7.73 3.05
CA ASP A 28 -12.19 -8.31 2.25
C ASP A 28 -12.04 -8.14 0.73
N LEU A 29 -11.53 -7.01 0.26
CA LEU A 29 -11.20 -6.78 -1.17
C LEU A 29 -10.01 -7.62 -1.64
N LEU A 30 -8.94 -7.75 -0.83
CA LEU A 30 -7.85 -8.72 -1.12
C LEU A 30 -8.40 -10.16 -1.23
N CYS A 31 -9.41 -10.50 -0.44
CA CYS A 31 -10.06 -11.82 -0.40
C CYS A 31 -11.15 -12.07 -1.47
N THR A 32 -11.31 -11.20 -2.48
CA THR A 32 -12.38 -11.35 -3.50
C THR A 32 -11.83 -11.04 -4.90
N PRO A 33 -12.24 -11.80 -5.94
CA PRO A 33 -11.97 -11.48 -7.35
C PRO A 33 -12.53 -10.14 -7.84
N GLU A 34 -13.51 -9.55 -7.13
CA GLU A 34 -14.18 -8.29 -7.49
C GLU A 34 -13.23 -7.08 -7.66
N VAL A 35 -12.11 -7.04 -6.94
CA VAL A 35 -11.03 -6.07 -7.20
C VAL A 35 -10.14 -6.51 -8.37
N SER A 36 -9.66 -7.75 -8.34
CA SER A 36 -8.91 -8.42 -9.41
C SER A 36 -8.88 -9.93 -9.19
N GLN A 37 -9.19 -10.72 -10.23
CA GLN A 37 -9.05 -12.17 -10.23
C GLN A 37 -7.60 -12.61 -9.99
N GLU A 38 -6.64 -11.92 -10.62
CA GLU A 38 -5.21 -12.22 -10.46
C GLU A 38 -4.70 -11.86 -9.06
N LEU A 39 -5.14 -10.74 -8.48
CA LEU A 39 -4.78 -10.37 -7.10
C LEU A 39 -5.29 -11.41 -6.09
N TYR A 40 -6.53 -11.88 -6.27
CA TYR A 40 -7.09 -13.00 -5.51
C TYR A 40 -6.30 -14.31 -5.66
N ASP A 41 -5.96 -14.68 -6.90
CA ASP A 41 -5.13 -15.85 -7.22
C ASP A 41 -3.66 -15.82 -6.73
N LEU A 42 -3.10 -14.62 -6.51
CA LEU A 42 -1.80 -14.42 -5.86
C LEU A 42 -1.87 -14.59 -4.32
N ASN A 43 -3.06 -14.68 -3.73
CA ASN A 43 -3.32 -14.90 -2.30
C ASN A 43 -2.60 -13.91 -1.36
N VAL A 44 -2.56 -12.63 -1.75
CA VAL A 44 -2.06 -11.52 -0.91
C VAL A 44 -2.86 -11.37 0.39
N GLU A 45 -2.21 -10.90 1.46
CA GLU A 45 -2.79 -10.71 2.80
C GLU A 45 -2.16 -9.50 3.52
N LEU A 46 -3.01 -8.62 4.06
CA LEU A 46 -2.59 -7.52 4.96
C LEU A 46 -2.18 -8.02 6.35
N SER A 47 -1.14 -7.42 6.91
CA SER A 47 -0.69 -7.60 8.29
C SER A 47 -1.21 -6.50 9.24
N LYS A 48 -1.27 -5.24 8.74
CA LYS A 48 -1.69 -4.04 9.48
C LYS A 48 -2.00 -2.88 8.51
N VAL A 49 -2.74 -1.88 8.98
CA VAL A 49 -2.99 -0.62 8.26
C VAL A 49 -2.79 0.58 9.19
N SER A 50 -2.10 1.61 8.70
CA SER A 50 -1.81 2.88 9.37
C SER A 50 -2.34 4.08 8.59
N LEU A 51 -3.52 4.59 8.98
CA LEU A 51 -4.07 5.86 8.51
C LEU A 51 -3.43 7.05 9.26
N THR A 52 -3.06 8.10 8.53
CA THR A 52 -2.52 9.34 9.12
C THR A 52 -3.65 10.12 9.83
N PRO A 53 -3.36 10.79 10.96
CA PRO A 53 -4.35 11.52 11.77
C PRO A 53 -5.01 12.71 11.04
N ASP A 54 -4.33 13.31 10.06
CA ASP A 54 -4.84 14.38 9.20
C ASP A 54 -5.55 13.90 7.91
N PHE A 55 -5.83 12.59 7.81
CA PHE A 55 -6.45 11.94 6.65
C PHE A 55 -5.67 11.94 5.31
N SER A 56 -4.39 12.32 5.36
CA SER A 56 -3.51 12.48 4.19
C SER A 56 -3.33 11.19 3.36
N ALA A 57 -3.07 10.05 4.00
CA ALA A 57 -2.93 8.75 3.33
C ALA A 57 -3.20 7.54 4.26
N CYS A 58 -3.71 6.46 3.66
CA CYS A 58 -3.89 5.15 4.29
C CYS A 58 -2.78 4.20 3.85
N ARG A 59 -1.77 3.97 4.72
CA ARG A 59 -0.67 3.03 4.46
C ARG A 59 -1.06 1.61 4.84
N ALA A 60 -1.13 0.71 3.86
CA ALA A 60 -1.62 -0.65 4.04
C ALA A 60 -0.48 -1.66 3.83
N TYR A 61 -0.13 -2.40 4.90
CA TYR A 61 1.04 -3.27 4.95
C TYR A 61 0.75 -4.73 4.62
N TRP A 62 1.40 -5.32 3.61
CA TRP A 62 1.08 -6.68 3.12
C TRP A 62 2.24 -7.67 3.27
N LYS A 63 1.89 -8.92 3.57
CA LYS A 63 2.80 -10.03 3.90
C LYS A 63 3.47 -10.59 2.64
N THR A 64 4.80 -10.70 2.66
CA THR A 64 5.67 -11.00 1.51
C THR A 64 6.12 -12.47 1.39
N THR A 65 6.44 -12.91 0.16
CA THR A 65 7.05 -14.23 -0.13
C THR A 65 8.58 -14.21 -0.18
N LEU A 66 9.20 -15.39 -0.27
CA LEU A 66 10.64 -15.58 -0.40
C LEU A 66 11.19 -15.18 -1.79
N SER A 67 10.33 -15.10 -2.81
CA SER A 67 10.71 -14.67 -4.18
C SER A 67 10.57 -13.15 -4.34
N ALA A 68 11.69 -12.46 -4.61
CA ALA A 68 11.69 -11.02 -4.88
C ALA A 68 10.99 -10.67 -6.21
N GLU A 69 11.01 -11.57 -7.21
CA GLU A 69 10.29 -11.40 -8.47
C GLU A 69 8.77 -11.46 -8.28
N GLN A 70 8.28 -12.43 -7.51
CA GLN A 70 6.87 -12.50 -7.12
C GLN A 70 6.46 -11.33 -6.22
N ASN A 71 7.34 -10.89 -5.30
CA ASN A 71 7.09 -9.71 -4.48
C ASN A 71 6.90 -8.42 -5.30
N ALA A 72 7.78 -8.18 -6.29
CA ALA A 72 7.66 -7.03 -7.18
C ALA A 72 6.40 -7.10 -8.07
N HIS A 73 6.03 -8.30 -8.53
CA HIS A 73 4.79 -8.52 -9.29
C HIS A 73 3.54 -8.23 -8.44
N MET A 74 3.47 -8.80 -7.23
CA MET A 74 2.40 -8.54 -6.26
C MET A 74 2.32 -7.05 -5.86
N GLU A 75 3.45 -6.40 -5.63
CA GLU A 75 3.50 -4.97 -5.31
C GLU A 75 2.87 -4.10 -6.42
N ALA A 76 3.24 -4.36 -7.67
CA ALA A 76 2.74 -3.61 -8.81
C ALA A 76 1.22 -3.82 -9.04
N VAL A 77 0.72 -5.06 -9.07
CA VAL A 77 -0.73 -5.33 -9.24
C VAL A 77 -1.55 -4.79 -8.07
N LEU A 78 -1.05 -4.87 -6.84
CA LEU A 78 -1.73 -4.35 -5.66
C LEU A 78 -1.81 -2.81 -5.67
N GLN A 79 -0.75 -2.13 -6.11
CA GLN A 79 -0.75 -0.68 -6.37
C GLN A 79 -1.69 -0.26 -7.51
N ARG A 80 -1.79 -1.04 -8.61
CA ARG A 80 -2.80 -0.82 -9.67
C ARG A 80 -4.23 -1.05 -9.17
N SER A 81 -4.41 -2.01 -8.26
CA SER A 81 -5.70 -2.33 -7.64
C SER A 81 -6.21 -1.22 -6.69
N ALA A 82 -5.31 -0.41 -6.12
CA ALA A 82 -5.60 0.54 -5.04
C ALA A 82 -6.64 1.63 -5.40
N ALA A 83 -6.62 2.18 -6.61
CA ALA A 83 -7.59 3.19 -7.06
C ALA A 83 -9.02 2.63 -7.16
N HIS A 84 -9.15 1.41 -7.67
CA HIS A 84 -10.40 0.64 -7.69
C HIS A 84 -10.85 0.25 -6.28
N MET A 85 -9.94 -0.17 -5.38
CA MET A 85 -10.28 -0.35 -3.96
C MET A 85 -10.83 0.93 -3.32
N ARG A 86 -10.22 2.11 -3.60
CA ARG A 86 -10.69 3.40 -3.07
C ARG A 86 -12.15 3.67 -3.49
N HIS A 87 -12.45 3.46 -4.77
CA HIS A 87 -13.78 3.58 -5.38
C HIS A 87 -14.80 2.58 -4.81
N LEU A 88 -14.40 1.31 -4.61
CA LEU A 88 -15.25 0.28 -4.00
C LEU A 88 -15.64 0.63 -2.56
N LEU A 89 -14.68 1.08 -1.73
CA LEU A 89 -14.95 1.51 -0.35
C LEU A 89 -15.73 2.83 -0.25
N MET A 90 -15.66 3.68 -1.27
CA MET A 90 -16.43 4.93 -1.39
C MET A 90 -17.93 4.70 -1.64
N SER A 91 -18.36 3.47 -1.96
CA SER A 91 -19.77 3.10 -2.08
C SER A 91 -20.49 2.99 -0.71
N GLN A 92 -19.75 2.80 0.38
CA GLN A 92 -20.31 2.63 1.73
C GLN A 92 -20.82 3.96 2.30
N GLN A 93 -22.04 3.96 2.88
CA GLN A 93 -22.69 5.17 3.39
C GLN A 93 -21.95 5.81 4.58
N THR A 94 -21.33 4.98 5.44
CA THR A 94 -20.48 5.45 6.56
C THR A 94 -19.15 6.09 6.14
N LEU A 95 -18.52 5.56 5.09
CA LEU A 95 -17.29 6.09 4.49
C LEU A 95 -17.60 7.22 3.49
N ARG A 96 -18.15 8.32 4.01
CA ARG A 96 -18.51 9.53 3.23
C ARG A 96 -17.35 10.12 2.42
N ASN A 97 -16.12 9.92 2.90
CA ASN A 97 -14.86 10.16 2.22
C ASN A 97 -13.88 9.02 2.57
N VAL A 98 -12.98 8.66 1.65
CA VAL A 98 -11.97 7.61 1.80
C VAL A 98 -10.59 8.18 1.43
N PRO A 99 -9.56 8.05 2.29
CA PRO A 99 -8.19 8.50 2.01
C PRO A 99 -7.56 7.76 0.81
N PRO A 100 -6.53 8.32 0.14
CA PRO A 100 -5.77 7.59 -0.87
C PRO A 100 -5.04 6.40 -0.22
N ILE A 101 -5.18 5.22 -0.85
CA ILE A 101 -4.61 3.96 -0.37
C ILE A 101 -3.21 3.80 -0.95
N VAL A 102 -2.24 3.47 -0.10
CA VAL A 102 -0.83 3.29 -0.46
C VAL A 102 -0.31 1.97 0.11
N PHE A 103 0.05 1.03 -0.77
CA PHE A 103 0.54 -0.29 -0.35
C PHE A 103 2.03 -0.36 0.01
N VAL A 104 2.34 -1.09 1.09
CA VAL A 104 3.67 -1.15 1.72
C VAL A 104 4.07 -2.58 2.07
N GLN A 105 5.33 -2.95 1.82
CA GLN A 105 5.83 -4.26 2.22
C GLN A 105 5.97 -4.36 3.75
N ASP A 106 5.41 -5.40 4.37
CA ASP A 106 5.51 -5.61 5.82
C ASP A 106 6.94 -5.96 6.28
N LYS A 107 7.75 -6.53 5.37
CA LYS A 107 9.17 -6.85 5.55
C LYS A 107 10.06 -5.64 5.20
N GLY A 108 11.13 -5.44 5.97
CA GLY A 108 12.21 -4.48 5.66
C GLY A 108 13.11 -4.98 4.53
N ASN A 109 13.39 -4.11 3.54
CA ASN A 109 14.18 -4.40 2.34
C ASN A 109 15.09 -3.21 1.94
N ALA A 110 16.19 -3.50 1.24
CA ALA A 110 17.17 -2.53 0.74
C ALA A 110 17.72 -2.91 -0.65
N ALA A 111 18.29 -1.93 -1.36
CA ALA A 111 18.97 -2.10 -2.65
C ALA A 111 20.18 -1.16 -2.76
N LEU A 112 21.24 -1.63 -3.44
CA LEU A 112 22.48 -0.87 -3.67
C LEU A 112 22.29 0.27 -4.69
N ALA A 113 22.80 1.47 -4.36
CA ALA A 113 22.78 2.65 -5.23
C ALA A 113 24.10 3.48 -5.17
N GLU A 114 25.15 2.95 -4.54
CA GLU A 114 26.41 3.67 -4.25
C GLU A 114 27.51 3.48 -5.32
N LEU A 115 27.16 2.88 -6.46
CA LEU A 115 28.08 2.61 -7.58
C LEU A 115 28.52 3.89 -8.31
N ASP A 116 29.79 3.94 -8.73
CA ASP A 116 30.36 5.04 -9.52
C ASP A 116 29.91 5.13 -10.99
N GLN A 117 29.79 6.35 -11.54
CA GLN A 117 29.51 6.61 -12.94
C GLN A 117 30.73 6.31 -13.83
N LEU A 118 30.53 5.56 -14.92
CA LEU A 118 31.54 5.34 -15.97
C LEU A 118 31.62 6.55 -16.92
N LEU A 119 32.83 6.87 -17.39
CA LEU A 119 33.13 8.02 -18.25
C LEU A 119 34.16 7.68 -19.34
N ALA A 120 34.13 8.43 -20.45
CA ALA A 120 35.06 8.31 -21.58
C ALA A 120 35.23 9.67 -22.29
N VAL A 121 36.38 9.86 -22.96
CA VAL A 121 36.71 11.10 -23.70
C VAL A 121 35.97 11.17 -25.05
N ALA A 122 34.90 11.97 -25.12
CA ALA A 122 34.14 12.22 -26.34
C ALA A 122 34.81 13.25 -27.29
N ASP A 123 35.71 14.09 -26.77
CA ASP A 123 36.44 15.11 -27.52
C ASP A 123 37.46 14.56 -28.54
N SER A 124 37.44 15.08 -29.78
CA SER A 124 38.37 14.71 -30.87
C SER A 124 38.55 15.84 -31.89
N GLY A 125 39.67 15.82 -32.63
CA GLY A 125 40.03 16.82 -33.64
C GLY A 125 41.42 16.58 -34.26
N PRO A 126 41.83 17.41 -35.25
CA PRO A 126 43.13 17.31 -35.90
C PRO A 126 44.31 17.67 -34.96
N SER A 127 45.50 17.13 -35.26
CA SER A 127 46.73 17.41 -34.51
C SER A 127 47.34 18.79 -34.80
N SER A 128 47.01 19.40 -35.94
CA SER A 128 47.47 20.73 -36.39
C SER A 128 49.01 20.90 -36.44
N GLY A 129 49.71 19.84 -36.84
CA GLY A 129 51.19 19.76 -36.91
C GLY A 129 51.84 19.43 -35.57
N GLY A 1 -4.40 21.61 14.39
CA GLY A 1 -5.53 22.39 13.83
C GLY A 1 -5.57 23.80 14.37
N SER A 2 -6.71 24.49 14.23
CA SER A 2 -6.90 25.89 14.69
C SER A 2 -6.79 26.06 16.22
N SER A 3 -7.10 25.01 16.99
CA SER A 3 -6.89 24.93 18.46
C SER A 3 -5.48 24.43 18.84
N GLY A 4 -4.51 24.53 17.94
CA GLY A 4 -3.15 23.99 18.11
C GLY A 4 -3.11 22.46 18.05
N SER A 5 -2.23 21.85 18.86
CA SER A 5 -2.05 20.39 18.97
C SER A 5 -3.12 19.68 19.82
N SER A 6 -4.11 20.41 20.35
CA SER A 6 -5.14 19.89 21.26
C SER A 6 -6.05 18.83 20.61
N GLY A 7 -6.43 17.81 21.38
CA GLY A 7 -7.32 16.72 20.97
C GLY A 7 -7.64 15.76 22.14
N ARG A 8 -8.82 15.14 22.11
CA ARG A 8 -9.33 14.23 23.17
C ARG A 8 -8.84 12.79 22.99
N LYS A 9 -8.86 12.00 24.06
CA LYS A 9 -8.64 10.53 24.01
C LYS A 9 -9.66 9.82 23.10
N GLU A 10 -10.90 10.29 23.07
CA GLU A 10 -11.93 9.78 22.16
C GLU A 10 -11.67 10.10 20.67
N ASP A 11 -10.89 11.15 20.35
CA ASP A 11 -10.47 11.44 18.97
C ASP A 11 -9.47 10.40 18.47
N HIS A 12 -8.54 9.97 19.34
CA HIS A 12 -7.62 8.85 19.08
C HIS A 12 -8.39 7.53 18.93
N ALA A 13 -9.44 7.32 19.73
CA ALA A 13 -10.31 6.15 19.61
C ALA A 13 -11.09 6.11 18.28
N ARG A 14 -11.64 7.24 17.82
CA ARG A 14 -12.29 7.34 16.49
C ARG A 14 -11.32 7.13 15.33
N LEU A 15 -10.10 7.67 15.42
CA LEU A 15 -9.04 7.40 14.43
C LEU A 15 -8.68 5.91 14.38
N ARG A 16 -8.51 5.26 15.54
CA ARG A 16 -8.23 3.82 15.65
C ARG A 16 -9.38 2.97 15.09
N ALA A 17 -10.62 3.32 15.40
CA ALA A 17 -11.81 2.63 14.89
C ALA A 17 -11.94 2.73 13.36
N LEU A 18 -11.80 3.93 12.80
CA LEU A 18 -11.84 4.17 11.35
C LEU A 18 -10.69 3.44 10.62
N ASN A 19 -9.47 3.49 11.17
CA ASN A 19 -8.33 2.75 10.65
C ASN A 19 -8.54 1.22 10.68
N GLY A 20 -9.14 0.70 11.75
CA GLY A 20 -9.50 -0.73 11.89
C GLY A 20 -10.59 -1.18 10.92
N LEU A 21 -11.60 -0.33 10.67
CA LEU A 21 -12.63 -0.56 9.65
C LEU A 21 -12.04 -0.57 8.24
N LEU A 22 -11.14 0.36 7.91
CA LEU A 22 -10.39 0.36 6.64
C LEU A 22 -9.52 -0.91 6.52
N TYR A 23 -8.85 -1.33 7.60
CA TYR A 23 -8.10 -2.60 7.63
C TYR A 23 -8.92 -3.85 7.29
N LYS A 24 -10.05 -4.03 7.99
CA LYS A 24 -10.97 -5.16 7.75
C LYS A 24 -11.54 -5.11 6.33
N ALA A 25 -12.01 -3.94 5.88
CA ALA A 25 -12.63 -3.77 4.56
C ALA A 25 -11.63 -3.94 3.40
N LEU A 26 -10.41 -3.39 3.49
CA LEU A 26 -9.35 -3.61 2.50
C LEU A 26 -8.94 -5.09 2.45
N THR A 27 -8.72 -5.73 3.60
CA THR A 27 -8.46 -7.19 3.68
C THR A 27 -9.56 -8.03 3.03
N ASP A 28 -10.84 -7.65 3.21
CA ASP A 28 -11.96 -8.25 2.47
C ASP A 28 -11.90 -8.12 0.94
N LEU A 29 -11.42 -6.98 0.41
CA LEU A 29 -11.20 -6.78 -1.03
C LEU A 29 -10.03 -7.61 -1.58
N LEU A 30 -8.92 -7.74 -0.83
CA LEU A 30 -7.84 -8.68 -1.17
C LEU A 30 -8.38 -10.13 -1.23
N CYS A 31 -9.34 -10.46 -0.36
CA CYS A 31 -10.02 -11.75 -0.30
C CYS A 31 -11.16 -11.96 -1.32
N THR A 32 -11.28 -11.12 -2.37
CA THR A 32 -12.31 -11.25 -3.42
C THR A 32 -11.68 -11.04 -4.81
N PRO A 33 -12.17 -11.76 -5.85
CA PRO A 33 -11.80 -11.49 -7.25
C PRO A 33 -12.43 -10.19 -7.80
N GLU A 34 -13.33 -9.54 -7.06
CA GLU A 34 -14.05 -8.33 -7.47
C GLU A 34 -13.14 -7.11 -7.73
N VAL A 35 -12.02 -7.01 -6.99
CA VAL A 35 -10.96 -6.04 -7.29
C VAL A 35 -10.06 -6.48 -8.45
N SER A 36 -9.59 -7.73 -8.42
CA SER A 36 -8.83 -8.37 -9.49
C SER A 36 -8.80 -9.89 -9.30
N GLN A 37 -9.14 -10.64 -10.35
CA GLN A 37 -9.09 -12.11 -10.35
C GLN A 37 -7.67 -12.63 -10.11
N GLU A 38 -6.67 -11.95 -10.71
CA GLU A 38 -5.25 -12.29 -10.53
C GLU A 38 -4.77 -11.98 -9.11
N LEU A 39 -5.15 -10.84 -8.53
CA LEU A 39 -4.80 -10.50 -7.14
C LEU A 39 -5.36 -11.52 -6.14
N TYR A 40 -6.60 -11.96 -6.37
CA TYR A 40 -7.25 -13.02 -5.60
C TYR A 40 -6.57 -14.39 -5.75
N ASP A 41 -6.20 -14.77 -6.97
CA ASP A 41 -5.41 -15.98 -7.26
C ASP A 41 -3.98 -16.01 -6.68
N LEU A 42 -3.33 -14.84 -6.58
CA LEU A 42 -2.04 -14.64 -5.89
C LEU A 42 -2.16 -14.76 -4.35
N ASN A 43 -3.39 -14.74 -3.81
CA ASN A 43 -3.74 -14.97 -2.41
C ASN A 43 -2.95 -14.05 -1.43
N VAL A 44 -2.78 -12.78 -1.79
CA VAL A 44 -2.19 -11.74 -0.92
C VAL A 44 -3.09 -11.48 0.31
N GLU A 45 -2.48 -11.14 1.43
CA GLU A 45 -3.15 -10.74 2.68
C GLU A 45 -2.44 -9.56 3.36
N LEU A 46 -3.21 -8.62 3.90
CA LEU A 46 -2.68 -7.55 4.77
C LEU A 46 -2.15 -8.06 6.11
N SER A 47 -1.17 -7.35 6.66
CA SER A 47 -0.67 -7.50 8.04
C SER A 47 -1.29 -6.44 8.99
N LYS A 48 -1.40 -5.19 8.52
CA LYS A 48 -2.12 -4.07 9.17
C LYS A 48 -2.31 -2.90 8.19
N VAL A 49 -3.00 -1.86 8.64
CA VAL A 49 -3.11 -0.55 7.98
C VAL A 49 -2.77 0.57 8.97
N SER A 50 -2.11 1.63 8.49
CA SER A 50 -1.88 2.88 9.21
C SER A 50 -2.32 4.08 8.38
N LEU A 51 -3.42 4.70 8.78
CA LEU A 51 -3.93 5.98 8.28
C LEU A 51 -3.30 7.15 9.05
N THR A 52 -2.92 8.23 8.36
CA THR A 52 -2.37 9.44 9.00
C THR A 52 -3.48 10.15 9.79
N PRO A 53 -3.17 10.74 10.96
CA PRO A 53 -4.13 11.49 11.78
C PRO A 53 -4.71 12.73 11.07
N ASP A 54 -3.96 13.31 10.11
CA ASP A 54 -4.39 14.40 9.23
C ASP A 54 -5.31 14.00 8.06
N PHE A 55 -5.69 12.71 7.96
CA PHE A 55 -6.44 12.13 6.83
C PHE A 55 -5.79 12.18 5.44
N SER A 56 -4.48 12.46 5.39
CA SER A 56 -3.68 12.69 4.18
C SER A 56 -3.49 11.43 3.33
N ALA A 57 -3.12 10.29 3.92
CA ALA A 57 -2.87 9.03 3.21
C ALA A 57 -3.02 7.78 4.09
N CYS A 58 -3.48 6.69 3.46
CA CYS A 58 -3.69 5.38 4.06
C CYS A 58 -2.58 4.41 3.60
N ARG A 59 -1.62 4.09 4.49
CA ARG A 59 -0.61 3.05 4.22
C ARG A 59 -1.14 1.67 4.58
N ALA A 60 -1.28 0.80 3.59
CA ALA A 60 -1.72 -0.58 3.75
C ALA A 60 -0.53 -1.54 3.65
N TYR A 61 -0.30 -2.33 4.69
CA TYR A 61 0.86 -3.22 4.81
C TYR A 61 0.48 -4.66 4.46
N TRP A 62 1.28 -5.34 3.65
CA TRP A 62 0.95 -6.67 3.12
C TRP A 62 2.10 -7.68 3.29
N LYS A 63 1.71 -8.95 3.50
CA LYS A 63 2.64 -10.07 3.77
C LYS A 63 3.31 -10.55 2.48
N THR A 64 4.62 -10.80 2.53
CA THR A 64 5.49 -11.08 1.37
C THR A 64 6.33 -12.35 1.45
N THR A 65 6.69 -12.94 0.31
CA THR A 65 7.54 -14.15 0.20
C THR A 65 9.04 -13.86 0.18
N LEU A 66 9.86 -14.93 0.18
CA LEU A 66 11.31 -14.88 0.07
C LEU A 66 11.81 -14.53 -1.35
N SER A 67 10.97 -14.70 -2.39
CA SER A 67 11.27 -14.32 -3.77
C SER A 67 10.95 -12.84 -4.04
N ALA A 68 11.98 -12.03 -4.27
CA ALA A 68 11.81 -10.62 -4.61
C ALA A 68 11.13 -10.40 -5.98
N GLU A 69 11.28 -11.34 -6.92
CA GLU A 69 10.59 -11.30 -8.22
C GLU A 69 9.07 -11.52 -8.06
N GLN A 70 8.67 -12.50 -7.24
CA GLN A 70 7.26 -12.70 -6.89
C GLN A 70 6.69 -11.51 -6.11
N ASN A 71 7.46 -10.94 -5.17
CA ASN A 71 7.08 -9.75 -4.43
C ASN A 71 6.86 -8.53 -5.34
N ALA A 72 7.74 -8.30 -6.32
CA ALA A 72 7.57 -7.20 -7.28
C ALA A 72 6.35 -7.41 -8.20
N HIS A 73 6.06 -8.64 -8.61
CA HIS A 73 4.85 -8.98 -9.39
C HIS A 73 3.58 -8.72 -8.58
N MET A 74 3.49 -9.23 -7.35
CA MET A 74 2.37 -8.97 -6.44
C MET A 74 2.24 -7.47 -6.10
N GLU A 75 3.35 -6.77 -5.88
CA GLU A 75 3.32 -5.33 -5.62
C GLU A 75 2.75 -4.55 -6.81
N ALA A 76 3.21 -4.82 -8.04
CA ALA A 76 2.75 -4.08 -9.22
C ALA A 76 1.22 -4.21 -9.41
N VAL A 77 0.66 -5.42 -9.30
CA VAL A 77 -0.79 -5.63 -9.36
C VAL A 77 -1.55 -5.02 -8.17
N LEU A 78 -1.00 -5.10 -6.94
CA LEU A 78 -1.62 -4.55 -5.74
C LEU A 78 -1.64 -3.00 -5.74
N GLN A 79 -0.55 -2.36 -6.16
CA GLN A 79 -0.46 -0.90 -6.37
C GLN A 79 -1.40 -0.43 -7.50
N ARG A 80 -1.56 -1.20 -8.60
CA ARG A 80 -2.57 -0.97 -9.65
C ARG A 80 -4.00 -1.08 -9.12
N SER A 81 -4.24 -2.05 -8.24
CA SER A 81 -5.54 -2.32 -7.64
C SER A 81 -6.03 -1.21 -6.68
N ALA A 82 -5.11 -0.40 -6.13
CA ALA A 82 -5.38 0.56 -5.05
C ALA A 82 -6.47 1.62 -5.37
N ALA A 83 -6.48 2.21 -6.57
CA ALA A 83 -7.48 3.21 -6.95
C ALA A 83 -8.90 2.62 -7.04
N HIS A 84 -9.02 1.41 -7.58
CA HIS A 84 -10.25 0.63 -7.62
C HIS A 84 -10.68 0.18 -6.22
N MET A 85 -9.76 -0.24 -5.33
CA MET A 85 -10.09 -0.47 -3.91
C MET A 85 -10.65 0.79 -3.24
N ARG A 86 -10.10 1.97 -3.53
CA ARG A 86 -10.59 3.24 -2.96
C ARG A 86 -12.06 3.45 -3.36
N HIS A 87 -12.37 3.29 -4.66
CA HIS A 87 -13.72 3.38 -5.24
C HIS A 87 -14.70 2.35 -4.68
N LEU A 88 -14.26 1.09 -4.51
CA LEU A 88 -15.07 0.01 -3.93
C LEU A 88 -15.48 0.30 -2.48
N LEU A 89 -14.59 0.91 -1.68
CA LEU A 89 -14.92 1.36 -0.31
C LEU A 89 -15.74 2.66 -0.28
N MET A 90 -15.60 3.54 -1.28
CA MET A 90 -16.41 4.76 -1.45
C MET A 90 -17.88 4.47 -1.79
N SER A 91 -18.20 3.23 -2.19
CA SER A 91 -19.58 2.74 -2.40
C SER A 91 -20.36 2.59 -1.08
N GLN A 92 -19.69 2.41 0.05
CA GLN A 92 -20.31 2.29 1.37
C GLN A 92 -20.90 3.63 1.85
N GLN A 93 -22.12 3.61 2.41
CA GLN A 93 -22.89 4.82 2.74
C GLN A 93 -22.20 5.75 3.77
N THR A 94 -21.46 5.18 4.73
CA THR A 94 -20.65 5.93 5.70
C THR A 94 -19.41 6.61 5.15
N LEU A 95 -18.72 5.94 4.22
CA LEU A 95 -17.45 6.34 3.60
C LEU A 95 -17.67 7.27 2.39
N ARG A 96 -18.30 8.44 2.63
CA ARG A 96 -18.59 9.48 1.62
C ARG A 96 -17.34 10.01 0.90
N ASN A 97 -16.19 9.96 1.57
CA ASN A 97 -14.86 10.17 1.02
C ASN A 97 -13.89 9.17 1.68
N VAL A 98 -12.83 8.76 0.96
CA VAL A 98 -11.84 7.76 1.38
C VAL A 98 -10.43 8.24 1.02
N PRO A 99 -9.45 8.23 1.96
CA PRO A 99 -8.09 8.68 1.71
C PRO A 99 -7.35 7.82 0.65
N PRO A 100 -6.32 8.36 -0.03
CA PRO A 100 -5.54 7.63 -1.02
C PRO A 100 -4.81 6.44 -0.39
N ILE A 101 -4.93 5.27 -1.02
CA ILE A 101 -4.36 4.00 -0.57
C ILE A 101 -2.96 3.82 -1.18
N VAL A 102 -1.98 3.49 -0.35
CA VAL A 102 -0.58 3.26 -0.72
C VAL A 102 -0.07 1.95 -0.12
N PHE A 103 0.37 1.02 -0.96
CA PHE A 103 0.85 -0.30 -0.50
C PHE A 103 2.31 -0.36 -0.03
N VAL A 104 2.55 -1.08 1.09
CA VAL A 104 3.85 -1.17 1.76
C VAL A 104 4.23 -2.60 2.16
N GLN A 105 5.45 -3.03 1.82
CA GLN A 105 5.98 -4.34 2.22
C GLN A 105 6.30 -4.39 3.72
N ASP A 106 6.15 -5.56 4.35
CA ASP A 106 6.57 -5.78 5.75
C ASP A 106 8.10 -5.91 5.93
N LYS A 107 8.85 -6.19 4.84
CA LYS A 107 10.31 -6.32 4.82
C LYS A 107 11.03 -4.96 4.76
N GLY A 108 12.22 -4.89 5.36
CA GLY A 108 13.15 -3.76 5.21
C GLY A 108 13.90 -3.78 3.87
N ASN A 109 14.49 -2.64 3.48
CA ASN A 109 15.28 -2.51 2.25
C ASN A 109 16.51 -1.57 2.43
N ALA A 110 17.52 -1.75 1.58
CA ALA A 110 18.73 -0.92 1.50
C ALA A 110 19.26 -0.81 0.06
N ALA A 111 20.10 0.20 -0.22
CA ALA A 111 20.67 0.49 -1.54
C ALA A 111 22.18 0.87 -1.51
N LEU A 112 22.87 0.61 -0.38
CA LEU A 112 24.29 0.91 -0.20
C LEU A 112 25.21 -0.07 -0.97
N ALA A 113 26.42 0.39 -1.31
CA ALA A 113 27.48 -0.40 -1.94
C ALA A 113 28.88 -0.07 -1.40
N GLU A 114 29.87 -0.90 -1.74
CA GLU A 114 31.22 -0.89 -1.14
C GLU A 114 32.37 -0.74 -2.17
N LEU A 115 32.04 -0.37 -3.42
CA LEU A 115 32.98 -0.20 -4.53
C LEU A 115 33.93 1.00 -4.35
N ASP A 116 35.11 0.92 -4.96
CA ASP A 116 36.14 1.97 -4.99
C ASP A 116 36.88 2.02 -6.34
N GLN A 117 37.09 3.21 -6.90
CA GLN A 117 37.69 3.41 -8.22
C GLN A 117 39.19 3.03 -8.28
N LEU A 118 39.62 2.47 -9.41
CA LEU A 118 41.02 2.10 -9.68
C LEU A 118 41.94 3.32 -9.85
N LEU A 119 43.16 3.25 -9.34
CA LEU A 119 44.17 4.32 -9.42
C LEU A 119 44.69 4.52 -10.86
N ALA A 120 45.14 5.75 -11.16
CA ALA A 120 45.70 6.16 -12.46
C ALA A 120 46.74 7.28 -12.30
N VAL A 121 47.53 7.52 -13.36
CA VAL A 121 48.58 8.57 -13.42
C VAL A 121 48.64 9.30 -14.76
N ALA A 122 48.92 10.61 -14.74
CA ALA A 122 48.97 11.49 -15.91
C ALA A 122 50.37 11.53 -16.61
N ASP A 123 51.28 10.64 -16.25
CA ASP A 123 52.67 10.61 -16.73
C ASP A 123 52.84 10.15 -18.20
N SER A 124 52.76 11.08 -19.15
CA SER A 124 53.01 10.87 -20.58
C SER A 124 53.40 12.18 -21.29
N GLY A 125 54.09 12.07 -22.43
CA GLY A 125 54.49 13.22 -23.26
C GLY A 125 53.32 13.79 -24.09
N PRO A 126 53.02 15.10 -24.03
CA PRO A 126 51.95 15.72 -24.83
C PRO A 126 52.20 15.63 -26.35
N SER A 127 51.12 15.44 -27.11
CA SER A 127 51.15 15.47 -28.59
C SER A 127 51.23 16.91 -29.15
N SER A 128 50.55 17.86 -28.50
CA SER A 128 50.57 19.29 -28.81
C SER A 128 51.86 20.01 -28.35
N GLY A 129 52.10 21.20 -28.90
CA GLY A 129 53.28 22.06 -28.62
C GLY A 129 54.57 21.53 -29.25
N GLY A 1 8.00 11.37 18.19
CA GLY A 1 7.16 12.51 18.61
C GLY A 1 6.29 12.16 19.81
N SER A 2 5.38 13.06 20.18
CA SER A 2 4.46 12.93 21.33
C SER A 2 3.16 13.74 21.13
N SER A 3 2.13 13.42 21.93
CA SER A 3 0.79 14.05 21.86
C SER A 3 0.82 15.55 22.21
N GLY A 4 -0.05 16.33 21.56
CA GLY A 4 -0.23 17.77 21.84
C GLY A 4 -0.91 18.06 23.19
N SER A 5 -0.76 19.29 23.68
CA SER A 5 -1.35 19.74 24.96
C SER A 5 -2.88 19.62 24.98
N SER A 6 -3.41 19.04 26.06
CA SER A 6 -4.85 18.73 26.25
C SER A 6 -5.48 17.81 25.18
N GLY A 7 -4.68 17.12 24.36
CA GLY A 7 -5.15 16.16 23.36
C GLY A 7 -5.66 14.86 23.99
N ARG A 8 -6.98 14.64 23.94
CA ARG A 8 -7.64 13.45 24.53
C ARG A 8 -7.34 12.16 23.75
N LYS A 9 -7.24 11.02 24.47
CA LYS A 9 -7.01 9.68 23.90
C LYS A 9 -8.11 9.22 22.93
N GLU A 10 -9.31 9.78 23.05
CA GLU A 10 -10.44 9.53 22.14
C GLU A 10 -10.17 9.96 20.68
N ASP A 11 -9.28 10.92 20.45
CA ASP A 11 -8.82 11.25 19.08
C ASP A 11 -8.06 10.11 18.40
N HIS A 12 -7.17 9.46 19.14
CA HIS A 12 -6.52 8.20 18.70
C HIS A 12 -7.53 7.05 18.61
N ALA A 13 -8.46 6.94 19.57
CA ALA A 13 -9.48 5.90 19.59
C ALA A 13 -10.41 5.94 18.37
N ARG A 14 -10.76 7.15 17.89
CA ARG A 14 -11.57 7.41 16.70
C ARG A 14 -10.80 7.14 15.39
N LEU A 15 -9.55 7.58 15.31
CA LEU A 15 -8.65 7.26 14.19
C LEU A 15 -8.44 5.75 14.06
N ARG A 16 -8.22 5.05 15.19
CA ARG A 16 -8.11 3.59 15.30
C ARG A 16 -9.37 2.88 14.81
N ALA A 17 -10.56 3.38 15.16
CA ALA A 17 -11.82 2.78 14.75
C ALA A 17 -12.04 2.87 13.23
N LEU A 18 -11.82 4.05 12.64
CA LEU A 18 -11.92 4.28 11.20
C LEU A 18 -10.86 3.49 10.42
N ASN A 19 -9.61 3.47 10.92
CA ASN A 19 -8.52 2.65 10.40
C ASN A 19 -8.82 1.14 10.48
N GLY A 20 -9.49 0.67 11.53
CA GLY A 20 -9.95 -0.72 11.69
C GLY A 20 -11.04 -1.11 10.68
N LEU A 21 -12.00 -0.22 10.43
CA LEU A 21 -13.01 -0.39 9.38
C LEU A 21 -12.36 -0.48 7.99
N LEU A 22 -11.43 0.44 7.68
CA LEU A 22 -10.62 0.37 6.45
C LEU A 22 -9.82 -0.93 6.36
N TYR A 23 -9.17 -1.36 7.44
CA TYR A 23 -8.38 -2.61 7.48
C TYR A 23 -9.15 -3.89 7.18
N LYS A 24 -10.29 -4.08 7.86
CA LYS A 24 -11.19 -5.21 7.63
C LYS A 24 -11.76 -5.19 6.21
N ALA A 25 -12.23 -4.03 5.74
CA ALA A 25 -12.85 -3.89 4.42
C ALA A 25 -11.83 -4.04 3.26
N LEU A 26 -10.62 -3.50 3.37
CA LEU A 26 -9.54 -3.71 2.40
C LEU A 26 -9.15 -5.19 2.34
N THR A 27 -8.94 -5.83 3.49
CA THR A 27 -8.68 -7.29 3.57
C THR A 27 -9.78 -8.14 2.93
N ASP A 28 -11.05 -7.76 3.08
CA ASP A 28 -12.16 -8.36 2.34
C ASP A 28 -12.10 -8.21 0.81
N LEU A 29 -11.60 -7.09 0.28
CA LEU A 29 -11.37 -6.89 -1.16
C LEU A 29 -10.19 -7.73 -1.69
N LEU A 30 -9.10 -7.86 -0.93
CA LEU A 30 -8.02 -8.82 -1.25
C LEU A 30 -8.57 -10.27 -1.34
N CYS A 31 -9.57 -10.60 -0.53
CA CYS A 31 -10.26 -11.89 -0.51
C CYS A 31 -11.36 -12.08 -1.59
N THR A 32 -11.44 -11.21 -2.62
CA THR A 32 -12.45 -11.32 -3.70
C THR A 32 -11.82 -11.06 -5.07
N PRO A 33 -12.24 -11.77 -6.14
CA PRO A 33 -11.90 -11.44 -7.53
C PRO A 33 -12.44 -10.08 -8.01
N GLU A 34 -13.39 -9.46 -7.27
CA GLU A 34 -14.07 -8.23 -7.65
C GLU A 34 -13.15 -7.01 -7.80
N VAL A 35 -12.04 -6.97 -7.05
CA VAL A 35 -10.96 -5.99 -7.27
C VAL A 35 -10.04 -6.42 -8.42
N SER A 36 -9.57 -7.66 -8.40
CA SER A 36 -8.78 -8.30 -9.45
C SER A 36 -8.74 -9.82 -9.26
N GLN A 37 -9.06 -10.58 -10.31
CA GLN A 37 -8.92 -12.04 -10.32
C GLN A 37 -7.45 -12.49 -10.13
N GLU A 38 -6.51 -11.76 -10.73
CA GLU A 38 -5.07 -12.00 -10.57
C GLU A 38 -4.62 -11.76 -9.12
N LEU A 39 -5.06 -10.66 -8.50
CA LEU A 39 -4.74 -10.35 -7.10
C LEU A 39 -5.31 -11.41 -6.15
N TYR A 40 -6.54 -11.87 -6.39
CA TYR A 40 -7.16 -12.97 -5.65
C TYR A 40 -6.41 -14.30 -5.79
N ASP A 41 -6.03 -14.68 -7.02
CA ASP A 41 -5.20 -15.85 -7.31
C ASP A 41 -3.79 -15.85 -6.70
N LEU A 42 -3.17 -14.67 -6.58
CA LEU A 42 -1.90 -14.46 -5.86
C LEU A 42 -2.03 -14.63 -4.34
N ASN A 43 -3.26 -14.71 -3.80
CA ASN A 43 -3.55 -15.02 -2.39
C ASN A 43 -2.86 -14.10 -1.36
N VAL A 44 -2.71 -12.81 -1.70
CA VAL A 44 -2.19 -11.77 -0.80
C VAL A 44 -3.12 -11.56 0.41
N GLU A 45 -2.53 -11.14 1.54
CA GLU A 45 -3.23 -10.77 2.77
C GLU A 45 -2.53 -9.59 3.47
N LEU A 46 -3.30 -8.66 4.05
CA LEU A 46 -2.79 -7.56 4.87
C LEU A 46 -2.39 -8.02 6.29
N SER A 47 -1.27 -7.50 6.79
CA SER A 47 -0.83 -7.66 8.19
C SER A 47 -1.37 -6.57 9.12
N LYS A 48 -1.44 -5.32 8.62
CA LYS A 48 -1.90 -4.12 9.35
C LYS A 48 -2.19 -2.96 8.38
N VAL A 49 -2.90 -1.94 8.85
CA VAL A 49 -3.08 -0.66 8.15
C VAL A 49 -2.80 0.49 9.13
N SER A 50 -2.20 1.58 8.64
CA SER A 50 -1.94 2.82 9.38
C SER A 50 -2.56 4.03 8.66
N LEU A 51 -3.34 4.83 9.37
CA LEU A 51 -4.01 6.03 8.87
C LEU A 51 -3.36 7.30 9.45
N THR A 52 -3.10 8.32 8.62
CA THR A 52 -2.52 9.58 9.09
C THR A 52 -3.57 10.36 9.91
N PRO A 53 -3.16 11.04 11.00
CA PRO A 53 -4.05 11.87 11.82
C PRO A 53 -4.64 13.06 11.04
N ASP A 54 -3.92 13.57 10.04
CA ASP A 54 -4.36 14.62 9.12
C ASP A 54 -5.32 14.21 7.98
N PHE A 55 -5.69 12.92 7.93
CA PHE A 55 -6.47 12.31 6.83
C PHE A 55 -5.85 12.37 5.42
N SER A 56 -4.53 12.54 5.36
CA SER A 56 -3.74 12.70 4.13
C SER A 56 -3.58 11.40 3.33
N ALA A 57 -3.35 10.26 4.00
CA ALA A 57 -3.14 8.96 3.36
C ALA A 57 -3.47 7.76 4.27
N CYS A 58 -3.84 6.64 3.65
CA CYS A 58 -4.01 5.34 4.29
C CYS A 58 -2.93 4.36 3.78
N ARG A 59 -1.98 4.00 4.65
CA ARG A 59 -0.88 3.07 4.36
C ARG A 59 -1.25 1.63 4.75
N ALA A 60 -1.40 0.75 3.76
CA ALA A 60 -1.82 -0.63 3.97
C ALA A 60 -0.64 -1.60 3.78
N TYR A 61 -0.39 -2.44 4.78
CA TYR A 61 0.76 -3.34 4.83
C TYR A 61 0.43 -4.78 4.41
N TRP A 62 1.11 -5.32 3.40
CA TRP A 62 0.79 -6.62 2.80
C TRP A 62 1.94 -7.63 2.96
N LYS A 63 1.59 -8.91 3.17
CA LYS A 63 2.55 -9.98 3.47
C LYS A 63 3.26 -10.52 2.24
N THR A 64 4.58 -10.74 2.35
CA THR A 64 5.50 -11.03 1.25
C THR A 64 6.17 -12.41 1.28
N THR A 65 6.60 -12.88 0.11
CA THR A 65 7.34 -14.14 -0.12
C THR A 65 8.85 -14.04 0.01
N LEU A 66 9.54 -15.19 -0.03
CA LEU A 66 11.01 -15.28 -0.08
C LEU A 66 11.61 -14.87 -1.46
N SER A 67 10.79 -14.74 -2.50
CA SER A 67 11.22 -14.45 -3.88
C SER A 67 10.93 -13.00 -4.30
N ALA A 68 11.96 -12.20 -4.55
CA ALA A 68 11.80 -10.78 -4.87
C ALA A 68 11.07 -10.51 -6.20
N GLU A 69 11.20 -11.38 -7.21
CA GLU A 69 10.47 -11.25 -8.48
C GLU A 69 8.95 -11.48 -8.31
N GLN A 70 8.56 -12.42 -7.44
CA GLN A 70 7.16 -12.63 -7.04
C GLN A 70 6.64 -11.45 -6.21
N ASN A 71 7.46 -10.94 -5.29
CA ASN A 71 7.12 -9.77 -4.48
C ASN A 71 6.91 -8.50 -5.32
N ALA A 72 7.77 -8.23 -6.31
CA ALA A 72 7.61 -7.10 -7.22
C ALA A 72 6.35 -7.23 -8.10
N HIS A 73 6.01 -8.44 -8.56
CA HIS A 73 4.76 -8.71 -9.29
C HIS A 73 3.53 -8.44 -8.43
N MET A 74 3.47 -8.98 -7.20
CA MET A 74 2.40 -8.72 -6.25
C MET A 74 2.30 -7.23 -5.87
N GLU A 75 3.43 -6.55 -5.66
CA GLU A 75 3.46 -5.12 -5.34
C GLU A 75 2.84 -4.29 -6.47
N ALA A 76 3.25 -4.54 -7.72
CA ALA A 76 2.76 -3.79 -8.88
C ALA A 76 1.24 -3.95 -9.07
N VAL A 77 0.71 -5.17 -9.06
CA VAL A 77 -0.75 -5.41 -9.19
C VAL A 77 -1.55 -4.84 -8.01
N LEU A 78 -1.03 -4.93 -6.78
CA LEU A 78 -1.69 -4.41 -5.59
C LEU A 78 -1.75 -2.87 -5.58
N GLN A 79 -0.66 -2.20 -5.98
CA GLN A 79 -0.63 -0.75 -6.18
C GLN A 79 -1.57 -0.29 -7.32
N ARG A 80 -1.65 -1.05 -8.43
CA ARG A 80 -2.64 -0.82 -9.51
C ARG A 80 -4.08 -0.99 -9.03
N SER A 81 -4.31 -1.95 -8.14
CA SER A 81 -5.63 -2.23 -7.55
C SER A 81 -6.13 -1.13 -6.59
N ALA A 82 -5.25 -0.31 -6.03
CA ALA A 82 -5.54 0.64 -4.95
C ALA A 82 -6.63 1.68 -5.27
N ALA A 83 -6.64 2.26 -6.47
CA ALA A 83 -7.63 3.28 -6.87
C ALA A 83 -9.06 2.68 -6.97
N HIS A 84 -9.16 1.46 -7.51
CA HIS A 84 -10.40 0.69 -7.56
C HIS A 84 -10.85 0.22 -6.16
N MET A 85 -9.93 -0.21 -5.28
CA MET A 85 -10.24 -0.44 -3.86
C MET A 85 -10.80 0.81 -3.18
N ARG A 86 -10.24 1.99 -3.45
CA ARG A 86 -10.71 3.25 -2.87
C ARG A 86 -12.18 3.48 -3.24
N HIS A 87 -12.51 3.39 -4.53
CA HIS A 87 -13.86 3.51 -5.09
C HIS A 87 -14.85 2.47 -4.51
N LEU A 88 -14.44 1.21 -4.42
CA LEU A 88 -15.27 0.12 -3.87
C LEU A 88 -15.65 0.37 -2.39
N LEU A 89 -14.77 0.99 -1.60
CA LEU A 89 -15.07 1.39 -0.22
C LEU A 89 -15.85 2.72 -0.13
N MET A 90 -15.67 3.64 -1.08
CA MET A 90 -16.38 4.93 -1.14
C MET A 90 -17.89 4.76 -1.41
N SER A 91 -18.28 3.67 -2.08
CA SER A 91 -19.69 3.27 -2.25
C SER A 91 -20.40 2.83 -0.97
N GLN A 92 -19.67 2.50 0.11
CA GLN A 92 -20.22 2.03 1.39
C GLN A 92 -20.56 3.22 2.30
N GLN A 93 -21.75 3.23 2.92
CA GLN A 93 -22.23 4.35 3.74
C GLN A 93 -21.34 4.63 4.97
N THR A 94 -20.77 3.58 5.57
CA THR A 94 -19.79 3.65 6.68
C THR A 94 -18.42 4.26 6.35
N LEU A 95 -18.08 4.34 5.06
CA LEU A 95 -16.81 4.81 4.50
C LEU A 95 -17.06 5.76 3.31
N ARG A 96 -18.05 6.65 3.43
CA ARG A 96 -18.59 7.51 2.35
C ARG A 96 -17.54 8.39 1.65
N ASN A 97 -16.45 8.73 2.34
CA ASN A 97 -15.25 9.35 1.78
C ASN A 97 -13.99 8.63 2.31
N VAL A 98 -12.99 8.43 1.45
CA VAL A 98 -11.81 7.57 1.68
C VAL A 98 -10.52 8.25 1.20
N PRO A 99 -9.46 8.36 2.03
CA PRO A 99 -8.16 8.91 1.64
C PRO A 99 -7.42 8.03 0.61
N PRO A 100 -6.41 8.55 -0.10
CA PRO A 100 -5.60 7.75 -1.04
C PRO A 100 -4.94 6.57 -0.33
N ILE A 101 -5.07 5.38 -0.94
CA ILE A 101 -4.52 4.12 -0.44
C ILE A 101 -3.12 3.93 -1.02
N VAL A 102 -2.16 3.58 -0.17
CA VAL A 102 -0.75 3.35 -0.52
C VAL A 102 -0.28 2.01 0.05
N PHE A 103 0.16 1.10 -0.81
CA PHE A 103 0.64 -0.22 -0.39
C PHE A 103 2.10 -0.30 0.09
N VAL A 104 2.35 -1.04 1.17
CA VAL A 104 3.65 -1.14 1.87
C VAL A 104 4.02 -2.57 2.24
N GLN A 105 5.28 -2.95 2.09
CA GLN A 105 5.76 -4.29 2.42
C GLN A 105 5.76 -4.49 3.95
N ASP A 106 5.19 -5.59 4.45
CA ASP A 106 4.99 -5.85 5.89
C ASP A 106 6.23 -5.66 6.78
N LYS A 107 7.36 -6.23 6.34
CA LYS A 107 8.70 -6.18 6.96
C LYS A 107 9.52 -4.94 6.58
N GLY A 108 8.98 -4.06 5.73
CA GLY A 108 9.71 -2.98 5.06
C GLY A 108 10.58 -3.51 3.90
N ASN A 109 11.24 -2.60 3.18
CA ASN A 109 12.13 -2.96 2.08
C ASN A 109 13.48 -3.55 2.58
N ALA A 110 14.00 -4.53 1.86
CA ALA A 110 15.28 -5.20 2.14
C ALA A 110 16.05 -5.56 0.86
N ALA A 111 17.38 -5.73 0.98
CA ALA A 111 18.31 -5.95 -0.15
C ALA A 111 18.33 -7.40 -0.72
N LEU A 112 17.40 -8.26 -0.31
CA LEU A 112 17.38 -9.70 -0.67
C LEU A 112 17.20 -10.01 -2.16
N ALA A 113 16.80 -8.99 -2.94
CA ALA A 113 16.70 -9.03 -4.40
C ALA A 113 18.07 -9.17 -5.10
N GLU A 114 19.18 -8.87 -4.40
CA GLU A 114 20.55 -8.95 -4.93
C GLU A 114 21.17 -10.37 -4.92
N LEU A 115 20.36 -11.41 -4.67
CA LEU A 115 20.78 -12.81 -4.69
C LEU A 115 21.29 -13.28 -6.06
N ASP A 116 22.23 -14.23 -6.06
CA ASP A 116 22.82 -14.85 -7.25
C ASP A 116 22.91 -16.40 -7.23
N GLN A 117 22.43 -17.02 -6.15
CA GLN A 117 22.39 -18.49 -5.98
C GLN A 117 21.34 -19.17 -6.87
N LEU A 118 21.53 -20.47 -7.13
CA LEU A 118 20.60 -21.35 -7.84
C LEU A 118 20.42 -22.68 -7.08
N LEU A 119 19.19 -23.18 -7.00
CA LEU A 119 18.85 -24.42 -6.30
C LEU A 119 19.22 -25.66 -7.13
N ALA A 120 19.99 -26.58 -6.53
CA ALA A 120 20.32 -27.89 -7.09
C ALA A 120 20.60 -28.91 -5.96
N VAL A 121 20.18 -30.17 -6.15
CA VAL A 121 20.40 -31.29 -5.22
C VAL A 121 20.50 -32.65 -5.91
N ALA A 122 21.29 -33.57 -5.34
CA ALA A 122 21.41 -34.97 -5.80
C ALA A 122 21.74 -35.91 -4.62
N ASP A 123 21.22 -37.14 -4.67
CA ASP A 123 21.48 -38.18 -3.66
C ASP A 123 22.84 -38.89 -3.77
N SER A 124 23.43 -39.27 -2.63
CA SER A 124 24.69 -40.05 -2.55
C SER A 124 24.42 -41.56 -2.78
N GLY A 125 23.75 -41.89 -3.88
CA GLY A 125 23.23 -43.22 -4.18
C GLY A 125 21.96 -43.60 -3.38
N PRO A 126 21.39 -44.79 -3.61
CA PRO A 126 20.20 -45.28 -2.90
C PRO A 126 20.48 -45.61 -1.43
N SER A 127 19.43 -45.57 -0.60
CA SER A 127 19.48 -45.88 0.85
C SER A 127 18.11 -46.36 1.37
N SER A 128 18.07 -46.85 2.61
CA SER A 128 16.86 -47.26 3.32
C SER A 128 15.94 -46.11 3.79
N GLY A 129 16.39 -44.85 3.66
CA GLY A 129 15.66 -43.63 4.06
C GLY A 129 15.58 -43.44 5.58
N GLY A 1 6.75 7.25 27.05
CA GLY A 1 5.49 7.26 27.83
C GLY A 1 4.33 7.82 27.02
N SER A 2 3.10 7.64 27.51
CA SER A 2 1.86 8.11 26.87
C SER A 2 1.76 9.64 26.80
N SER A 3 1.08 10.15 25.77
CA SER A 3 0.85 11.59 25.56
C SER A 3 -0.42 11.87 24.73
N GLY A 4 -0.46 11.38 23.48
CA GLY A 4 -1.56 11.66 22.54
C GLY A 4 -1.61 13.10 21.99
N SER A 5 -0.61 13.93 22.28
CA SER A 5 -0.48 15.37 21.94
C SER A 5 -1.52 16.31 22.60
N SER A 6 -2.77 15.86 22.77
CA SER A 6 -3.87 16.61 23.42
C SER A 6 -4.84 15.67 24.16
N GLY A 7 -5.72 16.25 24.99
CA GLY A 7 -6.71 15.53 25.79
C GLY A 7 -7.90 14.95 25.00
N ARG A 8 -7.97 15.15 23.68
CA ARG A 8 -9.04 14.64 22.80
C ARG A 8 -8.94 13.14 22.52
N LYS A 9 -9.15 12.32 23.56
CA LYS A 9 -9.12 10.84 23.49
C LYS A 9 -10.09 10.26 22.45
N GLU A 10 -11.23 10.92 22.22
CA GLU A 10 -12.21 10.52 21.20
C GLU A 10 -11.67 10.65 19.75
N ASP A 11 -10.71 11.54 19.48
CA ASP A 11 -10.03 11.59 18.17
C ASP A 11 -9.09 10.41 17.93
N HIS A 12 -8.37 9.97 18.97
CA HIS A 12 -7.56 8.74 18.95
C HIS A 12 -8.45 7.51 18.77
N ALA A 13 -9.59 7.46 19.46
CA ALA A 13 -10.59 6.40 19.32
C ALA A 13 -11.19 6.35 17.91
N ARG A 14 -11.54 7.51 17.32
CA ARG A 14 -12.04 7.62 15.94
C ARG A 14 -11.01 7.15 14.92
N LEU A 15 -9.77 7.60 15.02
CA LEU A 15 -8.67 7.16 14.15
C LEU A 15 -8.45 5.64 14.26
N ARG A 16 -8.40 5.08 15.47
CA ARG A 16 -8.23 3.64 15.71
C ARG A 16 -9.36 2.81 15.08
N ALA A 17 -10.61 3.20 15.30
CA ALA A 17 -11.78 2.50 14.79
C ALA A 17 -11.89 2.57 13.26
N LEU A 18 -11.67 3.75 12.68
CA LEU A 18 -11.69 3.97 11.23
C LEU A 18 -10.53 3.23 10.53
N ASN A 19 -9.34 3.21 11.14
CA ASN A 19 -8.19 2.42 10.67
C ASN A 19 -8.48 0.90 10.70
N GLY A 20 -9.16 0.41 11.74
CA GLY A 20 -9.61 -0.99 11.83
C GLY A 20 -10.67 -1.36 10.79
N LEU A 21 -11.63 -0.47 10.53
CA LEU A 21 -12.63 -0.62 9.46
C LEU A 21 -11.96 -0.66 8.07
N LEU A 22 -11.01 0.24 7.80
CA LEU A 22 -10.22 0.23 6.57
C LEU A 22 -9.39 -1.06 6.44
N TYR A 23 -8.76 -1.56 7.53
CA TYR A 23 -8.10 -2.86 7.50
C TYR A 23 -9.00 -4.03 7.10
N LYS A 24 -10.16 -4.16 7.75
CA LYS A 24 -11.13 -5.23 7.48
C LYS A 24 -11.66 -5.15 6.05
N ALA A 25 -12.07 -3.95 5.62
CA ALA A 25 -12.68 -3.73 4.32
C ALA A 25 -11.67 -3.89 3.15
N LEU A 26 -10.44 -3.39 3.29
CA LEU A 26 -9.37 -3.63 2.30
C LEU A 26 -9.01 -5.13 2.25
N THR A 27 -8.83 -5.80 3.39
CA THR A 27 -8.57 -7.25 3.44
C THR A 27 -9.68 -8.08 2.76
N ASP A 28 -10.94 -7.68 2.90
CA ASP A 28 -12.07 -8.28 2.15
C ASP A 28 -11.98 -8.12 0.61
N LEU A 29 -11.48 -6.98 0.13
CA LEU A 29 -11.18 -6.76 -1.30
C LEU A 29 -9.97 -7.56 -1.78
N LEU A 30 -8.90 -7.69 -0.99
CA LEU A 30 -7.79 -8.63 -1.29
C LEU A 30 -8.30 -10.08 -1.39
N CYS A 31 -9.30 -10.44 -0.57
CA CYS A 31 -9.93 -11.77 -0.54
C CYS A 31 -11.00 -12.03 -1.62
N THR A 32 -11.17 -11.17 -2.64
CA THR A 32 -12.19 -11.33 -3.69
C THR A 32 -11.58 -10.96 -5.06
N PRO A 33 -12.03 -11.62 -6.16
CA PRO A 33 -11.67 -11.25 -7.53
C PRO A 33 -12.35 -9.96 -8.03
N GLU A 34 -13.29 -9.39 -7.26
CA GLU A 34 -14.06 -8.19 -7.63
C GLU A 34 -13.20 -6.94 -7.87
N VAL A 35 -12.07 -6.81 -7.15
CA VAL A 35 -11.05 -5.79 -7.44
C VAL A 35 -10.13 -6.21 -8.59
N SER A 36 -9.62 -7.45 -8.57
CA SER A 36 -8.76 -8.03 -9.59
C SER A 36 -8.66 -9.56 -9.42
N GLN A 37 -8.95 -10.31 -10.48
CA GLN A 37 -8.75 -11.76 -10.52
C GLN A 37 -7.26 -12.15 -10.33
N GLU A 38 -6.34 -11.36 -10.91
CA GLU A 38 -4.90 -11.57 -10.77
C GLU A 38 -4.47 -11.45 -9.30
N LEU A 39 -4.93 -10.41 -8.61
CA LEU A 39 -4.64 -10.19 -7.19
C LEU A 39 -5.22 -11.29 -6.29
N TYR A 40 -6.45 -11.72 -6.58
CA TYR A 40 -7.13 -12.81 -5.91
C TYR A 40 -6.43 -14.17 -6.07
N ASP A 41 -5.98 -14.49 -7.29
CA ASP A 41 -5.14 -15.67 -7.58
C ASP A 41 -3.77 -15.68 -6.88
N LEU A 42 -3.12 -14.51 -6.77
CA LEU A 42 -1.90 -14.30 -5.98
C LEU A 42 -2.13 -14.43 -4.45
N ASN A 43 -3.39 -14.49 -4.00
CA ASN A 43 -3.83 -14.82 -2.64
C ASN A 43 -3.15 -14.01 -1.51
N VAL A 44 -2.87 -12.74 -1.78
CA VAL A 44 -2.30 -11.76 -0.82
C VAL A 44 -3.24 -11.51 0.38
N GLU A 45 -2.65 -11.13 1.52
CA GLU A 45 -3.37 -10.71 2.73
C GLU A 45 -2.63 -9.52 3.39
N LEU A 46 -3.38 -8.55 3.92
CA LEU A 46 -2.82 -7.50 4.77
C LEU A 46 -2.29 -8.05 6.10
N SER A 47 -1.23 -7.42 6.61
CA SER A 47 -0.67 -7.65 7.94
C SER A 47 -1.15 -6.58 8.95
N LYS A 48 -1.24 -5.31 8.51
CA LYS A 48 -1.67 -4.13 9.28
C LYS A 48 -1.98 -2.95 8.35
N VAL A 49 -2.72 -1.96 8.86
CA VAL A 49 -2.93 -0.66 8.21
C VAL A 49 -2.52 0.46 9.18
N SER A 50 -1.84 1.48 8.67
CA SER A 50 -1.48 2.72 9.38
C SER A 50 -2.05 3.94 8.64
N LEU A 51 -3.22 4.39 9.08
CA LEU A 51 -3.85 5.65 8.68
C LEU A 51 -3.13 6.86 9.30
N THR A 52 -2.91 7.93 8.52
CA THR A 52 -2.29 9.17 9.04
C THR A 52 -3.28 9.92 9.94
N PRO A 53 -2.81 10.57 11.03
CA PRO A 53 -3.66 11.37 11.93
C PRO A 53 -4.28 12.60 11.24
N ASP A 54 -3.60 13.13 10.21
CA ASP A 54 -4.09 14.22 9.36
C ASP A 54 -5.12 13.84 8.27
N PHE A 55 -5.47 12.55 8.17
CA PHE A 55 -6.30 12.00 7.08
C PHE A 55 -5.76 12.12 5.64
N SER A 56 -4.46 12.44 5.51
CA SER A 56 -3.80 12.76 4.24
C SER A 56 -3.61 11.54 3.34
N ALA A 57 -3.27 10.39 3.94
CA ALA A 57 -3.08 9.10 3.27
C ALA A 57 -3.29 7.90 4.23
N CYS A 58 -3.51 6.72 3.66
CA CYS A 58 -3.67 5.46 4.37
C CYS A 58 -2.65 4.43 3.86
N ARG A 59 -1.65 4.07 4.68
CA ARG A 59 -0.64 3.05 4.34
C ARG A 59 -1.11 1.65 4.74
N ALA A 60 -1.31 0.78 3.75
CA ALA A 60 -1.73 -0.61 3.96
C ALA A 60 -0.55 -1.56 3.72
N TYR A 61 -0.24 -2.39 4.73
CA TYR A 61 0.89 -3.31 4.72
C TYR A 61 0.48 -4.74 4.41
N TRP A 62 1.22 -5.44 3.55
CA TRP A 62 0.86 -6.77 3.05
C TRP A 62 1.99 -7.80 3.22
N LYS A 63 1.61 -9.05 3.50
CA LYS A 63 2.51 -10.15 3.86
C LYS A 63 3.31 -10.64 2.64
N THR A 64 4.64 -10.74 2.79
CA THR A 64 5.61 -10.97 1.70
C THR A 64 6.23 -12.37 1.62
N THR A 65 6.54 -12.84 0.42
CA THR A 65 7.20 -14.13 0.15
C THR A 65 8.73 -14.11 0.19
N LEU A 66 9.36 -15.29 0.10
CA LEU A 66 10.82 -15.44 0.02
C LEU A 66 11.41 -14.97 -1.34
N SER A 67 10.59 -14.85 -2.38
CA SER A 67 11.00 -14.35 -3.70
C SER A 67 10.79 -12.85 -3.84
N ALA A 68 11.86 -12.08 -4.02
CA ALA A 68 11.79 -10.64 -4.29
C ALA A 68 11.16 -10.34 -5.67
N GLU A 69 11.29 -11.25 -6.63
CA GLU A 69 10.67 -11.19 -7.95
C GLU A 69 9.14 -11.28 -7.84
N GLN A 70 8.65 -12.26 -7.08
CA GLN A 70 7.22 -12.40 -6.75
C GLN A 70 6.72 -11.21 -5.94
N ASN A 71 7.50 -10.71 -4.98
CA ASN A 71 7.14 -9.54 -4.18
C ASN A 71 6.99 -8.27 -5.02
N ALA A 72 7.87 -8.02 -5.99
CA ALA A 72 7.75 -6.89 -6.91
C ALA A 72 6.52 -7.02 -7.84
N HIS A 73 6.18 -8.24 -8.27
CA HIS A 73 4.95 -8.51 -9.03
C HIS A 73 3.70 -8.22 -8.18
N MET A 74 3.64 -8.78 -6.97
CA MET A 74 2.56 -8.56 -6.01
C MET A 74 2.40 -7.10 -5.61
N GLU A 75 3.51 -6.35 -5.47
CA GLU A 75 3.47 -4.92 -5.18
C GLU A 75 2.74 -4.16 -6.29
N ALA A 76 3.12 -4.34 -7.55
CA ALA A 76 2.59 -3.55 -8.66
C ALA A 76 1.11 -3.83 -8.96
N VAL A 77 0.68 -5.10 -8.92
CA VAL A 77 -0.75 -5.47 -9.07
C VAL A 77 -1.62 -4.91 -7.92
N LEU A 78 -1.12 -4.95 -6.69
CA LEU A 78 -1.81 -4.41 -5.53
C LEU A 78 -1.89 -2.87 -5.55
N GLN A 79 -0.81 -2.20 -5.98
CA GLN A 79 -0.76 -0.75 -6.18
C GLN A 79 -1.69 -0.25 -7.29
N ARG A 80 -1.70 -0.89 -8.46
CA ARG A 80 -2.61 -0.51 -9.57
C ARG A 80 -4.08 -0.76 -9.20
N SER A 81 -4.34 -1.72 -8.31
CA SER A 81 -5.68 -2.02 -7.76
C SER A 81 -6.19 -0.94 -6.77
N ALA A 82 -5.31 -0.11 -6.20
CA ALA A 82 -5.63 0.79 -5.09
C ALA A 82 -6.70 1.87 -5.38
N ALA A 83 -6.68 2.48 -6.56
CA ALA A 83 -7.67 3.50 -6.94
C ALA A 83 -9.09 2.91 -7.06
N HIS A 84 -9.18 1.70 -7.62
CA HIS A 84 -10.41 0.90 -7.68
C HIS A 84 -10.84 0.42 -6.27
N MET A 85 -9.92 0.00 -5.41
CA MET A 85 -10.24 -0.26 -3.99
C MET A 85 -10.84 0.97 -3.29
N ARG A 86 -10.30 2.17 -3.53
CA ARG A 86 -10.82 3.41 -2.93
C ARG A 86 -12.28 3.61 -3.34
N HIS A 87 -12.59 3.51 -4.64
CA HIS A 87 -13.93 3.59 -5.22
C HIS A 87 -14.89 2.51 -4.66
N LEU A 88 -14.43 1.27 -4.56
CA LEU A 88 -15.18 0.15 -3.99
C LEU A 88 -15.55 0.36 -2.51
N LEU A 89 -14.67 1.01 -1.72
CA LEU A 89 -14.96 1.37 -0.32
C LEU A 89 -15.78 2.68 -0.17
N MET A 90 -15.77 3.56 -1.17
CA MET A 90 -16.48 4.85 -1.15
C MET A 90 -18.01 4.74 -1.28
N SER A 91 -18.54 3.56 -1.60
CA SER A 91 -19.99 3.28 -1.61
C SER A 91 -20.60 3.09 -0.21
N GLN A 92 -19.79 2.92 0.84
CA GLN A 92 -20.24 2.75 2.22
C GLN A 92 -20.94 4.01 2.76
N GLN A 93 -22.07 3.83 3.45
CA GLN A 93 -22.92 4.95 3.93
C GLN A 93 -22.21 5.87 4.93
N THR A 94 -21.33 5.32 5.78
CA THR A 94 -20.49 6.07 6.72
C THR A 94 -19.28 6.60 5.95
N LEU A 95 -18.46 5.71 5.37
CA LEU A 95 -17.20 6.04 4.68
C LEU A 95 -17.41 6.46 3.21
N ARG A 96 -18.24 7.47 2.98
CA ARG A 96 -18.38 8.15 1.66
C ARG A 96 -17.09 8.82 1.21
N ASN A 97 -16.37 9.45 2.15
CA ASN A 97 -15.02 9.96 1.96
C ASN A 97 -14.01 8.89 2.41
N VAL A 98 -13.01 8.60 1.56
CA VAL A 98 -11.95 7.60 1.79
C VAL A 98 -10.58 8.19 1.38
N PRO A 99 -9.55 8.14 2.24
CA PRO A 99 -8.21 8.66 1.94
C PRO A 99 -7.51 7.86 0.82
N PRO A 100 -6.49 8.42 0.14
CA PRO A 100 -5.69 7.70 -0.85
C PRO A 100 -4.95 6.52 -0.20
N ILE A 101 -5.10 5.34 -0.80
CA ILE A 101 -4.55 4.07 -0.31
C ILE A 101 -3.16 3.86 -0.91
N VAL A 102 -2.18 3.52 -0.07
CA VAL A 102 -0.77 3.34 -0.43
C VAL A 102 -0.29 1.98 0.04
N PHE A 103 0.06 1.08 -0.90
CA PHE A 103 0.48 -0.28 -0.60
C PHE A 103 1.97 -0.51 -0.35
N VAL A 104 2.31 -1.11 0.79
CA VAL A 104 3.68 -1.23 1.33
C VAL A 104 4.04 -2.64 1.79
N GLN A 105 5.25 -3.13 1.49
CA GLN A 105 5.75 -4.40 1.99
C GLN A 105 5.82 -4.42 3.52
N ASP A 106 5.26 -5.45 4.15
CA ASP A 106 5.33 -5.63 5.62
C ASP A 106 6.76 -5.83 6.16
N LYS A 107 7.62 -6.45 5.34
CA LYS A 107 9.06 -6.67 5.57
C LYS A 107 9.86 -6.53 4.27
N GLY A 108 11.06 -5.95 4.34
CA GLY A 108 11.91 -5.68 3.17
C GLY A 108 13.10 -4.76 3.47
N ASN A 109 13.74 -4.24 2.42
CA ASN A 109 14.91 -3.34 2.47
C ASN A 109 14.79 -2.18 1.45
N ALA A 110 15.57 -1.11 1.67
CA ALA A 110 15.61 0.08 0.80
C ALA A 110 16.19 -0.22 -0.61
N ALA A 111 15.75 0.56 -1.61
CA ALA A 111 16.11 0.41 -3.04
C ALA A 111 17.03 1.53 -3.58
N LEU A 112 17.70 2.28 -2.70
CA LEU A 112 18.56 3.42 -3.06
C LEU A 112 19.80 2.99 -3.86
N ALA A 113 20.24 3.83 -4.80
CA ALA A 113 21.44 3.66 -5.63
C ALA A 113 22.16 4.99 -5.92
N GLU A 114 23.41 4.89 -6.40
CA GLU A 114 24.35 6.01 -6.58
C GLU A 114 24.45 6.52 -8.04
N LEU A 115 23.50 6.11 -8.90
CA LEU A 115 23.53 6.38 -10.35
C LEU A 115 23.38 7.88 -10.70
N ASP A 116 24.14 8.33 -11.70
CA ASP A 116 24.12 9.68 -12.27
C ASP A 116 23.19 9.89 -13.48
N GLN A 117 22.79 11.15 -13.73
CA GLN A 117 22.01 11.55 -14.91
C GLN A 117 22.82 11.53 -16.22
N LEU A 118 22.11 11.53 -17.36
CA LEU A 118 22.70 11.74 -18.69
C LEU A 118 23.14 13.21 -18.89
N LEU A 119 24.07 13.43 -19.82
CA LEU A 119 24.52 14.77 -20.23
C LEU A 119 23.49 15.41 -21.19
N ALA A 120 22.78 16.45 -20.71
CA ALA A 120 21.62 17.04 -21.41
C ALA A 120 21.95 18.17 -22.41
N VAL A 121 23.23 18.50 -22.59
CA VAL A 121 23.72 19.57 -23.47
C VAL A 121 23.88 19.14 -24.93
N ALA A 122 23.62 20.10 -25.83
CA ALA A 122 23.78 20.00 -27.28
C ALA A 122 23.97 21.39 -27.93
N ASP A 123 24.71 21.44 -29.04
CA ASP A 123 24.92 22.66 -29.84
C ASP A 123 23.75 23.06 -30.76
N SER A 124 23.55 24.37 -30.96
CA SER A 124 22.52 24.95 -31.85
C SER A 124 22.87 26.39 -32.27
N GLY A 125 22.21 26.90 -33.32
CA GLY A 125 22.34 28.28 -33.80
C GLY A 125 21.48 28.59 -35.04
N PRO A 126 21.42 29.88 -35.48
CA PRO A 126 20.64 30.31 -36.64
C PRO A 126 21.09 29.70 -37.97
N SER A 127 20.18 29.67 -38.95
CA SER A 127 20.44 29.26 -40.34
C SER A 127 19.46 29.92 -41.33
N SER A 128 19.86 30.00 -42.61
CA SER A 128 19.06 30.59 -43.70
C SER A 128 19.51 30.04 -45.08
N GLY A 129 18.63 30.11 -46.08
CA GLY A 129 18.85 29.61 -47.45
C GLY A 129 18.91 28.07 -47.54
N GLY A 1 -11.61 20.85 14.64
CA GLY A 1 -12.86 21.51 15.06
C GLY A 1 -12.59 22.75 15.90
N SER A 2 -13.51 23.72 15.88
CA SER A 2 -13.38 25.02 16.56
C SER A 2 -13.33 24.95 18.09
N SER A 3 -13.80 23.84 18.70
CA SER A 3 -13.77 23.61 20.14
C SER A 3 -12.33 23.47 20.71
N GLY A 4 -11.40 22.91 19.92
CA GLY A 4 -9.99 22.78 20.30
C GLY A 4 -9.17 21.83 19.40
N SER A 5 -7.85 22.00 19.43
CA SER A 5 -6.88 21.19 18.68
C SER A 5 -6.82 19.72 19.15
N SER A 6 -6.33 18.82 18.28
CA SER A 6 -6.14 17.37 18.48
C SER A 6 -7.41 16.52 18.69
N GLY A 7 -8.48 17.09 19.25
CA GLY A 7 -9.72 16.38 19.60
C GLY A 7 -9.62 15.58 20.91
N ARG A 8 -10.72 14.92 21.27
CA ARG A 8 -10.86 14.11 22.50
C ARG A 8 -10.10 12.77 22.40
N LYS A 9 -9.84 12.12 23.54
CA LYS A 9 -9.32 10.73 23.55
C LYS A 9 -10.26 9.74 22.86
N GLU A 10 -11.57 10.00 22.90
CA GLU A 10 -12.58 9.25 22.15
C GLU A 10 -12.54 9.53 20.63
N ASP A 11 -12.06 10.70 20.20
CA ASP A 11 -11.84 10.99 18.77
C ASP A 11 -10.61 10.24 18.22
N HIS A 12 -9.59 10.04 19.05
CA HIS A 12 -8.46 9.14 18.74
C HIS A 12 -8.92 7.67 18.70
N ALA A 13 -9.85 7.27 19.56
CA ALA A 13 -10.51 5.96 19.50
C ALA A 13 -11.37 5.80 18.21
N ARG A 14 -12.08 6.85 17.77
CA ARG A 14 -12.81 6.88 16.49
C ARG A 14 -11.89 6.76 15.28
N LEU A 15 -10.73 7.42 15.28
CA LEU A 15 -9.69 7.24 14.26
C LEU A 15 -9.15 5.81 14.24
N ARG A 16 -8.91 5.20 15.41
CA ARG A 16 -8.51 3.78 15.52
C ARG A 16 -9.58 2.82 15.00
N ALA A 17 -10.86 3.10 15.26
CA ALA A 17 -11.99 2.33 14.72
C ALA A 17 -12.09 2.45 13.19
N LEU A 18 -11.92 3.65 12.63
CA LEU A 18 -11.89 3.91 11.18
C LEU A 18 -10.72 3.15 10.53
N ASN A 19 -9.54 3.18 11.15
CA ASN A 19 -8.35 2.44 10.74
C ASN A 19 -8.59 0.91 10.74
N GLY A 20 -9.30 0.39 11.75
CA GLY A 20 -9.73 -1.01 11.83
C GLY A 20 -10.75 -1.40 10.74
N LEU A 21 -11.72 -0.53 10.45
CA LEU A 21 -12.68 -0.70 9.35
C LEU A 21 -11.96 -0.72 7.99
N LEU A 22 -11.01 0.19 7.76
CA LEU A 22 -10.16 0.19 6.57
C LEU A 22 -9.35 -1.11 6.46
N TYR A 23 -8.75 -1.60 7.55
CA TYR A 23 -8.05 -2.89 7.54
C TYR A 23 -8.94 -4.08 7.14
N LYS A 24 -10.10 -4.20 7.79
CA LYS A 24 -11.05 -5.30 7.56
C LYS A 24 -11.60 -5.25 6.13
N ALA A 25 -12.03 -4.07 5.67
CA ALA A 25 -12.62 -3.88 4.35
C ALA A 25 -11.61 -4.03 3.21
N LEU A 26 -10.37 -3.52 3.35
CA LEU A 26 -9.30 -3.75 2.38
C LEU A 26 -8.95 -5.25 2.30
N THR A 27 -8.76 -5.91 3.46
CA THR A 27 -8.53 -7.37 3.51
C THR A 27 -9.64 -8.18 2.86
N ASP A 28 -10.91 -7.79 3.02
CA ASP A 28 -12.02 -8.35 2.26
C ASP A 28 -11.95 -8.20 0.73
N LEU A 29 -11.48 -7.06 0.22
CA LEU A 29 -11.24 -6.84 -1.21
C LEU A 29 -10.05 -7.65 -1.75
N LEU A 30 -8.94 -7.75 -0.99
CA LEU A 30 -7.83 -8.68 -1.31
C LEU A 30 -8.33 -10.14 -1.40
N CYS A 31 -9.34 -10.51 -0.60
CA CYS A 31 -10.00 -11.82 -0.61
C CYS A 31 -11.08 -12.02 -1.71
N THR A 32 -11.19 -11.13 -2.70
CA THR A 32 -12.20 -11.24 -3.78
C THR A 32 -11.57 -10.94 -5.15
N PRO A 33 -12.02 -11.60 -6.24
CA PRO A 33 -11.66 -11.22 -7.61
C PRO A 33 -12.32 -9.92 -8.09
N GLU A 34 -13.27 -9.35 -7.32
CA GLU A 34 -14.00 -8.13 -7.65
C GLU A 34 -13.10 -6.88 -7.80
N VAL A 35 -11.99 -6.83 -7.05
CA VAL A 35 -10.93 -5.83 -7.26
C VAL A 35 -10.01 -6.22 -8.42
N SER A 36 -9.51 -7.45 -8.42
CA SER A 36 -8.68 -8.03 -9.49
C SER A 36 -8.60 -9.55 -9.35
N GLN A 37 -8.91 -10.28 -10.42
CA GLN A 37 -8.73 -11.74 -10.48
C GLN A 37 -7.25 -12.15 -10.33
N GLU A 38 -6.32 -11.33 -10.81
CA GLU A 38 -4.88 -11.55 -10.69
C GLU A 38 -4.42 -11.43 -9.23
N LEU A 39 -4.88 -10.40 -8.53
CA LEU A 39 -4.59 -10.20 -7.10
C LEU A 39 -5.21 -11.30 -6.22
N TYR A 40 -6.42 -11.72 -6.55
CA TYR A 40 -7.12 -12.82 -5.89
C TYR A 40 -6.44 -14.19 -6.04
N ASP A 41 -5.95 -14.50 -7.25
CA ASP A 41 -5.16 -15.71 -7.53
C ASP A 41 -3.82 -15.76 -6.75
N LEU A 42 -3.17 -14.60 -6.58
CA LEU A 42 -1.95 -14.45 -5.76
C LEU A 42 -2.21 -14.61 -4.25
N ASN A 43 -3.47 -14.51 -3.81
CA ASN A 43 -3.93 -14.75 -2.43
C ASN A 43 -3.16 -13.93 -1.37
N VAL A 44 -2.88 -12.66 -1.65
CA VAL A 44 -2.23 -11.71 -0.73
C VAL A 44 -3.12 -11.45 0.51
N GLU A 45 -2.47 -11.16 1.64
CA GLU A 45 -3.12 -10.71 2.88
C GLU A 45 -2.40 -9.51 3.49
N LEU A 46 -3.15 -8.59 4.09
CA LEU A 46 -2.60 -7.50 4.91
C LEU A 46 -2.01 -8.01 6.23
N SER A 47 -1.11 -7.21 6.81
CA SER A 47 -0.57 -7.40 8.17
C SER A 47 -1.03 -6.30 9.14
N LYS A 48 -1.16 -5.05 8.66
CA LYS A 48 -1.66 -3.87 9.40
C LYS A 48 -2.05 -2.72 8.46
N VAL A 49 -2.82 -1.76 8.95
CA VAL A 49 -3.09 -0.46 8.29
C VAL A 49 -2.74 0.65 9.28
N SER A 50 -2.13 1.73 8.77
CA SER A 50 -1.87 2.98 9.48
C SER A 50 -2.47 4.17 8.72
N LEU A 51 -3.56 4.71 9.24
CA LEU A 51 -4.22 5.92 8.78
C LEU A 51 -3.59 7.17 9.41
N THR A 52 -3.32 8.21 8.63
CA THR A 52 -2.80 9.49 9.14
C THR A 52 -3.98 10.25 9.76
N PRO A 53 -3.78 10.91 10.93
CA PRO A 53 -4.84 11.67 11.61
C PRO A 53 -5.32 12.90 10.81
N ASP A 54 -4.44 13.45 9.96
CA ASP A 54 -4.75 14.51 8.98
C ASP A 54 -5.53 14.06 7.72
N PHE A 55 -5.85 12.76 7.60
CA PHE A 55 -6.47 12.16 6.42
C PHE A 55 -5.68 12.26 5.10
N SER A 56 -4.35 12.39 5.20
CA SER A 56 -3.45 12.61 4.07
C SER A 56 -3.29 11.34 3.19
N ALA A 57 -3.19 10.18 3.83
CA ALA A 57 -3.07 8.86 3.20
C ALA A 57 -3.44 7.72 4.16
N CYS A 58 -3.89 6.59 3.60
CA CYS A 58 -4.05 5.31 4.28
C CYS A 58 -2.94 4.34 3.86
N ARG A 59 -1.96 4.10 4.74
CA ARG A 59 -0.86 3.16 4.50
C ARG A 59 -1.26 1.73 4.85
N ALA A 60 -1.31 0.84 3.87
CA ALA A 60 -1.72 -0.55 4.03
C ALA A 60 -0.54 -1.51 3.83
N TYR A 61 -0.18 -2.25 4.88
CA TYR A 61 0.95 -3.18 4.88
C TYR A 61 0.57 -4.60 4.46
N TRP A 62 1.31 -5.22 3.53
CA TRP A 62 0.98 -6.53 2.96
C TRP A 62 2.12 -7.55 3.13
N LYS A 63 1.75 -8.81 3.40
CA LYS A 63 2.66 -9.93 3.71
C LYS A 63 3.36 -10.47 2.46
N THR A 64 4.68 -10.66 2.54
CA THR A 64 5.57 -10.97 1.40
C THR A 64 6.23 -12.35 1.41
N THR A 65 6.55 -12.90 0.25
CA THR A 65 7.23 -14.20 0.06
C THR A 65 8.76 -14.15 0.08
N LEU A 66 9.41 -15.31 0.04
CA LEU A 66 10.87 -15.44 -0.07
C LEU A 66 11.41 -15.04 -1.47
N SER A 67 10.57 -14.97 -2.50
CA SER A 67 10.95 -14.56 -3.86
C SER A 67 10.76 -13.06 -4.08
N ALA A 68 11.86 -12.32 -4.31
CA ALA A 68 11.79 -10.89 -4.62
C ALA A 68 11.13 -10.60 -5.98
N GLU A 69 11.22 -11.53 -6.94
CA GLU A 69 10.53 -11.42 -8.24
C GLU A 69 9.00 -11.55 -8.08
N GLN A 70 8.55 -12.51 -7.25
CA GLN A 70 7.14 -12.63 -6.88
C GLN A 70 6.65 -11.40 -6.10
N ASN A 71 7.47 -10.89 -5.17
CA ASN A 71 7.14 -9.69 -4.39
C ASN A 71 6.99 -8.44 -5.26
N ALA A 72 7.87 -8.22 -6.25
CA ALA A 72 7.74 -7.12 -7.20
C ALA A 72 6.49 -7.23 -8.08
N HIS A 73 6.11 -8.46 -8.49
CA HIS A 73 4.86 -8.72 -9.21
C HIS A 73 3.63 -8.42 -8.34
N MET A 74 3.58 -8.95 -7.11
CA MET A 74 2.52 -8.67 -6.14
C MET A 74 2.40 -7.18 -5.80
N GLU A 75 3.52 -6.47 -5.64
CA GLU A 75 3.55 -5.02 -5.39
C GLU A 75 2.87 -4.26 -6.55
N ALA A 76 3.23 -4.56 -7.80
CA ALA A 76 2.70 -3.85 -8.97
C ALA A 76 1.18 -4.05 -9.16
N VAL A 77 0.68 -5.28 -9.02
CA VAL A 77 -0.76 -5.57 -9.11
C VAL A 77 -1.56 -4.96 -7.94
N LEU A 78 -1.01 -5.00 -6.72
CA LEU A 78 -1.67 -4.43 -5.53
C LEU A 78 -1.73 -2.89 -5.57
N GLN A 79 -0.66 -2.22 -6.02
CA GLN A 79 -0.64 -0.77 -6.22
C GLN A 79 -1.59 -0.29 -7.32
N ARG A 80 -1.68 -0.98 -8.48
CA ARG A 80 -2.65 -0.60 -9.53
C ARG A 80 -4.10 -0.87 -9.11
N SER A 81 -4.31 -1.84 -8.21
CA SER A 81 -5.63 -2.14 -7.63
C SER A 81 -6.14 -1.05 -6.66
N ALA A 82 -5.24 -0.23 -6.09
CA ALA A 82 -5.53 0.70 -5.00
C ALA A 82 -6.59 1.77 -5.31
N ALA A 83 -6.58 2.37 -6.50
CA ALA A 83 -7.54 3.40 -6.90
C ALA A 83 -8.98 2.83 -7.01
N HIS A 84 -9.11 1.61 -7.53
CA HIS A 84 -10.37 0.86 -7.57
C HIS A 84 -10.82 0.43 -6.17
N MET A 85 -9.91 -0.01 -5.28
CA MET A 85 -10.25 -0.23 -3.86
C MET A 85 -10.77 1.04 -3.19
N ARG A 86 -10.18 2.21 -3.47
CA ARG A 86 -10.60 3.49 -2.88
C ARG A 86 -12.08 3.76 -3.19
N HIS A 87 -12.47 3.60 -4.46
CA HIS A 87 -13.85 3.72 -4.97
C HIS A 87 -14.80 2.65 -4.40
N LEU A 88 -14.38 1.38 -4.35
CA LEU A 88 -15.17 0.28 -3.78
C LEU A 88 -15.50 0.50 -2.30
N LEU A 89 -14.56 1.07 -1.53
CA LEU A 89 -14.80 1.44 -0.13
C LEU A 89 -15.62 2.74 0.03
N MET A 90 -15.51 3.70 -0.89
CA MET A 90 -16.35 4.90 -0.94
C MET A 90 -17.82 4.64 -1.30
N SER A 91 -18.14 3.44 -1.83
CA SER A 91 -19.50 2.96 -2.02
C SER A 91 -20.18 2.53 -0.71
N GLN A 92 -19.40 2.17 0.32
CA GLN A 92 -19.92 1.60 1.59
C GLN A 92 -20.45 2.66 2.55
N GLN A 93 -21.50 2.35 3.29
CA GLN A 93 -22.11 3.25 4.29
C GLN A 93 -21.20 3.52 5.51
N THR A 94 -20.24 2.62 5.79
CA THR A 94 -19.29 2.69 6.91
C THR A 94 -18.10 3.62 6.61
N LEU A 95 -17.83 3.94 5.33
CA LEU A 95 -16.63 4.63 4.86
C LEU A 95 -16.99 5.72 3.83
N ARG A 96 -17.79 6.71 4.27
CA ARG A 96 -18.33 7.78 3.40
C ARG A 96 -17.27 8.69 2.76
N ASN A 97 -16.09 8.78 3.38
CA ASN A 97 -14.89 9.43 2.83
C ASN A 97 -13.66 8.53 3.05
N VAL A 98 -12.83 8.38 2.03
CA VAL A 98 -11.63 7.51 2.02
C VAL A 98 -10.43 8.27 1.46
N PRO A 99 -9.29 8.34 2.17
CA PRO A 99 -8.06 8.98 1.67
C PRO A 99 -7.39 8.14 0.57
N PRO A 100 -6.38 8.65 -0.16
CA PRO A 100 -5.60 7.83 -1.10
C PRO A 100 -4.94 6.64 -0.37
N ILE A 101 -5.10 5.44 -0.93
CA ILE A 101 -4.55 4.20 -0.40
C ILE A 101 -3.13 4.02 -0.95
N VAL A 102 -2.19 3.68 -0.07
CA VAL A 102 -0.77 3.50 -0.38
C VAL A 102 -0.30 2.14 0.16
N PHE A 103 0.09 1.22 -0.71
CA PHE A 103 0.57 -0.09 -0.31
C PHE A 103 2.04 -0.15 0.13
N VAL A 104 2.33 -0.95 1.16
CA VAL A 104 3.63 -1.03 1.84
C VAL A 104 4.08 -2.46 2.11
N GLN A 105 5.31 -2.78 1.72
CA GLN A 105 5.89 -4.11 1.91
C GLN A 105 6.20 -4.40 3.39
N ASP A 106 5.80 -5.58 3.88
CA ASP A 106 6.20 -6.10 5.19
C ASP A 106 7.72 -6.17 5.46
N LYS A 107 8.51 -6.46 4.40
CA LYS A 107 9.98 -6.47 4.39
C LYS A 107 10.56 -6.18 3.00
N GLY A 108 11.82 -5.73 2.95
CA GLY A 108 12.49 -5.26 1.73
C GLY A 108 12.18 -3.79 1.38
N ASN A 109 13.01 -3.19 0.52
CA ASN A 109 12.95 -1.78 0.12
C ASN A 109 13.22 -1.56 -1.39
N ALA A 110 12.72 -0.45 -1.93
CA ALA A 110 12.97 -0.02 -3.32
C ALA A 110 14.39 0.58 -3.52
N ALA A 111 14.82 0.69 -4.79
CA ALA A 111 16.06 1.30 -5.23
C ALA A 111 15.89 2.03 -6.58
N LEU A 112 16.80 2.95 -6.88
CA LEU A 112 16.86 3.75 -8.11
C LEU A 112 18.30 3.91 -8.61
N ALA A 113 18.52 3.80 -9.93
CA ALA A 113 19.84 3.89 -10.57
C ALA A 113 20.40 5.33 -10.60
N GLU A 114 21.71 5.47 -10.42
CA GLU A 114 22.47 6.72 -10.55
C GLU A 114 22.84 7.02 -12.03
N LEU A 115 21.82 7.24 -12.87
CA LEU A 115 21.94 7.41 -14.32
C LEU A 115 22.86 8.60 -14.71
N ASP A 116 23.74 8.36 -15.69
CA ASP A 116 24.74 9.34 -16.16
C ASP A 116 24.15 10.49 -17.01
N GLN A 117 24.43 11.75 -16.64
CA GLN A 117 23.94 12.95 -17.31
C GLN A 117 24.67 13.19 -18.65
N LEU A 118 23.94 13.08 -19.77
CA LEU A 118 24.47 13.33 -21.12
C LEU A 118 24.62 14.84 -21.40
N LEU A 119 25.66 15.22 -22.15
CA LEU A 119 25.94 16.60 -22.56
C LEU A 119 25.04 17.10 -23.70
N ALA A 120 24.80 18.41 -23.73
CA ALA A 120 24.17 19.11 -24.85
C ALA A 120 25.19 19.46 -25.96
N VAL A 121 24.73 19.55 -27.22
CA VAL A 121 25.53 19.89 -28.40
C VAL A 121 24.81 20.90 -29.31
N ALA A 122 25.58 21.71 -30.04
CA ALA A 122 25.09 22.77 -30.93
C ALA A 122 26.00 23.01 -32.17
N ASP A 123 26.81 22.01 -32.54
CA ASP A 123 27.84 22.11 -33.59
C ASP A 123 27.35 22.08 -35.06
N SER A 124 26.06 21.83 -35.29
CA SER A 124 25.43 21.74 -36.62
C SER A 124 25.43 23.05 -37.41
N GLY A 125 25.63 22.96 -38.73
CA GLY A 125 25.55 24.08 -39.68
C GLY A 125 24.10 24.43 -40.12
N PRO A 126 23.95 25.28 -41.15
CA PRO A 126 22.65 25.66 -41.72
C PRO A 126 21.84 24.47 -42.25
N SER A 127 20.50 24.63 -42.31
CA SER A 127 19.56 23.60 -42.76
C SER A 127 19.77 23.18 -44.23
N SER A 128 19.59 21.88 -44.52
CA SER A 128 19.76 21.30 -45.86
C SER A 128 18.60 21.60 -46.84
N GLY A 129 17.44 22.04 -46.33
CA GLY A 129 16.24 22.41 -47.10
C GLY A 129 15.04 22.74 -46.21
N GLY A 1 -5.73 21.27 5.22
CA GLY A 1 -6.23 20.01 5.80
C GLY A 1 -7.64 20.16 6.36
N SER A 2 -8.01 19.33 7.35
CA SER A 2 -9.31 19.34 8.03
C SER A 2 -9.20 18.79 9.47
N SER A 3 -10.09 19.25 10.36
CA SER A 3 -10.17 18.84 11.77
C SER A 3 -11.57 19.12 12.37
N GLY A 4 -11.92 18.38 13.43
CA GLY A 4 -13.12 18.63 14.25
C GLY A 4 -12.97 19.81 15.23
N SER A 5 -13.93 19.96 16.14
CA SER A 5 -13.89 20.95 17.23
C SER A 5 -12.78 20.62 18.25
N SER A 6 -11.63 21.27 18.12
CA SER A 6 -10.42 21.10 18.96
C SER A 6 -9.81 19.68 18.95
N GLY A 7 -8.61 19.53 19.51
CA GLY A 7 -7.84 18.29 19.62
C GLY A 7 -8.30 17.38 20.77
N ARG A 8 -9.57 16.95 20.75
CA ARG A 8 -10.16 16.08 21.79
C ARG A 8 -9.47 14.72 21.85
N LYS A 9 -9.30 14.15 23.05
CA LYS A 9 -8.73 12.79 23.25
C LYS A 9 -9.54 11.71 22.54
N GLU A 10 -10.87 11.87 22.51
CA GLU A 10 -11.81 10.95 21.85
C GLU A 10 -11.77 10.97 20.31
N ASP A 11 -11.02 11.89 19.68
CA ASP A 11 -10.80 11.89 18.22
C ASP A 11 -9.82 10.77 17.79
N HIS A 12 -8.88 10.39 18.68
CA HIS A 12 -7.97 9.26 18.47
C HIS A 12 -8.74 7.92 18.37
N ALA A 13 -9.81 7.76 19.15
CA ALA A 13 -10.69 6.60 19.07
C ALA A 13 -11.40 6.49 17.71
N ARG A 14 -11.80 7.62 17.10
CA ARG A 14 -12.39 7.67 15.74
C ARG A 14 -11.37 7.32 14.66
N LEU A 15 -10.14 7.86 14.74
CA LEU A 15 -9.03 7.47 13.86
C LEU A 15 -8.73 5.97 13.96
N ARG A 16 -8.67 5.42 15.18
CA ARG A 16 -8.40 3.99 15.42
C ARG A 16 -9.52 3.08 14.91
N ALA A 17 -10.78 3.48 15.09
CA ALA A 17 -11.94 2.74 14.58
C ALA A 17 -12.00 2.75 13.04
N LEU A 18 -11.80 3.92 12.42
CA LEU A 18 -11.77 4.09 10.96
C LEU A 18 -10.59 3.34 10.33
N ASN A 19 -9.41 3.34 10.97
CA ASN A 19 -8.27 2.53 10.57
C ASN A 19 -8.57 1.02 10.64
N GLY A 20 -9.30 0.57 11.67
CA GLY A 20 -9.76 -0.82 11.80
C GLY A 20 -10.78 -1.23 10.73
N LEU A 21 -11.72 -0.33 10.41
CA LEU A 21 -12.69 -0.51 9.32
C LEU A 21 -11.98 -0.59 7.95
N LEU A 22 -11.04 0.31 7.67
CA LEU A 22 -10.20 0.24 6.47
C LEU A 22 -9.41 -1.06 6.42
N TYR A 23 -8.81 -1.50 7.53
CA TYR A 23 -8.10 -2.78 7.59
C TYR A 23 -8.93 -4.01 7.25
N LYS A 24 -10.10 -4.17 7.89
CA LYS A 24 -11.02 -5.27 7.61
C LYS A 24 -11.55 -5.21 6.17
N ALA A 25 -11.99 -4.03 5.71
CA ALA A 25 -12.62 -3.87 4.41
C ALA A 25 -11.63 -4.02 3.22
N LEU A 26 -10.41 -3.49 3.33
CA LEU A 26 -9.35 -3.73 2.35
C LEU A 26 -8.97 -5.21 2.32
N THR A 27 -8.73 -5.84 3.48
CA THR A 27 -8.45 -7.29 3.57
C THR A 27 -9.56 -8.16 2.98
N ASP A 28 -10.82 -7.78 3.15
CA ASP A 28 -11.97 -8.38 2.47
C ASP A 28 -11.92 -8.27 0.94
N LEU A 29 -11.61 -7.10 0.38
CA LEU A 29 -11.41 -6.91 -1.07
C LEU A 29 -10.21 -7.72 -1.61
N LEU A 30 -9.07 -7.77 -0.89
CA LEU A 30 -7.94 -8.65 -1.25
C LEU A 30 -8.37 -10.13 -1.35
N CYS A 31 -9.36 -10.56 -0.55
CA CYS A 31 -9.96 -11.89 -0.59
C CYS A 31 -11.04 -12.09 -1.69
N THR A 32 -11.23 -11.15 -2.62
CA THR A 32 -12.21 -11.21 -3.72
C THR A 32 -11.62 -10.96 -5.11
N PRO A 33 -12.20 -11.58 -6.17
CA PRO A 33 -11.90 -11.24 -7.55
C PRO A 33 -12.56 -9.92 -8.00
N GLU A 34 -13.39 -9.29 -7.17
CA GLU A 34 -14.16 -8.08 -7.47
C GLU A 34 -13.26 -6.87 -7.82
N VAL A 35 -12.13 -6.78 -7.12
CA VAL A 35 -11.07 -5.79 -7.39
C VAL A 35 -10.15 -6.27 -8.52
N SER A 36 -9.68 -7.53 -8.48
CA SER A 36 -8.83 -8.12 -9.52
C SER A 36 -8.77 -9.65 -9.43
N GLN A 37 -8.99 -10.32 -10.56
CA GLN A 37 -8.84 -11.79 -10.71
C GLN A 37 -7.40 -12.24 -10.42
N GLU A 38 -6.42 -11.50 -10.94
CA GLU A 38 -4.99 -11.77 -10.72
C GLU A 38 -4.62 -11.65 -9.24
N LEU A 39 -5.09 -10.60 -8.56
CA LEU A 39 -4.84 -10.38 -7.14
C LEU A 39 -5.48 -11.47 -6.27
N TYR A 40 -6.69 -11.91 -6.64
CA TYR A 40 -7.39 -13.02 -6.00
C TYR A 40 -6.71 -14.39 -6.15
N ASP A 41 -6.15 -14.66 -7.34
CA ASP A 41 -5.36 -15.85 -7.62
C ASP A 41 -4.03 -15.90 -6.85
N LEU A 42 -3.34 -14.75 -6.75
CA LEU A 42 -2.16 -14.57 -5.89
C LEU A 42 -2.50 -14.68 -4.39
N ASN A 43 -3.75 -14.35 -4.03
CA ASN A 43 -4.35 -14.53 -2.70
C ASN A 43 -3.56 -13.85 -1.57
N VAL A 44 -3.08 -12.63 -1.83
CA VAL A 44 -2.39 -11.75 -0.86
C VAL A 44 -3.32 -11.40 0.32
N GLU A 45 -2.71 -11.13 1.48
CA GLU A 45 -3.38 -10.66 2.71
C GLU A 45 -2.60 -9.52 3.38
N LEU A 46 -3.32 -8.54 3.93
CA LEU A 46 -2.74 -7.50 4.78
C LEU A 46 -2.24 -8.05 6.13
N SER A 47 -1.15 -7.49 6.64
CA SER A 47 -0.66 -7.70 8.00
C SER A 47 -1.19 -6.62 8.98
N LYS A 48 -1.30 -5.36 8.52
CA LYS A 48 -1.80 -4.19 9.28
C LYS A 48 -2.10 -3.00 8.36
N VAL A 49 -2.86 -2.03 8.86
CA VAL A 49 -3.03 -0.69 8.24
C VAL A 49 -2.66 0.40 9.26
N SER A 50 -1.98 1.45 8.78
CA SER A 50 -1.69 2.68 9.52
C SER A 50 -2.24 3.91 8.78
N LEU A 51 -3.26 4.54 9.36
CA LEU A 51 -3.89 5.78 8.89
C LEU A 51 -3.22 7.01 9.53
N THR A 52 -2.91 8.04 8.76
CA THR A 52 -2.29 9.27 9.28
C THR A 52 -3.34 10.11 10.03
N PRO A 53 -2.92 10.85 11.09
CA PRO A 53 -3.81 11.61 11.97
C PRO A 53 -4.48 12.81 11.28
N ASP A 54 -3.87 13.36 10.23
CA ASP A 54 -4.42 14.42 9.38
C ASP A 54 -5.27 13.91 8.19
N PHE A 55 -5.58 12.61 8.17
CA PHE A 55 -6.31 11.90 7.11
C PHE A 55 -5.64 11.84 5.72
N SER A 56 -4.37 12.23 5.62
CA SER A 56 -3.64 12.39 4.36
C SER A 56 -3.37 11.09 3.58
N ALA A 57 -3.21 9.94 4.25
CA ALA A 57 -3.03 8.63 3.59
C ALA A 57 -3.31 7.43 4.51
N CYS A 58 -3.79 6.35 3.89
CA CYS A 58 -3.93 5.01 4.46
C CYS A 58 -2.79 4.10 3.97
N ARG A 59 -1.78 3.86 4.83
CA ARG A 59 -0.68 2.93 4.53
C ARG A 59 -1.08 1.49 4.88
N ALA A 60 -1.26 0.65 3.87
CA ALA A 60 -1.68 -0.73 4.01
C ALA A 60 -0.51 -1.70 3.81
N TYR A 61 -0.12 -2.40 4.87
CA TYR A 61 0.99 -3.34 4.90
C TYR A 61 0.56 -4.76 4.53
N TRP A 62 1.30 -5.45 3.65
CA TRP A 62 0.89 -6.75 3.09
C TRP A 62 2.00 -7.79 3.09
N LYS A 63 1.64 -9.05 3.35
CA LYS A 63 2.58 -10.17 3.56
C LYS A 63 3.37 -10.51 2.30
N THR A 64 4.66 -10.76 2.46
CA THR A 64 5.66 -10.85 1.37
C THR A 64 6.43 -12.17 1.51
N THR A 65 6.91 -12.68 0.37
CA THR A 65 7.81 -13.84 0.27
C THR A 65 9.30 -13.50 0.36
N LEU A 66 10.17 -14.51 0.40
CA LEU A 66 11.64 -14.34 0.34
C LEU A 66 12.13 -13.85 -1.03
N SER A 67 11.33 -13.96 -2.09
CA SER A 67 11.67 -13.49 -3.44
C SER A 67 11.24 -12.04 -3.67
N ALA A 68 12.20 -11.13 -3.87
CA ALA A 68 11.92 -9.74 -4.22
C ALA A 68 11.25 -9.59 -5.60
N GLU A 69 11.45 -10.54 -6.52
CA GLU A 69 10.76 -10.57 -7.82
C GLU A 69 9.28 -10.93 -7.68
N GLN A 70 8.94 -11.90 -6.82
CA GLN A 70 7.55 -12.21 -6.46
C GLN A 70 6.88 -11.04 -5.74
N ASN A 71 7.60 -10.40 -4.81
CA ASN A 71 7.13 -9.20 -4.11
C ASN A 71 6.88 -8.03 -5.07
N ALA A 72 7.76 -7.79 -6.05
CA ALA A 72 7.55 -6.75 -7.06
C ALA A 72 6.34 -7.05 -7.97
N HIS A 73 6.10 -8.32 -8.34
CA HIS A 73 4.91 -8.73 -9.08
C HIS A 73 3.63 -8.49 -8.29
N MET A 74 3.56 -8.97 -7.04
CA MET A 74 2.42 -8.74 -6.15
C MET A 74 2.21 -7.25 -5.86
N GLU A 75 3.28 -6.48 -5.71
CA GLU A 75 3.19 -5.03 -5.52
C GLU A 75 2.56 -4.34 -6.74
N ALA A 76 3.00 -4.63 -7.96
CA ALA A 76 2.49 -3.97 -9.17
C ALA A 76 0.97 -4.17 -9.36
N VAL A 77 0.46 -5.39 -9.14
CA VAL A 77 -0.98 -5.69 -9.18
C VAL A 77 -1.75 -5.07 -8.01
N LEU A 78 -1.20 -5.08 -6.79
CA LEU A 78 -1.83 -4.51 -5.60
C LEU A 78 -1.89 -2.96 -5.63
N GLN A 79 -0.82 -2.30 -6.06
CA GLN A 79 -0.74 -0.85 -6.27
C GLN A 79 -1.68 -0.36 -7.38
N ARG A 80 -1.74 -1.04 -8.54
CA ARG A 80 -2.67 -0.66 -9.63
C ARG A 80 -4.14 -0.89 -9.23
N SER A 81 -4.39 -1.86 -8.34
CA SER A 81 -5.71 -2.13 -7.76
C SER A 81 -6.21 -1.04 -6.77
N ALA A 82 -5.30 -0.23 -6.22
CA ALA A 82 -5.59 0.69 -5.10
C ALA A 82 -6.67 1.75 -5.37
N ALA A 83 -6.68 2.38 -6.56
CA ALA A 83 -7.68 3.39 -6.91
C ALA A 83 -9.10 2.80 -7.02
N HIS A 84 -9.20 1.58 -7.57
CA HIS A 84 -10.44 0.80 -7.62
C HIS A 84 -10.89 0.33 -6.23
N MET A 85 -9.97 -0.10 -5.35
CA MET A 85 -10.31 -0.33 -3.94
C MET A 85 -10.85 0.92 -3.25
N ARG A 86 -10.25 2.09 -3.51
CA ARG A 86 -10.71 3.38 -2.94
C ARG A 86 -12.16 3.65 -3.33
N HIS A 87 -12.50 3.47 -4.62
CA HIS A 87 -13.85 3.57 -5.17
C HIS A 87 -14.83 2.55 -4.59
N LEU A 88 -14.42 1.26 -4.51
CA LEU A 88 -15.25 0.18 -3.97
C LEU A 88 -15.63 0.42 -2.49
N LEU A 89 -14.69 0.92 -1.67
CA LEU A 89 -14.98 1.29 -0.28
C LEU A 89 -15.79 2.60 -0.15
N MET A 90 -15.73 3.48 -1.14
CA MET A 90 -16.57 4.69 -1.26
C MET A 90 -18.02 4.40 -1.71
N SER A 91 -18.32 3.21 -2.23
CA SER A 91 -19.71 2.81 -2.57
C SER A 91 -20.63 2.73 -1.35
N GLN A 92 -20.09 2.41 -0.17
CA GLN A 92 -20.83 2.41 1.10
C GLN A 92 -20.89 3.85 1.67
N GLN A 93 -22.09 4.42 1.78
CA GLN A 93 -22.30 5.83 2.14
C GLN A 93 -21.66 6.22 3.49
N THR A 94 -21.76 5.34 4.49
CA THR A 94 -21.12 5.50 5.81
C THR A 94 -19.59 5.58 5.84
N LEU A 95 -18.94 5.04 4.79
CA LEU A 95 -17.48 5.02 4.61
C LEU A 95 -16.99 6.03 3.56
N ARG A 96 -17.88 6.80 2.90
CA ARG A 96 -17.61 7.65 1.73
C ARG A 96 -16.82 8.94 2.01
N ASN A 97 -15.67 8.79 2.67
CA ASN A 97 -14.62 9.79 2.89
C ASN A 97 -13.23 9.11 2.87
N VAL A 98 -13.04 8.12 1.98
CA VAL A 98 -11.88 7.22 1.98
C VAL A 98 -10.58 7.97 1.59
N PRO A 99 -9.50 7.87 2.40
CA PRO A 99 -8.20 8.48 2.10
C PRO A 99 -7.48 7.81 0.91
N PRO A 100 -6.42 8.43 0.37
CA PRO A 100 -5.52 7.77 -0.60
C PRO A 100 -4.91 6.49 0.00
N ILE A 101 -5.02 5.37 -0.73
CA ILE A 101 -4.48 4.07 -0.31
C ILE A 101 -3.05 3.92 -0.85
N VAL A 102 -2.12 3.53 0.01
CA VAL A 102 -0.69 3.32 -0.31
C VAL A 102 -0.24 1.96 0.19
N PHE A 103 0.12 1.05 -0.72
CA PHE A 103 0.58 -0.29 -0.35
C PHE A 103 2.06 -0.42 0.06
N VAL A 104 2.35 -1.19 1.11
CA VAL A 104 3.67 -1.28 1.76
C VAL A 104 4.12 -2.73 2.05
N GLN A 105 5.35 -3.08 1.66
CA GLN A 105 5.89 -4.42 1.90
C GLN A 105 6.09 -4.69 3.40
N ASP A 106 5.55 -5.80 3.92
CA ASP A 106 5.67 -6.19 5.33
C ASP A 106 7.11 -6.50 5.80
N LYS A 107 7.96 -6.99 4.88
CA LYS A 107 9.41 -7.21 5.07
C LYS A 107 10.24 -6.34 4.12
N GLY A 108 11.47 -6.01 4.53
CA GLY A 108 12.40 -5.19 3.74
C GLY A 108 13.04 -5.90 2.54
N ASN A 109 13.67 -5.11 1.66
CA ASN A 109 14.48 -5.58 0.52
C ASN A 109 15.74 -4.71 0.35
N ALA A 110 16.76 -5.21 -0.35
CA ALA A 110 18.04 -4.52 -0.60
C ALA A 110 18.62 -4.81 -2.00
N ALA A 111 19.39 -3.85 -2.53
CA ALA A 111 20.14 -3.93 -3.78
C ALA A 111 21.38 -3.01 -3.74
N LEU A 112 22.33 -3.24 -4.64
CA LEU A 112 23.54 -2.43 -4.85
C LEU A 112 23.77 -2.15 -6.35
N ALA A 113 24.31 -0.98 -6.68
CA ALA A 113 24.54 -0.53 -8.05
C ALA A 113 25.75 -1.21 -8.73
N GLU A 114 25.69 -1.30 -10.06
CA GLU A 114 26.65 -1.91 -10.99
C GLU A 114 27.99 -1.13 -11.19
N LEU A 115 28.46 -0.45 -10.14
CA LEU A 115 29.66 0.42 -10.18
C LEU A 115 30.96 -0.36 -10.43
N ASP A 116 31.92 0.27 -11.13
CA ASP A 116 33.25 -0.24 -11.48
C ASP A 116 34.41 0.77 -11.39
N GLN A 117 35.62 0.28 -11.12
CA GLN A 117 36.86 1.08 -11.09
C GLN A 117 37.36 1.44 -12.51
N LEU A 118 38.21 2.48 -12.60
CA LEU A 118 38.86 2.95 -13.83
C LEU A 118 40.32 3.37 -13.56
N LEU A 119 41.24 2.95 -14.43
CA LEU A 119 42.67 3.28 -14.38
C LEU A 119 43.29 3.22 -15.80
N ALA A 120 44.25 4.11 -16.07
CA ALA A 120 45.06 4.13 -17.29
C ALA A 120 46.48 4.67 -17.02
N VAL A 121 47.47 4.18 -17.77
CA VAL A 121 48.90 4.58 -17.66
C VAL A 121 49.65 4.57 -19.00
N ALA A 122 50.59 5.49 -19.18
CA ALA A 122 51.51 5.57 -20.32
C ALA A 122 52.83 6.27 -19.92
N ASP A 123 53.94 5.89 -20.54
CA ASP A 123 55.26 6.49 -20.29
C ASP A 123 55.46 7.92 -20.83
N SER A 124 55.11 8.11 -22.11
CA SER A 124 55.12 9.41 -22.84
C SER A 124 56.44 10.20 -22.83
N GLY A 125 57.59 9.56 -22.53
CA GLY A 125 58.89 10.21 -22.42
C GLY A 125 59.59 10.48 -23.77
N PRO A 126 60.55 11.43 -23.81
CA PRO A 126 61.38 11.69 -24.99
C PRO A 126 62.42 10.57 -25.25
N SER A 127 63.02 10.57 -26.45
CA SER A 127 64.08 9.64 -26.84
C SER A 127 65.02 10.26 -27.90
N SER A 128 66.31 9.89 -27.84
CA SER A 128 67.33 10.25 -28.84
C SER A 128 67.25 9.42 -30.14
N GLY A 129 66.48 8.33 -30.16
CA GLY A 129 66.28 7.42 -31.30
C GLY A 129 67.51 6.56 -31.61
N GLY A 1 -28.94 6.55 26.55
CA GLY A 1 -28.90 7.93 27.10
C GLY A 1 -27.88 8.80 26.37
N SER A 2 -28.02 10.12 26.49
CA SER A 2 -27.14 11.11 25.85
C SER A 2 -25.69 11.08 26.37
N SER A 3 -24.73 11.39 25.50
CA SER A 3 -23.28 11.40 25.80
C SER A 3 -22.79 12.59 26.64
N GLY A 4 -23.61 13.62 26.83
CA GLY A 4 -23.26 14.85 27.57
C GLY A 4 -22.40 15.82 26.75
N SER A 5 -21.57 16.62 27.44
CA SER A 5 -20.69 17.62 26.80
C SER A 5 -19.58 16.97 25.95
N SER A 6 -19.28 17.57 24.80
CA SER A 6 -18.26 17.10 23.83
C SER A 6 -16.82 17.33 24.32
N GLY A 7 -15.87 16.57 23.78
CA GLY A 7 -14.43 16.71 24.05
C GLY A 7 -13.56 16.15 22.91
N ARG A 8 -12.49 16.88 22.54
CA ARG A 8 -11.64 16.59 21.37
C ARG A 8 -10.90 15.25 21.43
N LYS A 9 -10.71 14.68 22.63
CA LYS A 9 -10.05 13.37 22.86
C LYS A 9 -10.76 12.20 22.17
N GLU A 10 -12.07 12.33 21.88
CA GLU A 10 -12.85 11.32 21.15
C GLU A 10 -12.42 11.16 19.68
N ASP A 11 -11.71 12.13 19.11
CA ASP A 11 -11.19 12.03 17.74
C ASP A 11 -10.11 10.93 17.61
N HIS A 12 -9.42 10.58 18.70
CA HIS A 12 -8.51 9.43 18.74
C HIS A 12 -9.28 8.10 18.63
N ALA A 13 -10.41 7.98 19.33
CA ALA A 13 -11.30 6.83 19.19
C ALA A 13 -11.94 6.74 17.80
N ARG A 14 -12.31 7.89 17.19
CA ARG A 14 -12.78 7.99 15.80
C ARG A 14 -11.72 7.49 14.81
N LEU A 15 -10.47 7.93 14.94
CA LEU A 15 -9.34 7.44 14.13
C LEU A 15 -9.12 5.94 14.35
N ARG A 16 -9.13 5.43 15.58
CA ARG A 16 -8.94 4.00 15.89
C ARG A 16 -10.02 3.12 15.27
N ALA A 17 -11.27 3.58 15.29
CA ALA A 17 -12.40 2.89 14.65
C ALA A 17 -12.28 2.88 13.12
N LEU A 18 -11.94 4.03 12.52
CA LEU A 18 -11.80 4.18 11.06
C LEU A 18 -10.60 3.37 10.51
N ASN A 19 -9.50 3.29 11.27
CA ASN A 19 -8.37 2.38 10.97
C ASN A 19 -8.82 0.91 10.89
N GLY A 20 -9.65 0.46 11.86
CA GLY A 20 -10.20 -0.89 11.89
C GLY A 20 -11.17 -1.18 10.73
N LEU A 21 -12.06 -0.23 10.44
CA LEU A 21 -13.00 -0.31 9.31
C LEU A 21 -12.25 -0.40 7.97
N LEU A 22 -11.24 0.46 7.73
CA LEU A 22 -10.39 0.40 6.55
C LEU A 22 -9.63 -0.92 6.49
N TYR A 23 -9.05 -1.41 7.60
CA TYR A 23 -8.35 -2.70 7.60
C TYR A 23 -9.21 -3.89 7.18
N LYS A 24 -10.39 -4.03 7.80
CA LYS A 24 -11.32 -5.14 7.51
C LYS A 24 -11.82 -5.04 6.06
N ALA A 25 -12.23 -3.86 5.62
CA ALA A 25 -12.78 -3.66 4.28
C ALA A 25 -11.74 -3.80 3.16
N LEU A 26 -10.50 -3.33 3.35
CA LEU A 26 -9.39 -3.59 2.43
C LEU A 26 -9.09 -5.10 2.37
N THR A 27 -8.96 -5.76 3.52
CA THR A 27 -8.75 -7.22 3.58
C THR A 27 -9.83 -8.04 2.90
N ASP A 28 -11.09 -7.63 3.01
CA ASP A 28 -12.21 -8.18 2.22
C ASP A 28 -12.06 -8.07 0.69
N LEU A 29 -11.54 -6.94 0.19
CA LEU A 29 -11.23 -6.78 -1.24
C LEU A 29 -10.05 -7.64 -1.68
N LEU A 30 -8.97 -7.73 -0.89
CA LEU A 30 -7.86 -8.68 -1.14
C LEU A 30 -8.37 -10.15 -1.20
N CYS A 31 -9.38 -10.50 -0.41
CA CYS A 31 -9.96 -11.85 -0.33
C CYS A 31 -10.93 -12.22 -1.47
N THR A 32 -11.22 -11.34 -2.43
CA THR A 32 -12.21 -11.55 -3.50
C THR A 32 -11.78 -11.14 -4.92
N PRO A 33 -12.19 -11.84 -6.00
CA PRO A 33 -11.80 -11.50 -7.39
C PRO A 33 -12.33 -10.17 -7.93
N GLU A 34 -13.28 -9.53 -7.24
CA GLU A 34 -13.97 -8.31 -7.66
C GLU A 34 -13.04 -7.08 -7.83
N VAL A 35 -11.94 -7.03 -7.07
CA VAL A 35 -10.87 -6.05 -7.29
C VAL A 35 -9.92 -6.46 -8.44
N SER A 36 -9.43 -7.69 -8.42
CA SER A 36 -8.58 -8.30 -9.44
C SER A 36 -8.53 -9.82 -9.28
N GLN A 37 -8.75 -10.56 -10.36
CA GLN A 37 -8.62 -12.02 -10.40
C GLN A 37 -7.18 -12.48 -10.15
N GLU A 38 -6.21 -11.74 -10.69
CA GLU A 38 -4.78 -11.98 -10.49
C GLU A 38 -4.38 -11.74 -9.02
N LEU A 39 -4.87 -10.67 -8.39
CA LEU A 39 -4.60 -10.37 -6.98
C LEU A 39 -5.19 -11.44 -6.05
N TYR A 40 -6.41 -11.90 -6.36
CA TYR A 40 -7.03 -13.04 -5.67
C TYR A 40 -6.25 -14.35 -5.80
N ASP A 41 -5.78 -14.68 -7.01
CA ASP A 41 -4.91 -15.83 -7.27
C ASP A 41 -3.53 -15.81 -6.57
N LEU A 42 -2.95 -14.62 -6.40
CA LEU A 42 -1.72 -14.38 -5.60
C LEU A 42 -1.94 -14.55 -4.09
N ASN A 43 -3.20 -14.56 -3.63
CA ASN A 43 -3.61 -14.82 -2.24
C ASN A 43 -2.91 -13.92 -1.19
N VAL A 44 -2.73 -12.63 -1.53
CA VAL A 44 -2.16 -11.61 -0.63
C VAL A 44 -3.05 -11.36 0.59
N GLU A 45 -2.43 -11.02 1.73
CA GLU A 45 -3.11 -10.67 2.98
C GLU A 45 -2.43 -9.50 3.72
N LEU A 46 -3.23 -8.55 4.21
CA LEU A 46 -2.80 -7.49 5.11
C LEU A 46 -2.53 -8.00 6.53
N SER A 47 -1.43 -7.53 7.13
CA SER A 47 -1.09 -7.72 8.55
C SER A 47 -1.64 -6.58 9.43
N LYS A 48 -1.66 -5.34 8.90
CA LYS A 48 -2.04 -4.10 9.62
C LYS A 48 -2.26 -2.92 8.67
N VAL A 49 -2.84 -1.84 9.18
CA VAL A 49 -3.03 -0.54 8.51
C VAL A 49 -2.60 0.57 9.48
N SER A 50 -1.98 1.62 8.93
CA SER A 50 -1.69 2.88 9.62
C SER A 50 -2.24 4.07 8.81
N LEU A 51 -3.27 4.72 9.35
CA LEU A 51 -3.88 5.93 8.79
C LEU A 51 -3.20 7.19 9.33
N THR A 52 -2.95 8.18 8.47
CA THR A 52 -2.39 9.48 8.89
C THR A 52 -3.51 10.29 9.58
N PRO A 53 -3.19 11.02 10.68
CA PRO A 53 -4.17 11.82 11.42
C PRO A 53 -4.74 12.99 10.59
N ASP A 54 -3.99 13.48 9.61
CA ASP A 54 -4.42 14.48 8.62
C ASP A 54 -5.31 13.96 7.47
N PHE A 55 -5.59 12.65 7.43
CA PHE A 55 -6.28 11.95 6.34
C PHE A 55 -5.60 11.95 4.95
N SER A 56 -4.32 12.32 4.90
CA SER A 56 -3.52 12.48 3.68
C SER A 56 -3.28 11.17 2.92
N ALA A 57 -3.18 10.05 3.64
CA ALA A 57 -3.05 8.69 3.10
C ALA A 57 -3.34 7.60 4.15
N CYS A 58 -3.79 6.44 3.68
CA CYS A 58 -3.90 5.19 4.42
C CYS A 58 -2.81 4.21 3.96
N ARG A 59 -1.85 3.91 4.83
CA ARG A 59 -0.77 2.94 4.57
C ARG A 59 -1.18 1.53 4.99
N ALA A 60 -1.21 0.59 4.05
CA ALA A 60 -1.72 -0.76 4.25
C ALA A 60 -0.59 -1.80 4.06
N TYR A 61 -0.26 -2.52 5.14
CA TYR A 61 0.91 -3.39 5.22
C TYR A 61 0.66 -4.88 4.94
N TRP A 62 1.27 -5.46 3.91
CA TRP A 62 0.95 -6.81 3.42
C TRP A 62 2.12 -7.80 3.53
N LYS A 63 1.77 -9.08 3.75
CA LYS A 63 2.72 -10.19 3.99
C LYS A 63 3.39 -10.66 2.69
N THR A 64 4.71 -10.75 2.71
CA THR A 64 5.58 -10.97 1.53
C THR A 64 5.98 -12.45 1.46
N THR A 65 6.31 -12.91 0.25
CA THR A 65 6.93 -14.22 -0.02
C THR A 65 8.46 -14.17 0.04
N LEU A 66 9.13 -15.32 -0.08
CA LEU A 66 10.58 -15.44 -0.20
C LEU A 66 11.13 -14.93 -1.55
N SER A 67 10.32 -14.99 -2.62
CA SER A 67 10.72 -14.54 -3.97
C SER A 67 10.58 -13.02 -4.13
N ALA A 68 11.71 -12.32 -4.29
CA ALA A 68 11.74 -10.87 -4.43
C ALA A 68 11.18 -10.36 -5.78
N GLU A 69 11.23 -11.18 -6.83
CA GLU A 69 10.56 -10.90 -8.11
C GLU A 69 9.03 -10.99 -7.96
N GLN A 70 8.53 -12.02 -7.24
CA GLN A 70 7.10 -12.13 -6.93
C GLN A 70 6.63 -11.01 -5.98
N ASN A 71 7.44 -10.58 -5.01
CA ASN A 71 7.13 -9.43 -4.16
C ASN A 71 6.98 -8.12 -4.97
N ALA A 72 7.84 -7.89 -5.96
CA ALA A 72 7.70 -6.75 -6.87
C ALA A 72 6.44 -6.86 -7.77
N HIS A 73 6.13 -8.06 -8.27
CA HIS A 73 4.91 -8.32 -9.04
C HIS A 73 3.63 -8.09 -8.21
N MET A 74 3.57 -8.65 -7.00
CA MET A 74 2.50 -8.42 -6.03
C MET A 74 2.35 -6.94 -5.67
N GLU A 75 3.45 -6.21 -5.46
CA GLU A 75 3.41 -4.77 -5.20
C GLU A 75 2.77 -4.00 -6.38
N ALA A 76 3.20 -4.27 -7.61
CA ALA A 76 2.70 -3.57 -8.79
C ALA A 76 1.20 -3.82 -9.06
N VAL A 77 0.73 -5.07 -8.96
CA VAL A 77 -0.70 -5.41 -9.10
C VAL A 77 -1.54 -4.85 -7.95
N LEU A 78 -1.06 -4.90 -6.72
CA LEU A 78 -1.76 -4.37 -5.55
C LEU A 78 -1.86 -2.83 -5.56
N GLN A 79 -0.80 -2.14 -5.98
CA GLN A 79 -0.79 -0.69 -6.21
C GLN A 79 -1.75 -0.22 -7.32
N ARG A 80 -1.78 -0.89 -8.49
CA ARG A 80 -2.75 -0.54 -9.54
C ARG A 80 -4.20 -0.91 -9.17
N SER A 81 -4.37 -1.92 -8.32
CA SER A 81 -5.68 -2.28 -7.73
C SER A 81 -6.22 -1.21 -6.76
N ALA A 82 -5.34 -0.44 -6.11
CA ALA A 82 -5.69 0.48 -5.01
C ALA A 82 -6.65 1.62 -5.40
N ALA A 83 -6.58 2.15 -6.62
CA ALA A 83 -7.50 3.20 -7.09
C ALA A 83 -8.95 2.69 -7.22
N HIS A 84 -9.11 1.46 -7.74
CA HIS A 84 -10.37 0.73 -7.77
C HIS A 84 -10.85 0.34 -6.35
N MET A 85 -9.94 -0.09 -5.46
CA MET A 85 -10.29 -0.26 -4.04
C MET A 85 -10.83 1.02 -3.40
N ARG A 86 -10.22 2.19 -3.68
CA ARG A 86 -10.67 3.48 -3.12
C ARG A 86 -12.12 3.77 -3.53
N HIS A 87 -12.45 3.60 -4.81
CA HIS A 87 -13.80 3.73 -5.38
C HIS A 87 -14.80 2.72 -4.81
N LEU A 88 -14.40 1.45 -4.63
CA LEU A 88 -15.23 0.42 -4.01
C LEU A 88 -15.56 0.76 -2.54
N LEU A 89 -14.56 1.18 -1.75
CA LEU A 89 -14.76 1.59 -0.35
C LEU A 89 -15.52 2.92 -0.20
N MET A 90 -15.54 3.77 -1.24
CA MET A 90 -16.31 5.01 -1.27
C MET A 90 -17.84 4.79 -1.33
N SER A 91 -18.30 3.57 -1.63
CA SER A 91 -19.71 3.18 -1.49
C SER A 91 -20.14 2.91 -0.04
N GLN A 92 -19.20 2.54 0.84
CA GLN A 92 -19.48 2.05 2.19
C GLN A 92 -19.78 3.20 3.16
N GLN A 93 -21.06 3.32 3.56
CA GLN A 93 -21.57 4.45 4.35
C GLN A 93 -21.00 4.51 5.79
N THR A 94 -20.43 3.41 6.29
CA THR A 94 -19.67 3.35 7.55
C THR A 94 -18.37 4.17 7.61
N LEU A 95 -17.75 4.40 6.45
CA LEU A 95 -16.53 5.21 6.31
C LEU A 95 -16.82 6.68 5.99
N ARG A 96 -15.89 7.56 6.39
CA ARG A 96 -15.82 8.97 5.97
C ARG A 96 -15.30 9.06 4.52
N ASN A 97 -15.08 10.27 3.97
CA ASN A 97 -14.40 10.45 2.69
C ASN A 97 -13.06 9.68 2.67
N VAL A 98 -12.97 8.65 1.81
CA VAL A 98 -11.90 7.65 1.82
C VAL A 98 -10.54 8.25 1.42
N PRO A 99 -9.48 8.11 2.25
CA PRO A 99 -8.14 8.61 1.95
C PRO A 99 -7.49 7.86 0.77
N PRO A 100 -6.44 8.41 0.14
CA PRO A 100 -5.61 7.69 -0.83
C PRO A 100 -5.00 6.43 -0.19
N ILE A 101 -5.15 5.28 -0.86
CA ILE A 101 -4.65 3.98 -0.37
C ILE A 101 -3.23 3.76 -0.91
N VAL A 102 -2.30 3.41 -0.03
CA VAL A 102 -0.88 3.17 -0.33
C VAL A 102 -0.45 1.82 0.25
N PHE A 103 -0.10 0.87 -0.60
CA PHE A 103 0.36 -0.45 -0.18
C PHE A 103 1.86 -0.58 0.15
N VAL A 104 2.18 -1.28 1.23
CA VAL A 104 3.52 -1.35 1.84
C VAL A 104 3.91 -2.77 2.24
N GLN A 105 5.14 -3.18 1.95
CA GLN A 105 5.63 -4.49 2.39
C GLN A 105 5.85 -4.52 3.90
N ASP A 106 5.35 -5.55 4.59
CA ASP A 106 5.61 -5.76 6.03
C ASP A 106 7.12 -5.92 6.36
N LYS A 107 7.87 -6.54 5.43
CA LYS A 107 9.33 -6.71 5.44
C LYS A 107 9.86 -6.52 4.02
N GLY A 108 10.54 -5.40 3.75
CA GLY A 108 10.96 -4.99 2.40
C GLY A 108 11.97 -5.94 1.75
N ASN A 109 11.50 -6.75 0.78
CA ASN A 109 12.25 -7.80 0.10
C ASN A 109 11.82 -7.94 -1.38
N ALA A 110 12.00 -6.89 -2.20
CA ALA A 110 11.61 -6.88 -3.62
C ALA A 110 12.75 -6.46 -4.56
N ALA A 111 12.75 -6.99 -5.79
CA ALA A 111 13.77 -6.76 -6.81
C ALA A 111 13.22 -6.81 -8.24
N LEU A 112 13.74 -5.92 -9.10
CA LEU A 112 13.51 -5.86 -10.56
C LEU A 112 14.82 -5.51 -11.30
N ALA A 113 14.93 -5.92 -12.56
CA ALA A 113 16.07 -5.63 -13.44
C ALA A 113 15.63 -5.43 -14.92
N GLU A 114 16.45 -4.71 -15.70
CA GLU A 114 16.21 -4.37 -17.12
C GLU A 114 16.49 -5.54 -18.11
N LEU A 115 16.01 -6.74 -17.78
CA LEU A 115 16.19 -7.98 -18.55
C LEU A 115 15.34 -8.04 -19.84
N ASP A 116 14.41 -7.10 -20.03
CA ASP A 116 13.53 -6.92 -21.20
C ASP A 116 14.22 -6.39 -22.48
N GLN A 117 15.37 -6.98 -22.82
CA GLN A 117 16.19 -6.62 -23.98
C GLN A 117 15.51 -6.94 -25.33
N LEU A 118 15.87 -6.19 -26.37
CA LEU A 118 15.32 -6.33 -27.73
C LEU A 118 15.68 -7.65 -28.42
N LEU A 119 14.83 -8.07 -29.38
CA LEU A 119 15.00 -9.26 -30.22
C LEU A 119 14.56 -8.95 -31.68
N ALA A 120 15.07 -9.74 -32.63
CA ALA A 120 14.79 -9.61 -34.07
C ALA A 120 14.90 -10.95 -34.81
N VAL A 121 14.34 -11.01 -36.03
CA VAL A 121 14.37 -12.17 -36.94
C VAL A 121 14.75 -11.76 -38.37
N ALA A 122 15.37 -12.67 -39.12
CA ALA A 122 15.77 -12.44 -40.51
C ALA A 122 14.58 -12.39 -41.50
N ASP A 123 13.49 -13.11 -41.20
CA ASP A 123 12.25 -13.13 -41.98
C ASP A 123 10.99 -13.24 -41.09
N SER A 124 10.09 -12.25 -41.18
CA SER A 124 8.85 -12.16 -40.38
C SER A 124 7.69 -13.03 -40.90
N GLY A 125 7.79 -13.60 -42.11
CA GLY A 125 6.77 -14.44 -42.75
C GLY A 125 7.33 -15.76 -43.32
N PRO A 126 7.88 -16.66 -42.49
CA PRO A 126 8.50 -17.92 -42.93
C PRO A 126 7.50 -18.97 -43.46
N SER A 127 6.20 -18.80 -43.23
CA SER A 127 5.12 -19.71 -43.63
C SER A 127 3.79 -18.97 -43.89
N SER A 128 2.85 -19.65 -44.55
CA SER A 128 1.55 -19.11 -45.01
C SER A 128 1.67 -17.96 -46.02
N GLY A 129 0.52 -17.42 -46.48
CA GLY A 129 0.41 -16.33 -47.46
C GLY A 129 0.83 -14.96 -46.92
N GLY A 1 12.14 13.33 14.53
CA GLY A 1 11.88 12.09 15.29
C GLY A 1 10.63 11.38 14.77
N SER A 2 10.61 10.05 14.84
CA SER A 2 9.51 9.20 14.36
C SER A 2 8.28 9.14 15.30
N SER A 3 8.43 9.53 16.56
CA SER A 3 7.36 9.53 17.58
C SER A 3 6.22 10.50 17.24
N GLY A 4 4.97 10.11 17.54
CA GLY A 4 3.78 10.95 17.36
C GLY A 4 3.69 12.12 18.35
N SER A 5 3.08 13.22 17.91
CA SER A 5 2.80 14.41 18.73
C SER A 5 1.64 14.21 19.71
N SER A 6 1.61 15.04 20.78
CA SER A 6 0.52 15.07 21.76
C SER A 6 -0.78 15.65 21.16
N GLY A 7 -1.94 15.20 21.66
CA GLY A 7 -3.27 15.64 21.21
C GLY A 7 -4.42 14.99 21.98
N ARG A 8 -5.66 15.38 21.63
CA ARG A 8 -6.90 14.87 22.26
C ARG A 8 -7.13 13.39 21.99
N LYS A 9 -7.36 12.60 23.05
CA LYS A 9 -7.45 11.12 22.99
C LYS A 9 -8.63 10.59 22.16
N GLU A 10 -9.75 11.31 22.10
CA GLU A 10 -10.92 10.87 21.31
C GLU A 10 -10.69 10.99 19.79
N ASP A 11 -9.83 11.90 19.33
CA ASP A 11 -9.38 11.92 17.93
C ASP A 11 -8.45 10.77 17.55
N HIS A 12 -7.57 10.37 18.48
CA HIS A 12 -6.73 9.17 18.34
C HIS A 12 -7.60 7.90 18.33
N ALA A 13 -8.64 7.83 19.17
CA ALA A 13 -9.61 6.73 19.18
C ALA A 13 -10.42 6.66 17.86
N ARG A 14 -10.86 7.81 17.32
CA ARG A 14 -11.53 7.90 16.02
C ARG A 14 -10.62 7.44 14.87
N LEU A 15 -9.36 7.88 14.85
CA LEU A 15 -8.36 7.43 13.87
C LEU A 15 -8.13 5.92 13.96
N ARG A 16 -7.98 5.35 15.17
CA ARG A 16 -7.77 3.91 15.39
C ARG A 16 -8.98 3.08 14.97
N ALA A 17 -10.19 3.55 15.23
CA ALA A 17 -11.43 2.90 14.78
C ALA A 17 -11.54 2.88 13.24
N LEU A 18 -11.33 4.03 12.58
CA LEU A 18 -11.39 4.16 11.13
C LEU A 18 -10.27 3.35 10.43
N ASN A 19 -9.06 3.35 11.01
CA ASN A 19 -7.93 2.54 10.58
C ASN A 19 -8.23 1.03 10.63
N GLY A 20 -8.88 0.55 11.70
CA GLY A 20 -9.31 -0.84 11.85
C GLY A 20 -10.44 -1.24 10.89
N LEU A 21 -11.41 -0.35 10.66
CA LEU A 21 -12.48 -0.54 9.67
C LEU A 21 -11.91 -0.62 8.25
N LEU A 22 -10.98 0.26 7.89
CA LEU A 22 -10.26 0.18 6.61
C LEU A 22 -9.43 -1.10 6.51
N TYR A 23 -8.75 -1.55 7.56
CA TYR A 23 -8.05 -2.84 7.55
C TYR A 23 -8.95 -4.03 7.20
N LYS A 24 -10.10 -4.14 7.88
CA LYS A 24 -11.07 -5.23 7.66
C LYS A 24 -11.65 -5.16 6.24
N ALA A 25 -12.08 -3.97 5.81
CA ALA A 25 -12.71 -3.78 4.51
C ALA A 25 -11.74 -3.94 3.32
N LEU A 26 -10.49 -3.47 3.43
CA LEU A 26 -9.44 -3.74 2.44
C LEU A 26 -9.12 -5.23 2.37
N THR A 27 -8.91 -5.89 3.51
CA THR A 27 -8.68 -7.35 3.57
C THR A 27 -9.81 -8.16 2.94
N ASP A 28 -11.06 -7.74 3.11
CA ASP A 28 -12.21 -8.30 2.38
C ASP A 28 -12.12 -8.19 0.84
N LEU A 29 -11.62 -7.08 0.31
CA LEU A 29 -11.38 -6.91 -1.13
C LEU A 29 -10.18 -7.72 -1.64
N LEU A 30 -9.08 -7.83 -0.87
CA LEU A 30 -7.99 -8.75 -1.17
C LEU A 30 -8.49 -10.21 -1.25
N CYS A 31 -9.48 -10.57 -0.43
CA CYS A 31 -10.14 -11.88 -0.42
C CYS A 31 -11.20 -12.10 -1.52
N THR A 32 -11.29 -11.25 -2.56
CA THR A 32 -12.28 -11.40 -3.66
C THR A 32 -11.61 -11.12 -5.01
N PRO A 33 -12.00 -11.82 -6.09
CA PRO A 33 -11.60 -11.50 -7.46
C PRO A 33 -12.28 -10.22 -8.01
N GLU A 34 -13.26 -9.65 -7.29
CA GLU A 34 -14.01 -8.44 -7.67
C GLU A 34 -13.13 -7.20 -7.84
N VAL A 35 -12.02 -7.11 -7.08
CA VAL A 35 -10.98 -6.09 -7.29
C VAL A 35 -10.02 -6.47 -8.43
N SER A 36 -9.50 -7.70 -8.41
CA SER A 36 -8.66 -8.27 -9.46
C SER A 36 -8.57 -9.80 -9.32
N GLN A 37 -8.85 -10.53 -10.39
CA GLN A 37 -8.67 -11.99 -10.45
C GLN A 37 -7.21 -12.43 -10.24
N GLU A 38 -6.26 -11.64 -10.75
CA GLU A 38 -4.82 -11.87 -10.57
C GLU A 38 -4.41 -11.69 -9.10
N LEU A 39 -4.87 -10.60 -8.46
CA LEU A 39 -4.60 -10.33 -7.04
C LEU A 39 -5.19 -11.41 -6.13
N TYR A 40 -6.41 -11.86 -6.43
CA TYR A 40 -7.07 -12.96 -5.73
C TYR A 40 -6.34 -14.30 -5.84
N ASP A 41 -5.89 -14.66 -7.06
CA ASP A 41 -5.04 -15.83 -7.30
C ASP A 41 -3.65 -15.79 -6.63
N LEU A 42 -3.06 -14.60 -6.48
CA LEU A 42 -1.83 -14.38 -5.70
C LEU A 42 -2.03 -14.56 -4.18
N ASN A 43 -3.28 -14.65 -3.70
CA ASN A 43 -3.63 -14.97 -2.31
C ASN A 43 -2.99 -14.04 -1.24
N VAL A 44 -2.81 -12.76 -1.58
CA VAL A 44 -2.32 -11.71 -0.68
C VAL A 44 -3.25 -11.48 0.52
N GLU A 45 -2.68 -11.09 1.67
CA GLU A 45 -3.43 -10.69 2.87
C GLU A 45 -2.67 -9.59 3.66
N LEU A 46 -3.40 -8.58 4.16
CA LEU A 46 -2.84 -7.51 4.99
C LEU A 46 -2.33 -8.00 6.35
N SER A 47 -1.21 -7.45 6.79
CA SER A 47 -0.67 -7.59 8.15
C SER A 47 -1.05 -6.40 9.05
N LYS A 48 -1.18 -5.20 8.48
CA LYS A 48 -1.32 -3.92 9.18
C LYS A 48 -1.84 -2.80 8.25
N VAL A 49 -2.49 -1.79 8.82
CA VAL A 49 -2.84 -0.52 8.15
C VAL A 49 -2.42 0.61 9.07
N SER A 50 -1.88 1.69 8.49
CA SER A 50 -1.45 2.91 9.18
C SER A 50 -1.99 4.15 8.46
N LEU A 51 -3.09 4.68 8.98
CA LEU A 51 -3.78 5.88 8.53
C LEU A 51 -3.08 7.15 9.05
N THR A 52 -2.90 8.17 8.19
CA THR A 52 -2.30 9.45 8.60
C THR A 52 -3.29 10.26 9.47
N PRO A 53 -2.79 10.99 10.49
CA PRO A 53 -3.62 11.85 11.35
C PRO A 53 -4.27 13.01 10.58
N ASP A 54 -3.63 13.50 9.51
CA ASP A 54 -4.12 14.54 8.61
C ASP A 54 -5.13 14.09 7.53
N PHE A 55 -5.42 12.78 7.45
CA PHE A 55 -6.21 12.16 6.38
C PHE A 55 -5.64 12.24 4.94
N SER A 56 -4.36 12.58 4.82
CA SER A 56 -3.64 12.78 3.54
C SER A 56 -3.40 11.47 2.77
N ALA A 57 -3.26 10.35 3.49
CA ALA A 57 -3.05 9.00 2.95
C ALA A 57 -3.43 7.91 3.96
N CYS A 58 -3.72 6.70 3.45
CA CYS A 58 -3.89 5.48 4.23
C CYS A 58 -2.93 4.40 3.71
N ARG A 59 -1.89 4.08 4.50
CA ARG A 59 -0.91 3.04 4.15
C ARG A 59 -1.38 1.65 4.54
N ALA A 60 -1.19 0.66 3.68
CA ALA A 60 -1.61 -0.71 3.87
C ALA A 60 -0.44 -1.69 3.65
N TYR A 61 -0.11 -2.43 4.71
CA TYR A 61 0.99 -3.37 4.79
C TYR A 61 0.54 -4.83 4.63
N TRP A 62 1.30 -5.66 3.92
CA TRP A 62 0.87 -7.02 3.55
C TRP A 62 1.97 -8.09 3.70
N LYS A 63 1.53 -9.34 3.92
CA LYS A 63 2.41 -10.51 4.20
C LYS A 63 3.07 -11.03 2.93
N THR A 64 4.41 -10.95 2.86
CA THR A 64 5.22 -11.24 1.66
C THR A 64 5.78 -12.66 1.54
N THR A 65 6.12 -13.07 0.31
CA THR A 65 6.80 -14.33 -0.03
C THR A 65 8.32 -14.32 0.21
N LEU A 66 8.99 -15.47 0.02
CA LEU A 66 10.46 -15.57 0.07
C LEU A 66 11.15 -14.88 -1.13
N SER A 67 10.50 -14.83 -2.29
CA SER A 67 11.09 -14.34 -3.55
C SER A 67 10.81 -12.86 -3.79
N ALA A 68 11.85 -12.02 -3.84
CA ALA A 68 11.70 -10.57 -3.99
C ALA A 68 11.09 -10.14 -5.35
N GLU A 69 11.32 -10.91 -6.43
CA GLU A 69 10.67 -10.66 -7.73
C GLU A 69 9.15 -10.95 -7.72
N GLN A 70 8.73 -11.99 -6.99
CA GLN A 70 7.31 -12.27 -6.74
C GLN A 70 6.67 -11.18 -5.85
N ASN A 71 7.42 -10.71 -4.85
CA ASN A 71 6.99 -9.63 -3.96
C ASN A 71 6.81 -8.29 -4.69
N ALA A 72 7.73 -7.94 -5.60
CA ALA A 72 7.61 -6.76 -6.45
C ALA A 72 6.42 -6.86 -7.43
N HIS A 73 6.14 -8.04 -7.98
CA HIS A 73 4.95 -8.28 -8.81
C HIS A 73 3.66 -8.07 -8.01
N MET A 74 3.55 -8.67 -6.82
CA MET A 74 2.43 -8.47 -5.92
C MET A 74 2.25 -7.00 -5.51
N GLU A 75 3.33 -6.30 -5.19
CA GLU A 75 3.30 -4.87 -4.84
C GLU A 75 2.75 -4.03 -6.00
N ALA A 76 3.17 -4.29 -7.24
CA ALA A 76 2.71 -3.55 -8.41
C ALA A 76 1.22 -3.80 -8.76
N VAL A 77 0.75 -5.05 -8.76
CA VAL A 77 -0.68 -5.35 -8.99
C VAL A 77 -1.57 -4.82 -7.86
N LEU A 78 -1.11 -4.89 -6.61
CA LEU A 78 -1.83 -4.36 -5.45
C LEU A 78 -1.94 -2.82 -5.48
N GLN A 79 -0.88 -2.12 -5.92
CA GLN A 79 -0.92 -0.68 -6.21
C GLN A 79 -1.89 -0.32 -7.35
N ARG A 80 -1.83 -1.08 -8.46
CA ARG A 80 -2.76 -0.94 -9.61
C ARG A 80 -4.23 -1.15 -9.21
N SER A 81 -4.46 -2.02 -8.23
CA SER A 81 -5.79 -2.29 -7.65
C SER A 81 -6.30 -1.19 -6.70
N ALA A 82 -5.43 -0.32 -6.17
CA ALA A 82 -5.75 0.61 -5.09
C ALA A 82 -6.82 1.67 -5.41
N ALA A 83 -6.82 2.24 -6.63
CA ALA A 83 -7.83 3.23 -7.04
C ALA A 83 -9.24 2.63 -7.10
N HIS A 84 -9.36 1.40 -7.60
CA HIS A 84 -10.60 0.61 -7.61
C HIS A 84 -11.02 0.20 -6.19
N MET A 85 -10.08 -0.20 -5.32
CA MET A 85 -10.38 -0.40 -3.89
C MET A 85 -10.94 0.87 -3.23
N ARG A 86 -10.37 2.06 -3.52
CA ARG A 86 -10.87 3.32 -2.95
C ARG A 86 -12.33 3.56 -3.35
N HIS A 87 -12.65 3.39 -4.63
CA HIS A 87 -14.01 3.48 -5.19
C HIS A 87 -14.98 2.46 -4.58
N LEU A 88 -14.56 1.21 -4.39
CA LEU A 88 -15.36 0.15 -3.77
C LEU A 88 -15.67 0.47 -2.29
N LEU A 89 -14.71 1.03 -1.54
CA LEU A 89 -14.91 1.46 -0.15
C LEU A 89 -15.65 2.80 -0.01
N MET A 90 -15.72 3.62 -1.07
CA MET A 90 -16.48 4.87 -1.13
C MET A 90 -18.00 4.66 -1.21
N SER A 91 -18.45 3.44 -1.55
CA SER A 91 -19.87 3.04 -1.52
C SER A 91 -20.45 2.93 -0.09
N GLN A 92 -19.61 2.89 0.95
CA GLN A 92 -20.04 2.84 2.35
C GLN A 92 -20.67 4.19 2.76
N GLN A 93 -21.98 4.18 3.04
CA GLN A 93 -22.79 5.40 3.25
C GLN A 93 -22.43 6.19 4.51
N THR A 94 -21.94 5.51 5.56
CA THR A 94 -21.55 6.11 6.85
C THR A 94 -20.15 6.74 6.83
N LEU A 95 -19.26 6.30 5.95
CA LEU A 95 -17.86 6.72 5.86
C LEU A 95 -17.69 8.06 5.11
N ARG A 96 -16.78 8.92 5.59
CA ARG A 96 -16.39 10.20 4.95
C ARG A 96 -15.57 9.96 3.67
N ASN A 97 -15.23 11.02 2.93
CA ASN A 97 -14.36 10.98 1.74
C ASN A 97 -13.08 10.16 2.00
N VAL A 98 -12.94 9.02 1.32
CA VAL A 98 -11.90 8.00 1.58
C VAL A 98 -10.50 8.47 1.15
N PRO A 99 -9.48 8.39 2.03
CA PRO A 99 -8.10 8.79 1.70
C PRO A 99 -7.47 7.91 0.62
N PRO A 100 -6.46 8.40 -0.13
CA PRO A 100 -5.73 7.58 -1.10
C PRO A 100 -5.00 6.42 -0.42
N ILE A 101 -5.16 5.22 -0.98
CA ILE A 101 -4.61 3.98 -0.44
C ILE A 101 -3.21 3.75 -1.01
N VAL A 102 -2.23 3.47 -0.14
CA VAL A 102 -0.81 3.31 -0.50
C VAL A 102 -0.28 1.97 -0.01
N PHE A 103 0.09 1.08 -0.93
CA PHE A 103 0.56 -0.27 -0.60
C PHE A 103 2.05 -0.45 -0.30
N VAL A 104 2.37 -1.23 0.74
CA VAL A 104 3.74 -1.39 1.27
C VAL A 104 4.10 -2.83 1.64
N GLN A 105 5.24 -3.33 1.14
CA GLN A 105 5.82 -4.60 1.58
C GLN A 105 6.30 -4.49 3.05
N ASP A 106 5.76 -5.34 3.94
CA ASP A 106 5.99 -5.21 5.38
C ASP A 106 7.33 -5.84 5.80
N LYS A 107 7.90 -6.74 4.99
CA LYS A 107 9.12 -7.52 5.29
C LYS A 107 10.40 -6.72 5.04
N GLY A 108 10.42 -5.90 3.99
CA GLY A 108 11.55 -5.04 3.60
C GLY A 108 12.77 -5.75 2.98
N ASN A 109 12.71 -7.07 2.77
CA ASN A 109 13.80 -7.87 2.18
C ASN A 109 13.91 -7.70 0.64
N ALA A 110 15.11 -7.91 0.11
CA ALA A 110 15.43 -7.90 -1.32
C ALA A 110 16.44 -9.01 -1.69
N ALA A 111 16.53 -9.37 -2.97
CA ALA A 111 17.44 -10.37 -3.52
C ALA A 111 17.98 -9.94 -4.89
N LEU A 112 19.26 -10.25 -5.16
CA LEU A 112 19.93 -10.01 -6.45
C LEU A 112 19.49 -11.04 -7.51
N ALA A 113 19.41 -10.60 -8.77
CA ALA A 113 19.14 -11.46 -9.92
C ALA A 113 20.36 -12.26 -10.39
N GLU A 114 20.13 -13.21 -11.30
CA GLU A 114 21.13 -14.09 -11.92
C GLU A 114 20.74 -14.39 -13.38
N LEU A 115 21.53 -13.88 -14.32
CA LEU A 115 21.33 -14.05 -15.77
C LEU A 115 21.69 -15.47 -16.25
N ASP A 116 21.01 -15.93 -17.32
CA ASP A 116 21.21 -17.22 -17.97
C ASP A 116 21.12 -17.14 -19.51
N GLN A 117 22.10 -17.70 -20.24
CA GLN A 117 22.19 -17.67 -21.70
C GLN A 117 22.68 -19.01 -22.28
N LEU A 118 22.24 -19.33 -23.51
CA LEU A 118 22.56 -20.56 -24.24
C LEU A 118 22.85 -20.28 -25.72
N LEU A 119 23.58 -21.20 -26.38
CA LEU A 119 23.94 -21.15 -27.80
C LEU A 119 24.08 -22.58 -28.37
N ALA A 120 23.67 -22.77 -29.63
CA ALA A 120 23.73 -24.06 -30.34
C ALA A 120 23.94 -23.87 -31.87
N VAL A 121 24.45 -24.91 -32.53
CA VAL A 121 24.67 -24.98 -33.99
C VAL A 121 24.37 -26.37 -34.56
N ALA A 122 23.98 -26.44 -35.83
CA ALA A 122 23.65 -27.68 -36.55
C ALA A 122 24.02 -27.61 -38.04
N ASP A 123 24.23 -28.77 -38.67
CA ASP A 123 24.54 -28.95 -40.10
C ASP A 123 23.34 -29.00 -41.06
N SER A 124 22.15 -28.62 -40.59
CA SER A 124 20.88 -28.66 -41.31
C SER A 124 20.86 -27.84 -42.61
N GLY A 125 20.13 -28.31 -43.62
CA GLY A 125 19.99 -27.66 -44.93
C GLY A 125 18.99 -28.38 -45.86
N PRO A 126 18.79 -27.88 -47.10
CA PRO A 126 17.87 -28.47 -48.07
C PRO A 126 18.33 -29.85 -48.59
N SER A 127 17.37 -30.66 -49.03
CA SER A 127 17.59 -32.02 -49.56
C SER A 127 16.46 -32.45 -50.53
N SER A 128 16.61 -33.62 -51.15
CA SER A 128 15.61 -34.22 -52.05
C SER A 128 14.34 -34.77 -51.34
N GLY A 129 14.27 -34.72 -50.01
CA GLY A 129 13.16 -35.22 -49.18
C GLY A 129 11.86 -34.44 -49.35
N GLY A 1 7.34 0.30 17.70
CA GLY A 1 7.69 1.23 16.60
C GLY A 1 6.66 1.16 15.47
N SER A 2 6.55 2.25 14.70
CA SER A 2 5.55 2.51 13.64
C SER A 2 4.09 2.50 14.12
N SER A 3 3.14 2.80 13.22
CA SER A 3 1.69 2.85 13.48
C SER A 3 1.23 3.86 14.56
N GLY A 4 2.03 4.90 14.83
CA GLY A 4 1.74 5.93 15.82
C GLY A 4 0.61 6.89 15.40
N SER A 5 -0.16 7.37 16.38
CA SER A 5 -1.25 8.35 16.21
C SER A 5 -1.53 9.07 17.54
N SER A 6 -1.91 10.36 17.47
CA SER A 6 -2.19 11.22 18.64
C SER A 6 -3.18 12.35 18.31
N GLY A 7 -3.84 12.88 19.35
CA GLY A 7 -4.86 13.94 19.25
C GLY A 7 -5.77 13.99 20.48
N ARG A 8 -6.92 14.66 20.36
CA ARG A 8 -7.99 14.62 21.37
C ARG A 8 -8.56 13.20 21.49
N LYS A 9 -8.96 12.77 22.69
CA LYS A 9 -9.31 11.37 22.98
C LYS A 9 -10.40 10.77 22.08
N GLU A 10 -11.45 11.54 21.76
CA GLU A 10 -12.53 11.07 20.88
C GLU A 10 -12.15 11.12 19.38
N ASP A 11 -11.31 12.07 18.95
CA ASP A 11 -10.74 12.07 17.60
C ASP A 11 -9.74 10.94 17.32
N HIS A 12 -8.95 10.59 18.34
CA HIS A 12 -8.09 9.41 18.34
C HIS A 12 -8.91 8.12 18.31
N ALA A 13 -10.03 8.06 19.05
CA ALA A 13 -10.99 6.96 18.98
C ALA A 13 -11.63 6.82 17.58
N ARG A 14 -12.05 7.94 16.97
CA ARG A 14 -12.57 7.98 15.58
C ARG A 14 -11.54 7.48 14.56
N LEU A 15 -10.29 7.97 14.64
CA LEU A 15 -9.18 7.51 13.79
C LEU A 15 -8.91 6.01 13.96
N ARG A 16 -8.86 5.50 15.20
CA ARG A 16 -8.62 4.09 15.50
C ARG A 16 -9.73 3.18 14.98
N ALA A 17 -10.99 3.60 15.12
CA ALA A 17 -12.15 2.86 14.62
C ALA A 17 -12.18 2.82 13.08
N LEU A 18 -12.00 3.98 12.43
CA LEU A 18 -11.97 4.11 10.97
C LEU A 18 -10.78 3.35 10.35
N ASN A 19 -9.61 3.38 10.98
CA ASN A 19 -8.45 2.59 10.57
C ASN A 19 -8.69 1.07 10.69
N GLY A 20 -9.39 0.62 11.75
CA GLY A 20 -9.81 -0.78 11.91
C GLY A 20 -10.81 -1.23 10.85
N LEU A 21 -11.79 -0.37 10.52
CA LEU A 21 -12.74 -0.59 9.44
C LEU A 21 -12.05 -0.65 8.07
N LEU A 22 -11.11 0.25 7.78
CA LEU A 22 -10.28 0.20 6.57
C LEU A 22 -9.46 -1.09 6.51
N TYR A 23 -8.85 -1.53 7.63
CA TYR A 23 -8.13 -2.80 7.68
C TYR A 23 -8.95 -4.03 7.33
N LYS A 24 -10.11 -4.20 7.97
CA LYS A 24 -11.06 -5.28 7.68
C LYS A 24 -11.58 -5.22 6.24
N ALA A 25 -12.02 -4.04 5.79
CA ALA A 25 -12.63 -3.87 4.48
C ALA A 25 -11.64 -4.02 3.31
N LEU A 26 -10.43 -3.46 3.40
CA LEU A 26 -9.37 -3.66 2.41
C LEU A 26 -8.94 -5.14 2.36
N THR A 27 -8.72 -5.78 3.52
CA THR A 27 -8.44 -7.23 3.57
C THR A 27 -9.54 -8.09 2.94
N ASP A 28 -10.81 -7.72 3.12
CA ASP A 28 -11.93 -8.32 2.40
C ASP A 28 -11.91 -8.16 0.87
N LEU A 29 -11.44 -7.02 0.35
CA LEU A 29 -11.22 -6.81 -1.09
C LEU A 29 -10.04 -7.64 -1.63
N LEU A 30 -8.92 -7.77 -0.89
CA LEU A 30 -7.85 -8.71 -1.22
C LEU A 30 -8.39 -10.17 -1.29
N CYS A 31 -9.35 -10.49 -0.43
CA CYS A 31 -10.05 -11.79 -0.40
C CYS A 31 -11.18 -11.97 -1.44
N THR A 32 -11.27 -11.12 -2.47
CA THR A 32 -12.28 -11.24 -3.56
C THR A 32 -11.62 -11.00 -4.92
N PRO A 33 -12.05 -11.71 -5.98
CA PRO A 33 -11.65 -11.42 -7.36
C PRO A 33 -12.29 -10.13 -7.92
N GLU A 34 -13.22 -9.50 -7.19
CA GLU A 34 -13.96 -8.30 -7.61
C GLU A 34 -13.07 -7.06 -7.83
N VAL A 35 -11.97 -6.94 -7.07
CA VAL A 35 -10.93 -5.93 -7.32
C VAL A 35 -9.99 -6.35 -8.47
N SER A 36 -9.51 -7.59 -8.44
CA SER A 36 -8.67 -8.20 -9.48
C SER A 36 -8.63 -9.73 -9.30
N GLN A 37 -8.91 -10.46 -10.39
CA GLN A 37 -8.82 -11.93 -10.42
C GLN A 37 -7.39 -12.42 -10.15
N GLU A 38 -6.41 -11.73 -10.73
CA GLU A 38 -4.98 -11.99 -10.54
C GLU A 38 -4.55 -11.76 -9.09
N LEU A 39 -4.95 -10.64 -8.49
CA LEU A 39 -4.64 -10.33 -7.08
C LEU A 39 -5.21 -11.37 -6.12
N TYR A 40 -6.46 -11.79 -6.36
CA TYR A 40 -7.10 -12.86 -5.61
C TYR A 40 -6.40 -14.23 -5.74
N ASP A 41 -6.04 -14.62 -6.97
CA ASP A 41 -5.26 -15.83 -7.26
C ASP A 41 -3.84 -15.87 -6.69
N LEU A 42 -3.20 -14.71 -6.51
CA LEU A 42 -1.92 -14.56 -5.79
C LEU A 42 -2.05 -14.75 -4.26
N ASN A 43 -3.29 -14.81 -3.74
CA ASN A 43 -3.61 -15.09 -2.33
C ASN A 43 -2.94 -14.11 -1.32
N VAL A 44 -2.73 -12.84 -1.71
CA VAL A 44 -2.18 -11.79 -0.83
C VAL A 44 -3.10 -11.51 0.38
N GLU A 45 -2.49 -11.09 1.50
CA GLU A 45 -3.21 -10.67 2.71
C GLU A 45 -2.48 -9.47 3.37
N LEU A 46 -3.25 -8.50 3.87
CA LEU A 46 -2.72 -7.44 4.73
C LEU A 46 -2.24 -7.98 6.09
N SER A 47 -1.20 -7.36 6.64
CA SER A 47 -0.73 -7.58 8.01
C SER A 47 -1.26 -6.50 8.98
N LYS A 48 -1.40 -5.25 8.53
CA LYS A 48 -2.00 -4.11 9.25
C LYS A 48 -2.28 -2.92 8.31
N VAL A 49 -3.07 -1.95 8.78
CA VAL A 49 -3.24 -0.62 8.13
C VAL A 49 -2.89 0.48 9.14
N SER A 50 -2.20 1.52 8.65
CA SER A 50 -1.85 2.74 9.38
C SER A 50 -2.32 3.99 8.62
N LEU A 51 -3.51 4.49 8.96
CA LEU A 51 -4.04 5.77 8.51
C LEU A 51 -3.37 6.94 9.25
N THR A 52 -2.96 7.98 8.53
CA THR A 52 -2.38 9.19 9.13
C THR A 52 -3.45 10.02 9.87
N PRO A 53 -3.07 10.70 10.98
CA PRO A 53 -4.00 11.49 11.81
C PRO A 53 -4.65 12.67 11.10
N ASP A 54 -4.03 13.19 10.03
CA ASP A 54 -4.52 14.26 9.17
C ASP A 54 -5.42 13.80 7.99
N PHE A 55 -5.69 12.49 7.90
CA PHE A 55 -6.34 11.84 6.75
C PHE A 55 -5.59 11.88 5.40
N SER A 56 -4.32 12.31 5.39
CA SER A 56 -3.51 12.48 4.18
C SER A 56 -3.26 11.16 3.43
N ALA A 57 -3.00 10.04 4.12
CA ALA A 57 -2.92 8.72 3.48
C ALA A 57 -3.20 7.52 4.40
N CYS A 58 -3.76 6.48 3.79
CA CYS A 58 -3.94 5.14 4.34
C CYS A 58 -2.80 4.21 3.89
N ARG A 59 -1.81 3.95 4.76
CA ARG A 59 -0.72 3.00 4.48
C ARG A 59 -1.14 1.58 4.82
N ALA A 60 -1.29 0.73 3.81
CA ALA A 60 -1.73 -0.66 3.96
C ALA A 60 -0.53 -1.61 3.82
N TYR A 61 -0.17 -2.28 4.92
CA TYR A 61 0.95 -3.21 5.00
C TYR A 61 0.56 -4.64 4.61
N TRP A 62 1.35 -5.33 3.79
CA TRP A 62 1.00 -6.66 3.26
C TRP A 62 2.14 -7.68 3.37
N LYS A 63 1.75 -8.95 3.55
CA LYS A 63 2.65 -10.09 3.83
C LYS A 63 3.34 -10.57 2.56
N THR A 64 4.65 -10.81 2.63
CA THR A 64 5.55 -11.05 1.47
C THR A 64 6.28 -12.39 1.43
N THR A 65 6.72 -12.82 0.24
CA THR A 65 7.51 -14.04 0.02
C THR A 65 9.03 -13.87 0.07
N LEU A 66 9.77 -14.98 0.05
CA LEU A 66 11.23 -15.00 -0.03
C LEU A 66 11.78 -14.53 -1.40
N SER A 67 10.96 -14.51 -2.46
CA SER A 67 11.34 -14.04 -3.80
C SER A 67 11.00 -12.57 -4.02
N ALA A 68 12.02 -11.73 -4.25
CA ALA A 68 11.82 -10.33 -4.58
C ALA A 68 11.14 -10.12 -5.95
N GLU A 69 11.28 -11.05 -6.89
CA GLU A 69 10.57 -11.01 -8.18
C GLU A 69 9.07 -11.29 -8.02
N GLN A 70 8.70 -12.25 -7.17
CA GLN A 70 7.31 -12.51 -6.79
C GLN A 70 6.71 -11.30 -6.04
N ASN A 71 7.48 -10.72 -5.11
CA ASN A 71 7.07 -9.53 -4.36
C ASN A 71 6.86 -8.31 -5.26
N ALA A 72 7.72 -8.08 -6.26
CA ALA A 72 7.55 -7.00 -7.24
C ALA A 72 6.32 -7.23 -8.15
N HIS A 73 6.05 -8.47 -8.57
CA HIS A 73 4.83 -8.82 -9.31
C HIS A 73 3.56 -8.56 -8.50
N MET A 74 3.49 -9.07 -7.27
CA MET A 74 2.39 -8.80 -6.34
C MET A 74 2.24 -7.32 -6.02
N GLU A 75 3.35 -6.59 -5.84
CA GLU A 75 3.30 -5.14 -5.60
C GLU A 75 2.69 -4.39 -6.78
N ALA A 76 3.13 -4.65 -8.03
CA ALA A 76 2.64 -3.94 -9.20
C ALA A 76 1.12 -4.09 -9.40
N VAL A 77 0.58 -5.31 -9.21
CA VAL A 77 -0.88 -5.55 -9.23
C VAL A 77 -1.62 -4.95 -8.03
N LEU A 78 -1.05 -5.02 -6.82
CA LEU A 78 -1.67 -4.47 -5.61
C LEU A 78 -1.70 -2.92 -5.61
N GLN A 79 -0.62 -2.27 -6.01
CA GLN A 79 -0.51 -0.81 -6.15
C GLN A 79 -1.48 -0.26 -7.22
N ARG A 80 -1.59 -0.90 -8.39
CA ARG A 80 -2.55 -0.47 -9.44
C ARG A 80 -4.01 -0.76 -9.06
N SER A 81 -4.25 -1.76 -8.21
CA SER A 81 -5.57 -2.04 -7.63
C SER A 81 -6.07 -0.98 -6.64
N ALA A 82 -5.19 -0.15 -6.08
CA ALA A 82 -5.47 0.76 -4.96
C ALA A 82 -6.57 1.81 -5.24
N ALA A 83 -6.57 2.45 -6.41
CA ALA A 83 -7.58 3.45 -6.77
C ALA A 83 -8.99 2.84 -6.90
N HIS A 84 -9.08 1.64 -7.47
CA HIS A 84 -10.29 0.83 -7.53
C HIS A 84 -10.74 0.35 -6.14
N MET A 85 -9.83 -0.05 -5.24
CA MET A 85 -10.18 -0.30 -3.83
C MET A 85 -10.75 0.95 -3.14
N ARG A 86 -10.19 2.14 -3.42
CA ARG A 86 -10.69 3.41 -2.86
C ARG A 86 -12.14 3.64 -3.28
N HIS A 87 -12.45 3.46 -4.56
CA HIS A 87 -13.79 3.54 -5.15
C HIS A 87 -14.76 2.48 -4.59
N LEU A 88 -14.31 1.22 -4.47
CA LEU A 88 -15.13 0.11 -3.95
C LEU A 88 -15.55 0.36 -2.49
N LEU A 89 -14.68 0.87 -1.63
CA LEU A 89 -15.04 1.22 -0.25
C LEU A 89 -15.89 2.50 -0.17
N MET A 90 -15.77 3.42 -1.12
CA MET A 90 -16.61 4.62 -1.27
C MET A 90 -18.04 4.33 -1.76
N SER A 91 -18.36 3.10 -2.15
CA SER A 91 -19.74 2.68 -2.45
C SER A 91 -20.68 2.79 -1.23
N GLN A 92 -20.14 2.77 -0.01
CA GLN A 92 -20.85 3.06 1.24
C GLN A 92 -21.26 4.53 1.29
N GLN A 93 -22.54 4.83 1.04
CA GLN A 93 -23.04 6.20 0.86
C GLN A 93 -22.90 7.10 2.10
N THR A 94 -22.91 6.51 3.30
CA THR A 94 -22.68 7.18 4.59
C THR A 94 -21.23 7.57 4.92
N LEU A 95 -20.25 6.96 4.23
CA LEU A 95 -18.82 7.13 4.49
C LEU A 95 -18.26 8.43 3.86
N ARG A 96 -17.24 9.02 4.49
CA ARG A 96 -16.46 10.15 3.97
C ARG A 96 -15.67 9.81 2.69
N ASN A 97 -15.08 10.83 2.05
CA ASN A 97 -14.11 10.66 0.97
C ASN A 97 -12.91 9.85 1.50
N VAL A 98 -12.77 8.60 1.06
CA VAL A 98 -11.83 7.62 1.63
C VAL A 98 -10.38 8.06 1.35
N PRO A 99 -9.48 8.05 2.34
CA PRO A 99 -8.10 8.50 2.19
C PRO A 99 -7.33 7.74 1.08
N PRO A 100 -6.34 8.38 0.41
CA PRO A 100 -5.50 7.73 -0.59
C PRO A 100 -4.83 6.45 -0.05
N ILE A 101 -4.99 5.34 -0.75
CA ILE A 101 -4.44 4.03 -0.35
C ILE A 101 -3.04 3.87 -0.93
N VAL A 102 -2.08 3.52 -0.07
CA VAL A 102 -0.66 3.30 -0.42
C VAL A 102 -0.20 1.95 0.13
N PHE A 103 0.20 1.02 -0.74
CA PHE A 103 0.66 -0.30 -0.32
C PHE A 103 2.12 -0.39 0.13
N VAL A 104 2.39 -1.15 1.20
CA VAL A 104 3.70 -1.22 1.87
C VAL A 104 4.12 -2.66 2.19
N GLN A 105 5.33 -3.04 1.80
CA GLN A 105 5.87 -4.37 2.09
C GLN A 105 6.20 -4.54 3.59
N ASP A 106 5.84 -5.69 4.17
CA ASP A 106 6.29 -6.10 5.51
C ASP A 106 7.83 -6.29 5.60
N LYS A 107 8.43 -6.84 4.54
CA LYS A 107 9.88 -6.91 4.32
C LYS A 107 10.46 -5.54 3.93
N GLY A 108 11.69 -5.25 4.34
CA GLY A 108 12.39 -3.99 4.01
C GLY A 108 13.92 -4.11 4.07
N ASN A 109 14.60 -3.44 3.13
CA ASN A 109 16.07 -3.42 2.96
C ASN A 109 16.56 -2.01 2.56
N ALA A 110 17.88 -1.80 2.61
CA ALA A 110 18.56 -0.55 2.22
C ALA A 110 19.87 -0.81 1.46
N ALA A 111 20.32 0.18 0.66
CA ALA A 111 21.53 0.15 -0.15
C ALA A 111 22.18 1.55 -0.25
N LEU A 112 23.44 1.58 -0.67
CA LEU A 112 24.23 2.80 -0.93
C LEU A 112 23.72 3.57 -2.16
N ALA A 113 24.03 4.86 -2.23
CA ALA A 113 23.65 5.75 -3.33
C ALA A 113 24.27 5.37 -4.69
N GLU A 114 23.56 5.66 -5.78
CA GLU A 114 23.94 5.30 -7.17
C GLU A 114 24.85 6.35 -7.86
N LEU A 115 25.39 7.31 -7.11
CA LEU A 115 26.25 8.39 -7.62
C LEU A 115 27.56 7.89 -8.25
N ASP A 116 28.07 8.63 -9.24
CA ASP A 116 29.31 8.35 -9.97
C ASP A 116 30.63 8.73 -9.26
N GLN A 117 31.64 7.86 -9.37
CA GLN A 117 32.95 8.02 -8.71
C GLN A 117 33.94 8.92 -9.48
N LEU A 118 33.61 9.35 -10.70
CA LEU A 118 34.48 10.09 -11.63
C LEU A 118 33.72 11.19 -12.38
N LEU A 119 34.40 12.31 -12.66
CA LEU A 119 33.90 13.45 -13.43
C LEU A 119 35.04 14.11 -14.25
N ALA A 120 34.73 14.56 -15.46
CA ALA A 120 35.67 15.24 -16.37
C ALA A 120 34.95 16.27 -17.28
N VAL A 121 35.71 17.18 -17.88
CA VAL A 121 35.23 18.26 -18.77
C VAL A 121 36.06 18.34 -20.07
N ALA A 122 35.43 18.80 -21.14
CA ALA A 122 36.06 18.98 -22.46
C ALA A 122 37.01 20.21 -22.50
N ASP A 123 38.01 20.14 -23.37
CA ASP A 123 38.98 21.22 -23.68
C ASP A 123 38.69 22.00 -24.98
N SER A 124 37.50 21.80 -25.57
CA SER A 124 37.10 22.33 -26.88
C SER A 124 37.06 23.88 -26.96
N GLY A 125 37.37 24.41 -28.13
CA GLY A 125 37.32 25.85 -28.45
C GLY A 125 37.67 26.15 -29.92
N PRO A 126 37.40 27.37 -30.42
CA PRO A 126 37.66 27.75 -31.81
C PRO A 126 39.17 27.82 -32.13
N SER A 127 39.55 27.37 -33.32
CA SER A 127 40.93 27.46 -33.84
C SER A 127 41.34 28.86 -34.32
N SER A 128 40.35 29.70 -34.69
CA SER A 128 40.54 31.10 -35.13
C SER A 128 39.26 31.93 -34.95
N GLY A 129 38.10 31.37 -35.30
CA GLY A 129 36.77 32.01 -35.19
C GLY A 129 36.51 33.07 -36.27
N GLY A 1 -5.93 25.27 25.84
CA GLY A 1 -4.71 25.68 25.14
C GLY A 1 -4.99 26.02 23.68
N SER A 2 -4.35 27.08 23.16
CA SER A 2 -4.60 27.61 21.81
C SER A 2 -4.07 26.73 20.66
N SER A 3 -3.06 25.88 20.92
CA SER A 3 -2.42 25.04 19.91
C SER A 3 -3.33 23.94 19.35
N GLY A 4 -3.39 23.81 18.02
CA GLY A 4 -4.19 22.79 17.31
C GLY A 4 -3.47 21.44 17.11
N SER A 5 -2.21 21.32 17.51
CA SER A 5 -1.37 20.12 17.37
C SER A 5 -1.82 18.94 18.25
N SER A 6 -1.38 17.73 17.87
CA SER A 6 -1.64 16.41 18.51
C SER A 6 -3.10 15.93 18.52
N GLY A 7 -4.07 16.81 18.76
CA GLY A 7 -5.50 16.48 18.87
C GLY A 7 -5.90 15.85 20.21
N ARG A 8 -7.19 15.60 20.38
CA ARG A 8 -7.78 14.99 21.60
C ARG A 8 -7.59 13.46 21.63
N LYS A 9 -7.78 12.85 22.80
CA LYS A 9 -7.85 11.37 22.94
C LYS A 9 -8.97 10.78 22.08
N GLU A 10 -10.11 11.48 21.97
CA GLU A 10 -11.23 11.08 21.11
C GLU A 10 -10.92 11.23 19.61
N ASP A 11 -10.06 12.17 19.21
CA ASP A 11 -9.60 12.28 17.82
C ASP A 11 -8.73 11.07 17.39
N HIS A 12 -7.84 10.64 18.30
CA HIS A 12 -7.09 9.37 18.15
C HIS A 12 -8.03 8.15 18.15
N ALA A 13 -9.07 8.14 18.99
CA ALA A 13 -10.07 7.06 19.02
C ALA A 13 -10.84 6.95 17.69
N ARG A 14 -11.25 8.09 17.10
CA ARG A 14 -11.89 8.14 15.77
C ARG A 14 -10.95 7.68 14.65
N LEU A 15 -9.70 8.14 14.63
CA LEU A 15 -8.68 7.69 13.69
C LEU A 15 -8.45 6.17 13.79
N ARG A 16 -8.32 5.63 15.01
CA ARG A 16 -8.11 4.20 15.28
C ARG A 16 -9.29 3.34 14.80
N ALA A 17 -10.52 3.75 15.10
CA ALA A 17 -11.73 3.02 14.73
C ALA A 17 -11.95 3.03 13.20
N LEU A 18 -11.76 4.18 12.55
CA LEU A 18 -11.86 4.33 11.10
C LEU A 18 -10.75 3.53 10.37
N ASN A 19 -9.53 3.54 10.90
CA ASN A 19 -8.42 2.71 10.42
C ASN A 19 -8.72 1.20 10.55
N GLY A 20 -9.37 0.76 11.64
CA GLY A 20 -9.82 -0.62 11.83
C GLY A 20 -10.89 -1.05 10.82
N LEU A 21 -11.87 -0.17 10.55
CA LEU A 21 -12.89 -0.38 9.52
C LEU A 21 -12.28 -0.47 8.12
N LEU A 22 -11.35 0.45 7.77
CA LEU A 22 -10.58 0.39 6.53
C LEU A 22 -9.78 -0.92 6.43
N TYR A 23 -9.13 -1.35 7.51
CA TYR A 23 -8.33 -2.58 7.53
C TYR A 23 -9.10 -3.87 7.22
N LYS A 24 -10.25 -4.08 7.88
CA LYS A 24 -11.13 -5.22 7.62
C LYS A 24 -11.67 -5.15 6.18
N ALA A 25 -12.17 -3.99 5.75
CA ALA A 25 -12.78 -3.81 4.43
C ALA A 25 -11.78 -3.95 3.26
N LEU A 26 -10.56 -3.42 3.39
CA LEU A 26 -9.48 -3.63 2.42
C LEU A 26 -9.09 -5.12 2.34
N THR A 27 -8.90 -5.78 3.49
CA THR A 27 -8.64 -7.24 3.55
C THR A 27 -9.74 -8.07 2.88
N ASP A 28 -11.01 -7.69 3.06
CA ASP A 28 -12.13 -8.29 2.31
C ASP A 28 -12.06 -8.14 0.79
N LEU A 29 -11.60 -6.99 0.27
CA LEU A 29 -11.36 -6.77 -1.17
C LEU A 29 -10.16 -7.56 -1.70
N LEU A 30 -9.06 -7.67 -0.95
CA LEU A 30 -7.96 -8.59 -1.30
C LEU A 30 -8.45 -10.05 -1.39
N CYS A 31 -9.43 -10.41 -0.57
CA CYS A 31 -10.08 -11.73 -0.56
C CYS A 31 -11.18 -11.95 -1.64
N THR A 32 -11.29 -11.08 -2.66
CA THR A 32 -12.30 -11.22 -3.74
C THR A 32 -11.65 -10.93 -5.10
N PRO A 33 -12.08 -11.63 -6.18
CA PRO A 33 -11.70 -11.30 -7.56
C PRO A 33 -12.36 -10.01 -8.09
N GLU A 34 -13.31 -9.42 -7.35
CA GLU A 34 -14.04 -8.20 -7.72
C GLU A 34 -13.13 -6.97 -7.90
N VAL A 35 -12.02 -6.90 -7.16
CA VAL A 35 -10.96 -5.91 -7.38
C VAL A 35 -10.02 -6.31 -8.54
N SER A 36 -9.52 -7.55 -8.53
CA SER A 36 -8.68 -8.14 -9.57
C SER A 36 -8.64 -9.67 -9.43
N GLN A 37 -8.93 -10.39 -10.52
CA GLN A 37 -8.81 -11.85 -10.58
C GLN A 37 -7.36 -12.32 -10.36
N GLU A 38 -6.38 -11.60 -10.91
CA GLU A 38 -4.95 -11.88 -10.71
C GLU A 38 -4.54 -11.70 -9.24
N LEU A 39 -4.99 -10.62 -8.59
CA LEU A 39 -4.71 -10.37 -7.17
C LEU A 39 -5.33 -11.45 -6.26
N TYR A 40 -6.56 -11.88 -6.57
CA TYR A 40 -7.23 -12.97 -5.89
C TYR A 40 -6.57 -14.35 -6.09
N ASP A 41 -6.07 -14.63 -7.30
CA ASP A 41 -5.27 -15.80 -7.61
C ASP A 41 -3.89 -15.88 -6.93
N LEU A 42 -3.21 -14.73 -6.80
CA LEU A 42 -2.00 -14.57 -5.97
C LEU A 42 -2.32 -14.71 -4.47
N ASN A 43 -3.56 -14.42 -4.09
CA ASN A 43 -4.15 -14.62 -2.76
C ASN A 43 -3.37 -13.92 -1.64
N VAL A 44 -2.91 -12.68 -1.92
CA VAL A 44 -2.31 -11.77 -0.94
C VAL A 44 -3.30 -11.44 0.20
N GLU A 45 -2.77 -11.14 1.38
CA GLU A 45 -3.54 -10.59 2.50
C GLU A 45 -2.73 -9.52 3.26
N LEU A 46 -3.45 -8.58 3.87
CA LEU A 46 -2.89 -7.59 4.78
C LEU A 46 -2.44 -8.18 6.13
N SER A 47 -1.48 -7.52 6.77
CA SER A 47 -0.97 -7.84 8.12
C SER A 47 -1.33 -6.76 9.16
N LYS A 48 -1.33 -5.48 8.77
CA LYS A 48 -1.71 -4.30 9.56
C LYS A 48 -1.92 -3.07 8.68
N VAL A 49 -2.60 -2.04 9.18
CA VAL A 49 -2.82 -0.75 8.49
C VAL A 49 -2.64 0.43 9.44
N SER A 50 -2.08 1.53 8.96
CA SER A 50 -1.91 2.80 9.66
C SER A 50 -2.49 3.98 8.87
N LEU A 51 -3.34 4.79 9.50
CA LEU A 51 -3.97 5.98 8.94
C LEU A 51 -3.30 7.25 9.48
N THR A 52 -2.95 8.21 8.62
CA THR A 52 -2.30 9.45 9.06
C THR A 52 -3.25 10.37 9.84
N PRO A 53 -2.73 11.09 10.87
CA PRO A 53 -3.50 12.00 11.72
C PRO A 53 -4.13 13.18 10.97
N ASP A 54 -3.49 13.62 9.88
CA ASP A 54 -4.01 14.63 8.95
C ASP A 54 -5.11 14.15 7.97
N PHE A 55 -5.49 12.87 8.05
CA PHE A 55 -6.35 12.18 7.08
C PHE A 55 -5.81 12.07 5.63
N SER A 56 -4.52 12.37 5.45
CA SER A 56 -3.85 12.55 4.16
C SER A 56 -3.61 11.22 3.42
N ALA A 57 -3.34 10.11 4.12
CA ALA A 57 -3.21 8.79 3.50
C ALA A 57 -3.44 7.62 4.48
N CYS A 58 -3.88 6.48 3.92
CA CYS A 58 -3.97 5.18 4.57
C CYS A 58 -2.87 4.24 4.04
N ARG A 59 -1.88 3.93 4.88
CA ARG A 59 -0.77 3.00 4.58
C ARG A 59 -1.09 1.58 5.03
N ALA A 60 -1.23 0.67 4.07
CA ALA A 60 -1.66 -0.71 4.31
C ALA A 60 -0.52 -1.71 4.06
N TYR A 61 -0.18 -2.49 5.09
CA TYR A 61 0.89 -3.49 5.03
C TYR A 61 0.42 -4.86 4.53
N TRP A 62 1.08 -5.42 3.50
CA TRP A 62 0.72 -6.70 2.89
C TRP A 62 1.83 -7.75 3.03
N LYS A 63 1.44 -9.02 3.24
CA LYS A 63 2.35 -10.13 3.53
C LYS A 63 3.16 -10.57 2.29
N THR A 64 4.44 -10.87 2.51
CA THR A 64 5.46 -11.09 1.46
C THR A 64 6.11 -12.47 1.48
N THR A 65 6.63 -12.91 0.33
CA THR A 65 7.49 -14.11 0.19
C THR A 65 8.98 -13.73 0.22
N LEU A 66 9.87 -14.73 0.22
CA LEU A 66 11.32 -14.56 0.12
C LEU A 66 11.74 -14.10 -1.29
N SER A 67 10.96 -14.40 -2.33
CA SER A 67 11.26 -14.00 -3.72
C SER A 67 10.91 -12.52 -3.96
N ALA A 68 11.94 -11.68 -4.15
CA ALA A 68 11.76 -10.27 -4.47
C ALA A 68 11.09 -10.04 -5.85
N GLU A 69 11.26 -10.97 -6.80
CA GLU A 69 10.57 -10.93 -8.10
C GLU A 69 9.06 -11.15 -7.96
N GLN A 70 8.63 -12.15 -7.16
CA GLN A 70 7.22 -12.36 -6.85
C GLN A 70 6.64 -11.19 -6.02
N ASN A 71 7.40 -10.66 -5.06
CA ASN A 71 7.01 -9.47 -4.30
C ASN A 71 6.78 -8.25 -5.20
N ALA A 72 7.66 -7.98 -6.17
CA ALA A 72 7.48 -6.89 -7.13
C ALA A 72 6.27 -7.11 -8.06
N HIS A 73 5.99 -8.35 -8.47
CA HIS A 73 4.77 -8.70 -9.23
C HIS A 73 3.49 -8.46 -8.41
N MET A 74 3.43 -8.97 -7.18
CA MET A 74 2.32 -8.73 -6.26
C MET A 74 2.15 -7.23 -5.96
N GLU A 75 3.24 -6.48 -5.77
CA GLU A 75 3.16 -5.04 -5.55
C GLU A 75 2.58 -4.32 -6.77
N ALA A 76 3.05 -4.60 -7.98
CA ALA A 76 2.61 -3.88 -9.19
C ALA A 76 1.11 -4.08 -9.48
N VAL A 77 0.56 -5.27 -9.21
CA VAL A 77 -0.90 -5.51 -9.25
C VAL A 77 -1.66 -4.88 -8.06
N LEU A 78 -1.13 -4.95 -6.84
CA LEU A 78 -1.78 -4.42 -5.65
C LEU A 78 -1.84 -2.88 -5.63
N GLN A 79 -0.75 -2.20 -6.02
CA GLN A 79 -0.66 -0.74 -6.15
C GLN A 79 -1.62 -0.19 -7.21
N ARG A 80 -1.75 -0.84 -8.38
CA ARG A 80 -2.72 -0.43 -9.42
C ARG A 80 -4.17 -0.74 -9.03
N SER A 81 -4.39 -1.78 -8.21
CA SER A 81 -5.71 -2.12 -7.65
C SER A 81 -6.24 -1.06 -6.67
N ALA A 82 -5.37 -0.25 -6.06
CA ALA A 82 -5.69 0.66 -4.95
C ALA A 82 -6.75 1.73 -5.28
N ALA A 83 -6.74 2.31 -6.49
CA ALA A 83 -7.72 3.33 -6.88
C ALA A 83 -9.15 2.76 -7.01
N HIS A 84 -9.26 1.53 -7.53
CA HIS A 84 -10.50 0.76 -7.58
C HIS A 84 -10.94 0.31 -6.17
N MET A 85 -10.01 -0.13 -5.30
CA MET A 85 -10.34 -0.36 -3.88
C MET A 85 -10.89 0.90 -3.20
N ARG A 86 -10.30 2.07 -3.47
CA ARG A 86 -10.76 3.35 -2.91
C ARG A 86 -12.23 3.58 -3.27
N HIS A 87 -12.57 3.46 -4.56
CA HIS A 87 -13.94 3.58 -5.10
C HIS A 87 -14.93 2.57 -4.52
N LEU A 88 -14.51 1.30 -4.40
CA LEU A 88 -15.33 0.22 -3.81
C LEU A 88 -15.67 0.50 -2.33
N LEU A 89 -14.76 1.12 -1.57
CA LEU A 89 -15.00 1.55 -0.19
C LEU A 89 -15.76 2.90 -0.09
N MET A 90 -15.63 3.78 -1.09
CA MET A 90 -16.37 5.06 -1.17
C MET A 90 -17.87 4.84 -1.43
N SER A 91 -18.22 3.71 -2.05
CA SER A 91 -19.60 3.26 -2.25
C SER A 91 -20.29 2.78 -0.96
N GLN A 92 -19.54 2.54 0.13
CA GLN A 92 -20.07 2.09 1.42
C GLN A 92 -20.32 3.29 2.35
N GLN A 93 -21.54 3.44 2.88
CA GLN A 93 -21.88 4.56 3.79
C GLN A 93 -21.05 4.56 5.09
N THR A 94 -20.59 3.39 5.54
CA THR A 94 -19.67 3.20 6.67
C THR A 94 -18.26 3.79 6.52
N LEU A 95 -17.80 4.02 5.29
CA LEU A 95 -16.43 4.45 4.96
C LEU A 95 -16.34 5.61 3.96
N ARG A 96 -17.47 6.08 3.39
CA ARG A 96 -17.65 7.04 2.27
C ARG A 96 -16.48 7.99 1.98
N ASN A 97 -16.02 8.75 2.97
CA ASN A 97 -14.95 9.74 2.83
C ASN A 97 -13.54 9.10 2.88
N VAL A 98 -13.29 8.13 1.99
CA VAL A 98 -12.08 7.28 1.98
C VAL A 98 -10.80 8.06 1.62
N PRO A 99 -9.71 7.95 2.41
CA PRO A 99 -8.41 8.55 2.09
C PRO A 99 -7.67 7.84 0.93
N PRO A 100 -6.63 8.46 0.34
CA PRO A 100 -5.72 7.79 -0.59
C PRO A 100 -5.09 6.52 0.02
N ILE A 101 -5.19 5.40 -0.69
CA ILE A 101 -4.64 4.10 -0.25
C ILE A 101 -3.22 3.94 -0.81
N VAL A 102 -2.29 3.51 0.04
CA VAL A 102 -0.87 3.28 -0.28
C VAL A 102 -0.43 1.92 0.26
N PHE A 103 0.05 1.03 -0.60
CA PHE A 103 0.51 -0.31 -0.21
C PHE A 103 1.98 -0.43 0.21
N VAL A 104 2.25 -1.19 1.27
CA VAL A 104 3.55 -1.28 1.97
C VAL A 104 3.97 -2.72 2.28
N GLN A 105 5.24 -3.07 2.07
CA GLN A 105 5.74 -4.42 2.35
C GLN A 105 5.82 -4.74 3.86
N ASP A 106 5.32 -5.91 4.26
CA ASP A 106 5.55 -6.50 5.59
C ASP A 106 7.02 -6.61 6.00
N LYS A 107 7.86 -7.08 5.06
CA LYS A 107 9.33 -7.18 5.14
C LYS A 107 9.95 -7.17 3.74
N GLY A 108 11.23 -6.85 3.66
CA GLY A 108 12.03 -6.86 2.42
C GLY A 108 13.10 -7.97 2.39
N ASN A 109 13.49 -8.37 1.18
CA ASN A 109 14.63 -9.26 0.91
C ASN A 109 15.38 -8.80 -0.35
N ALA A 110 16.68 -9.11 -0.44
CA ALA A 110 17.48 -8.85 -1.64
C ALA A 110 17.05 -9.74 -2.83
N ALA A 111 17.24 -9.25 -4.06
CA ALA A 111 17.00 -9.97 -5.31
C ALA A 111 18.13 -11.00 -5.64
N LEU A 112 18.57 -11.77 -4.64
CA LEU A 112 19.69 -12.70 -4.69
C LEU A 112 19.34 -14.04 -5.38
N ALA A 113 18.88 -13.96 -6.62
CA ALA A 113 18.63 -15.10 -7.51
C ALA A 113 19.92 -15.72 -8.05
N GLU A 114 19.81 -16.83 -8.78
CA GLU A 114 20.90 -17.49 -9.50
C GLU A 114 21.06 -16.86 -10.91
N LEU A 115 21.39 -17.67 -11.91
CA LEU A 115 21.58 -17.26 -13.30
C LEU A 115 20.25 -17.01 -14.05
N ASP A 116 20.28 -16.09 -15.01
CA ASP A 116 19.21 -15.83 -15.98
C ASP A 116 19.28 -16.68 -17.27
N GLN A 117 20.48 -17.18 -17.59
CA GLN A 117 20.81 -17.93 -18.81
C GLN A 117 20.39 -19.41 -18.77
N LEU A 118 20.40 -20.06 -19.94
CA LEU A 118 20.11 -21.48 -20.16
C LEU A 118 21.08 -22.08 -21.21
N LEU A 119 21.45 -23.36 -21.06
CA LEU A 119 22.39 -24.05 -21.95
C LEU A 119 21.92 -24.13 -23.41
N ALA A 120 22.87 -24.18 -24.35
CA ALA A 120 22.60 -24.34 -25.77
C ALA A 120 22.10 -25.77 -26.10
N VAL A 121 21.10 -25.86 -26.99
CA VAL A 121 20.47 -27.10 -27.48
C VAL A 121 20.19 -27.01 -28.99
N ALA A 122 20.09 -28.16 -29.65
CA ALA A 122 19.82 -28.28 -31.09
C ALA A 122 19.06 -29.58 -31.45
N ASP A 123 18.33 -29.56 -32.57
CA ASP A 123 17.59 -30.69 -33.13
C ASP A 123 17.64 -30.78 -34.67
N SER A 124 17.24 -31.93 -35.24
CA SER A 124 17.27 -32.24 -36.68
C SER A 124 18.67 -32.12 -37.31
N GLY A 125 18.77 -32.00 -38.64
CA GLY A 125 20.02 -31.89 -39.40
C GLY A 125 19.82 -31.40 -40.85
N PRO A 126 20.91 -31.28 -41.63
CA PRO A 126 20.88 -30.78 -43.01
C PRO A 126 20.30 -31.78 -44.02
N SER A 127 20.24 -33.07 -43.68
CA SER A 127 19.65 -34.13 -44.53
C SER A 127 18.14 -33.96 -44.75
N SER A 128 17.66 -34.33 -45.95
CA SER A 128 16.26 -34.18 -46.39
C SER A 128 15.71 -32.73 -46.36
N GLY A 129 16.60 -31.72 -46.37
CA GLY A 129 16.26 -30.28 -46.39
C GLY A 129 15.64 -29.81 -47.71
N GLY A 1 -9.47 29.26 24.53
CA GLY A 1 -8.59 28.24 23.91
C GLY A 1 -9.30 26.91 23.74
N SER A 2 -8.69 25.99 22.98
CA SER A 2 -9.21 24.64 22.71
C SER A 2 -8.08 23.65 22.37
N SER A 3 -8.32 22.36 22.66
CA SER A 3 -7.48 21.23 22.23
C SER A 3 -7.53 20.95 20.72
N GLY A 4 -8.56 21.45 20.01
CA GLY A 4 -8.72 21.35 18.55
C GLY A 4 -9.04 19.96 18.02
N SER A 5 -9.31 19.87 16.71
CA SER A 5 -9.53 18.60 16.00
C SER A 5 -8.26 17.74 15.89
N SER A 6 -8.44 16.43 15.70
CA SER A 6 -7.43 15.34 15.64
C SER A 6 -6.62 15.10 16.93
N GLY A 7 -6.37 16.12 17.75
CA GLY A 7 -5.67 16.01 19.05
C GLY A 7 -6.53 15.48 20.20
N ARG A 8 -7.87 15.56 20.08
CA ARG A 8 -8.85 15.04 21.05
C ARG A 8 -8.90 13.51 21.12
N LYS A 9 -9.23 12.97 22.30
CA LYS A 9 -9.32 11.52 22.54
C LYS A 9 -10.39 10.84 21.67
N GLU A 10 -11.54 11.49 21.48
CA GLU A 10 -12.61 10.99 20.63
C GLU A 10 -12.25 11.05 19.14
N ASP A 11 -11.53 12.09 18.72
CA ASP A 11 -10.94 12.13 17.38
C ASP A 11 -9.91 11.02 17.10
N HIS A 12 -9.08 10.68 18.09
CA HIS A 12 -8.22 9.50 18.03
C HIS A 12 -9.04 8.20 17.98
N ALA A 13 -10.14 8.11 18.73
CA ALA A 13 -11.08 6.99 18.69
C ALA A 13 -11.73 6.83 17.30
N ARG A 14 -12.13 7.94 16.65
CA ARG A 14 -12.66 8.01 15.28
C ARG A 14 -11.63 7.56 14.24
N LEU A 15 -10.39 8.04 14.35
CA LEU A 15 -9.27 7.61 13.50
C LEU A 15 -8.99 6.11 13.65
N ARG A 16 -8.95 5.60 14.88
CA ARG A 16 -8.75 4.16 15.19
C ARG A 16 -9.87 3.29 14.63
N ALA A 17 -11.12 3.71 14.80
CA ALA A 17 -12.29 3.00 14.27
C ALA A 17 -12.29 2.96 12.73
N LEU A 18 -12.07 4.09 12.06
CA LEU A 18 -12.00 4.18 10.60
C LEU A 18 -10.82 3.36 10.06
N ASN A 19 -9.65 3.40 10.69
CA ASN A 19 -8.50 2.57 10.33
C ASN A 19 -8.76 1.06 10.51
N GLY A 20 -9.47 0.66 11.57
CA GLY A 20 -9.88 -0.73 11.81
C GLY A 20 -10.90 -1.23 10.78
N LEU A 21 -11.88 -0.38 10.42
CA LEU A 21 -12.84 -0.65 9.35
C LEU A 21 -12.15 -0.80 7.99
N LEU A 22 -11.23 0.11 7.64
CA LEU A 22 -10.39 -0.02 6.43
C LEU A 22 -9.56 -1.30 6.48
N TYR A 23 -8.97 -1.66 7.63
CA TYR A 23 -8.17 -2.88 7.74
C TYR A 23 -8.92 -4.18 7.44
N LYS A 24 -10.09 -4.37 8.05
CA LYS A 24 -10.98 -5.51 7.74
C LYS A 24 -11.42 -5.45 6.28
N ALA A 25 -11.92 -4.31 5.82
CA ALA A 25 -12.54 -4.20 4.49
C ALA A 25 -11.55 -4.31 3.33
N LEU A 26 -10.31 -3.79 3.46
CA LEU A 26 -9.23 -4.03 2.51
C LEU A 26 -8.86 -5.52 2.48
N THR A 27 -8.65 -6.14 3.65
CA THR A 27 -8.36 -7.58 3.76
C THR A 27 -9.45 -8.47 3.15
N ASP A 28 -10.71 -8.07 3.30
CA ASP A 28 -11.88 -8.72 2.71
C ASP A 28 -11.86 -8.53 1.17
N LEU A 29 -11.60 -7.31 0.65
CA LEU A 29 -11.47 -7.05 -0.79
C LEU A 29 -10.32 -7.84 -1.45
N LEU A 30 -9.14 -7.93 -0.82
CA LEU A 30 -8.03 -8.80 -1.25
C LEU A 30 -8.44 -10.28 -1.38
N CYS A 31 -9.42 -10.74 -0.59
CA CYS A 31 -10.02 -12.08 -0.70
C CYS A 31 -11.12 -12.21 -1.78
N THR A 32 -11.54 -11.11 -2.41
CA THR A 32 -12.46 -11.08 -3.57
C THR A 32 -11.79 -11.02 -4.95
N PRO A 33 -12.42 -11.60 -5.99
CA PRO A 33 -12.02 -11.35 -7.38
C PRO A 33 -12.56 -10.00 -7.88
N GLU A 34 -13.41 -9.29 -7.11
CA GLU A 34 -14.08 -8.05 -7.51
C GLU A 34 -13.11 -6.86 -7.61
N VAL A 35 -12.07 -6.84 -6.78
CA VAL A 35 -10.95 -5.91 -6.93
C VAL A 35 -10.06 -6.29 -8.12
N SER A 36 -9.67 -7.56 -8.21
CA SER A 36 -8.93 -8.16 -9.33
C SER A 36 -8.90 -9.68 -9.20
N GLN A 37 -9.23 -10.40 -10.29
CA GLN A 37 -9.07 -11.87 -10.36
C GLN A 37 -7.61 -12.32 -10.21
N GLU A 38 -6.66 -11.51 -10.69
CA GLU A 38 -5.23 -11.77 -10.56
C GLU A 38 -4.77 -11.60 -9.09
N LEU A 39 -5.17 -10.51 -8.44
CA LEU A 39 -4.86 -10.26 -7.02
C LEU A 39 -5.46 -11.34 -6.11
N TYR A 40 -6.68 -11.81 -6.43
CA TYR A 40 -7.32 -12.97 -5.82
C TYR A 40 -6.53 -14.29 -5.95
N ASP A 41 -6.11 -14.63 -7.17
CA ASP A 41 -5.32 -15.84 -7.44
C ASP A 41 -3.92 -15.83 -6.77
N LEU A 42 -3.31 -14.64 -6.66
CA LEU A 42 -2.04 -14.43 -5.94
C LEU A 42 -2.17 -14.59 -4.41
N ASN A 43 -3.40 -14.60 -3.87
CA ASN A 43 -3.72 -14.86 -2.45
C ASN A 43 -2.93 -13.98 -1.45
N VAL A 44 -2.80 -12.68 -1.78
CA VAL A 44 -2.18 -11.65 -0.92
C VAL A 44 -2.95 -11.48 0.41
N GLU A 45 -2.24 -11.08 1.47
CA GLU A 45 -2.79 -10.91 2.82
C GLU A 45 -2.14 -9.71 3.55
N LEU A 46 -2.97 -8.81 4.08
CA LEU A 46 -2.55 -7.73 4.99
C LEU A 46 -2.26 -8.24 6.41
N SER A 47 -1.30 -7.59 7.08
CA SER A 47 -0.94 -7.83 8.49
C SER A 47 -1.24 -6.62 9.40
N LYS A 48 -1.33 -5.40 8.83
CA LYS A 48 -1.51 -4.13 9.54
C LYS A 48 -1.95 -3.03 8.56
N VAL A 49 -2.67 -2.03 9.07
CA VAL A 49 -2.97 -0.76 8.37
C VAL A 49 -2.79 0.42 9.32
N SER A 50 -2.22 1.52 8.84
CA SER A 50 -1.97 2.77 9.58
C SER A 50 -2.57 3.99 8.86
N LEU A 51 -3.32 4.83 9.57
CA LEU A 51 -4.01 6.00 9.03
C LEU A 51 -3.40 7.32 9.55
N THR A 52 -3.21 8.30 8.65
CA THR A 52 -2.69 9.63 9.03
C THR A 52 -3.80 10.44 9.72
N PRO A 53 -3.47 11.23 10.77
CA PRO A 53 -4.43 12.09 11.48
C PRO A 53 -5.00 13.21 10.60
N ASP A 54 -4.24 13.66 9.61
CA ASP A 54 -4.65 14.66 8.60
C ASP A 54 -5.52 14.15 7.44
N PHE A 55 -5.81 12.84 7.40
CA PHE A 55 -6.45 12.17 6.25
C PHE A 55 -5.70 12.25 4.91
N SER A 56 -4.38 12.44 4.98
CA SER A 56 -3.49 12.65 3.82
C SER A 56 -3.28 11.36 3.02
N ALA A 57 -3.13 10.22 3.72
CA ALA A 57 -2.97 8.88 3.15
C ALA A 57 -3.31 7.77 4.17
N CYS A 58 -3.60 6.58 3.67
CA CYS A 58 -3.73 5.34 4.44
C CYS A 58 -2.68 4.32 3.96
N ARG A 59 -1.83 3.83 4.88
CA ARG A 59 -0.73 2.90 4.60
C ARG A 59 -1.09 1.47 4.97
N ALA A 60 -1.16 0.57 4.00
CA ALA A 60 -1.59 -0.82 4.18
C ALA A 60 -0.43 -1.80 4.00
N TYR A 61 -0.13 -2.59 5.03
CA TYR A 61 1.06 -3.44 5.15
C TYR A 61 0.80 -4.92 4.84
N TRP A 62 1.46 -5.49 3.82
CA TRP A 62 1.15 -6.84 3.32
C TRP A 62 2.30 -7.85 3.47
N LYS A 63 1.93 -9.11 3.69
CA LYS A 63 2.82 -10.25 3.94
C LYS A 63 3.46 -10.76 2.64
N THR A 64 4.79 -10.81 2.60
CA THR A 64 5.60 -11.06 1.38
C THR A 64 6.20 -12.46 1.25
N THR A 65 6.58 -12.84 0.03
CA THR A 65 7.24 -14.12 -0.31
C THR A 65 8.78 -14.10 -0.19
N LEU A 66 9.42 -15.26 -0.34
CA LEU A 66 10.89 -15.40 -0.38
C LEU A 66 11.51 -14.90 -1.69
N SER A 67 10.72 -14.75 -2.78
CA SER A 67 11.19 -14.42 -4.12
C SER A 67 10.91 -12.97 -4.50
N ALA A 68 11.96 -12.19 -4.80
CA ALA A 68 11.83 -10.74 -5.08
C ALA A 68 11.07 -10.44 -6.39
N GLU A 69 11.15 -11.31 -7.41
CA GLU A 69 10.38 -11.16 -8.66
C GLU A 69 8.87 -11.38 -8.43
N GLN A 70 8.51 -12.38 -7.62
CA GLN A 70 7.12 -12.62 -7.19
C GLN A 70 6.62 -11.45 -6.33
N ASN A 71 7.45 -10.95 -5.42
CA ASN A 71 7.15 -9.78 -4.59
C ASN A 71 6.92 -8.51 -5.42
N ALA A 72 7.73 -8.27 -6.47
CA ALA A 72 7.54 -7.16 -7.40
C ALA A 72 6.23 -7.28 -8.20
N HIS A 73 5.89 -8.49 -8.67
CA HIS A 73 4.63 -8.74 -9.39
C HIS A 73 3.41 -8.47 -8.48
N MET A 74 3.42 -9.02 -7.26
CA MET A 74 2.38 -8.75 -6.26
C MET A 74 2.31 -7.28 -5.86
N GLU A 75 3.45 -6.60 -5.68
CA GLU A 75 3.49 -5.18 -5.35
C GLU A 75 2.87 -4.34 -6.48
N ALA A 76 3.29 -4.57 -7.73
CA ALA A 76 2.84 -3.80 -8.88
C ALA A 76 1.32 -3.91 -9.14
N VAL A 77 0.74 -5.11 -8.98
CA VAL A 77 -0.72 -5.29 -9.06
C VAL A 77 -1.47 -4.72 -7.85
N LEU A 78 -0.94 -4.87 -6.62
CA LEU A 78 -1.58 -4.38 -5.41
C LEU A 78 -1.60 -2.84 -5.34
N GLN A 79 -0.50 -2.18 -5.74
CA GLN A 79 -0.40 -0.72 -5.82
C GLN A 79 -1.38 -0.13 -6.84
N ARG A 80 -1.51 -0.73 -8.05
CA ARG A 80 -2.46 -0.25 -9.08
C ARG A 80 -3.92 -0.60 -8.77
N SER A 81 -4.16 -1.63 -7.94
CA SER A 81 -5.50 -1.97 -7.43
C SER A 81 -6.07 -0.94 -6.43
N ALA A 82 -5.22 -0.12 -5.82
CA ALA A 82 -5.55 0.76 -4.69
C ALA A 82 -6.63 1.83 -4.99
N ALA A 83 -6.64 2.42 -6.19
CA ALA A 83 -7.63 3.44 -6.57
C ALA A 83 -9.05 2.86 -6.71
N HIS A 84 -9.16 1.63 -7.23
CA HIS A 84 -10.40 0.85 -7.29
C HIS A 84 -10.84 0.40 -5.89
N MET A 85 -9.93 -0.03 -5.02
CA MET A 85 -10.24 -0.28 -3.60
C MET A 85 -10.77 0.97 -2.89
N ARG A 86 -10.20 2.16 -3.14
CA ARG A 86 -10.70 3.42 -2.58
C ARG A 86 -12.17 3.66 -2.95
N HIS A 87 -12.50 3.53 -4.24
CA HIS A 87 -13.86 3.67 -4.79
C HIS A 87 -14.84 2.62 -4.22
N LEU A 88 -14.41 1.36 -4.10
CA LEU A 88 -15.22 0.28 -3.52
C LEU A 88 -15.56 0.57 -2.04
N LEU A 89 -14.59 0.98 -1.23
CA LEU A 89 -14.81 1.30 0.19
C LEU A 89 -15.54 2.63 0.42
N MET A 90 -15.55 3.53 -0.56
CA MET A 90 -16.31 4.79 -0.54
C MET A 90 -17.84 4.58 -0.67
N SER A 91 -18.30 3.38 -1.03
CA SER A 91 -19.72 3.02 -1.06
C SER A 91 -20.36 2.92 0.34
N GLN A 92 -19.55 2.67 1.38
CA GLN A 92 -20.01 2.40 2.75
C GLN A 92 -20.19 3.68 3.56
N GLN A 93 -21.30 3.78 4.32
CA GLN A 93 -21.66 4.99 5.09
C GLN A 93 -20.66 5.31 6.21
N THR A 94 -20.18 4.29 6.93
CA THR A 94 -19.19 4.44 8.01
C THR A 94 -17.79 4.91 7.60
N LEU A 95 -17.36 4.52 6.40
CA LEU A 95 -16.13 4.97 5.74
C LEU A 95 -16.35 6.33 5.04
N ARG A 96 -16.80 7.33 5.81
CA ARG A 96 -17.26 8.65 5.31
C ARG A 96 -16.17 9.46 4.58
N ASN A 97 -14.90 9.25 4.91
CA ASN A 97 -13.75 9.98 4.36
C ASN A 97 -12.57 9.02 4.10
N VAL A 98 -12.62 8.27 2.99
CA VAL A 98 -11.52 7.38 2.56
C VAL A 98 -10.37 8.19 1.90
N PRO A 99 -9.14 8.18 2.45
CA PRO A 99 -7.97 8.83 1.86
C PRO A 99 -7.38 8.01 0.69
N PRO A 100 -6.39 8.52 -0.07
CA PRO A 100 -5.63 7.70 -1.00
C PRO A 100 -4.93 6.55 -0.27
N ILE A 101 -5.09 5.33 -0.80
CA ILE A 101 -4.53 4.10 -0.25
C ILE A 101 -3.15 3.86 -0.86
N VAL A 102 -2.17 3.50 -0.02
CA VAL A 102 -0.78 3.26 -0.39
C VAL A 102 -0.30 1.95 0.22
N PHE A 103 0.16 1.01 -0.62
CA PHE A 103 0.66 -0.29 -0.16
C PHE A 103 2.12 -0.31 0.30
N VAL A 104 2.42 -1.09 1.34
CA VAL A 104 3.73 -1.17 2.00
C VAL A 104 4.13 -2.61 2.28
N GLN A 105 5.37 -2.98 1.97
CA GLN A 105 5.90 -4.31 2.28
C GLN A 105 6.14 -4.44 3.79
N ASP A 106 5.59 -5.48 4.42
CA ASP A 106 5.82 -5.77 5.85
C ASP A 106 7.18 -6.49 6.07
N LYS A 107 7.82 -6.92 4.98
CA LYS A 107 9.10 -7.65 4.93
C LYS A 107 9.88 -7.27 3.66
N GLY A 108 11.13 -6.83 3.84
CA GLY A 108 12.01 -6.38 2.75
C GLY A 108 11.64 -5.02 2.15
N ASN A 109 12.50 -4.53 1.25
CA ASN A 109 12.32 -3.27 0.52
C ASN A 109 11.31 -3.42 -0.66
N ALA A 110 10.88 -2.29 -1.24
CA ALA A 110 10.12 -2.26 -2.49
C ALA A 110 10.91 -2.86 -3.67
N ALA A 111 10.21 -3.51 -4.60
CA ALA A 111 10.81 -4.33 -5.66
C ALA A 111 10.41 -3.89 -7.10
N LEU A 112 9.80 -2.71 -7.26
CA LEU A 112 9.29 -2.18 -8.54
C LEU A 112 10.36 -1.86 -9.61
N ALA A 113 11.63 -2.17 -9.36
CA ALA A 113 12.70 -2.15 -10.36
C ALA A 113 12.44 -3.13 -11.52
N GLU A 114 11.66 -4.19 -11.28
CA GLU A 114 11.13 -5.11 -12.29
C GLU A 114 9.94 -4.48 -13.06
N LEU A 115 10.21 -3.35 -13.73
CA LEU A 115 9.21 -2.52 -14.43
C LEU A 115 8.50 -3.27 -15.58
N ASP A 116 7.20 -3.00 -15.75
CA ASP A 116 6.40 -3.43 -16.91
C ASP A 116 6.66 -2.63 -18.21
N GLN A 117 6.59 -3.30 -19.35
CA GLN A 117 6.82 -2.71 -20.68
C GLN A 117 5.73 -1.71 -21.09
N LEU A 118 6.12 -0.72 -21.91
CA LEU A 118 5.27 0.41 -22.34
C LEU A 118 5.19 0.61 -23.88
N LEU A 119 5.75 -0.32 -24.65
CA LEU A 119 5.95 -0.22 -26.11
C LEU A 119 5.49 -1.45 -26.92
N ALA A 120 4.81 -2.41 -26.29
CA ALA A 120 4.35 -3.66 -26.92
C ALA A 120 3.29 -3.42 -28.01
N VAL A 121 3.34 -4.23 -29.08
CA VAL A 121 2.43 -4.13 -30.24
C VAL A 121 0.95 -4.42 -29.96
N ALA A 122 0.63 -4.99 -28.80
CA ALA A 122 -0.73 -5.22 -28.32
C ALA A 122 -1.49 -3.93 -27.92
N ASP A 123 -0.80 -2.80 -27.75
CA ASP A 123 -1.40 -1.50 -27.41
C ASP A 123 -2.39 -0.95 -28.44
N SER A 124 -3.67 -0.86 -28.08
CA SER A 124 -4.76 -0.34 -28.92
C SER A 124 -5.94 0.17 -28.07
N GLY A 125 -6.71 1.14 -28.58
CA GLY A 125 -7.85 1.74 -27.88
C GLY A 125 -9.11 0.86 -27.81
N PRO A 126 -10.10 1.18 -26.95
CA PRO A 126 -11.36 0.46 -26.84
C PRO A 126 -12.20 0.43 -28.13
N SER A 127 -13.04 -0.60 -28.28
CA SER A 127 -14.04 -0.70 -29.35
C SER A 127 -15.22 0.27 -29.15
N SER A 128 -15.95 0.56 -30.25
CA SER A 128 -17.13 1.45 -30.26
C SER A 128 -18.08 1.11 -31.42
N GLY A 129 -19.36 1.47 -31.30
CA GLY A 129 -20.43 1.17 -32.27
C GLY A 129 -20.82 -0.31 -32.32
N GLY A 1 4.90 4.47 30.97
CA GLY A 1 3.43 4.64 30.92
C GLY A 1 2.98 5.89 31.67
N SER A 2 1.87 5.81 32.39
CA SER A 2 1.32 6.88 33.24
C SER A 2 1.05 8.23 32.54
N SER A 3 0.72 8.19 31.25
CA SER A 3 0.43 9.37 30.40
C SER A 3 -0.49 9.01 29.23
N GLY A 4 -1.26 9.98 28.74
CA GLY A 4 -2.25 9.82 27.66
C GLY A 4 -1.65 9.76 26.24
N SER A 5 -2.50 9.43 25.27
CA SER A 5 -2.19 9.48 23.82
C SER A 5 -2.06 10.91 23.27
N SER A 6 -1.44 11.06 22.10
CA SER A 6 -1.29 12.35 21.40
C SER A 6 -2.63 12.87 20.83
N GLY A 7 -2.81 14.18 20.82
CA GLY A 7 -4.08 14.84 20.46
C GLY A 7 -5.18 14.67 21.50
N ARG A 8 -6.39 15.19 21.22
CA ARG A 8 -7.58 14.99 22.07
C ARG A 8 -8.14 13.57 21.93
N LYS A 9 -8.77 13.03 22.97
CA LYS A 9 -9.19 11.62 23.06
C LYS A 9 -10.11 11.19 21.91
N GLU A 10 -11.09 12.03 21.53
CA GLU A 10 -12.03 11.69 20.44
C GLU A 10 -11.39 11.74 19.04
N ASP A 11 -10.35 12.55 18.84
CA ASP A 11 -9.59 12.57 17.59
C ASP A 11 -8.76 11.28 17.39
N HIS A 12 -8.11 10.82 18.46
CA HIS A 12 -7.47 9.50 18.52
C HIS A 12 -8.49 8.36 18.34
N ALA A 13 -9.67 8.47 18.95
CA ALA A 13 -10.77 7.52 18.79
C ALA A 13 -11.27 7.44 17.33
N ARG A 14 -11.44 8.59 16.66
CA ARG A 14 -11.81 8.67 15.23
C ARG A 14 -10.75 8.01 14.36
N LEU A 15 -9.47 8.34 14.55
CA LEU A 15 -8.37 7.74 13.78
C LEU A 15 -8.35 6.22 13.94
N ARG A 16 -8.45 5.71 15.18
CA ARG A 16 -8.49 4.27 15.49
C ARG A 16 -9.66 3.55 14.84
N ALA A 17 -10.86 4.11 14.94
CA ALA A 17 -12.08 3.51 14.41
C ALA A 17 -12.10 3.48 12.88
N LEU A 18 -11.73 4.58 12.22
CA LEU A 18 -11.66 4.70 10.77
C LEU A 18 -10.58 3.77 10.19
N ASN A 19 -9.41 3.72 10.83
CA ASN A 19 -8.32 2.79 10.51
C ASN A 19 -8.75 1.32 10.64
N GLY A 20 -9.52 0.96 11.68
CA GLY A 20 -10.05 -0.39 11.89
C GLY A 20 -11.10 -0.80 10.85
N LEU A 21 -12.02 0.11 10.48
CA LEU A 21 -13.00 -0.09 9.42
C LEU A 21 -12.32 -0.28 8.06
N LEU A 22 -11.33 0.56 7.73
CA LEU A 22 -10.50 0.41 6.53
C LEU A 22 -9.72 -0.91 6.56
N TYR A 23 -9.16 -1.31 7.71
CA TYR A 23 -8.42 -2.57 7.81
C TYR A 23 -9.20 -3.83 7.43
N LYS A 24 -10.38 -4.01 8.03
CA LYS A 24 -11.29 -5.12 7.72
C LYS A 24 -11.73 -5.09 6.25
N ALA A 25 -12.17 -3.93 5.77
CA ALA A 25 -12.71 -3.79 4.42
C ALA A 25 -11.64 -3.92 3.32
N LEU A 26 -10.43 -3.36 3.50
CA LEU A 26 -9.30 -3.56 2.59
C LEU A 26 -8.86 -5.03 2.56
N THR A 27 -8.72 -5.67 3.73
CA THR A 27 -8.39 -7.11 3.82
C THR A 27 -9.41 -7.98 3.08
N ASP A 28 -10.70 -7.69 3.22
CA ASP A 28 -11.76 -8.32 2.43
C ASP A 28 -11.65 -8.14 0.90
N LEU A 29 -11.23 -6.96 0.43
CA LEU A 29 -10.98 -6.68 -0.98
C LEU A 29 -9.73 -7.41 -1.52
N LEU A 30 -8.63 -7.51 -0.76
CA LEU A 30 -7.50 -8.37 -1.13
C LEU A 30 -7.91 -9.85 -1.20
N CYS A 31 -8.86 -10.27 -0.36
CA CYS A 31 -9.39 -11.63 -0.28
C CYS A 31 -10.51 -11.98 -1.29
N THR A 32 -10.79 -11.14 -2.30
CA THR A 32 -11.89 -11.39 -3.27
C THR A 32 -11.39 -11.10 -4.69
N PRO A 33 -11.85 -11.87 -5.71
CA PRO A 33 -11.57 -11.59 -7.12
C PRO A 33 -12.29 -10.36 -7.68
N GLU A 34 -13.27 -9.79 -6.97
CA GLU A 34 -14.03 -8.60 -7.39
C GLU A 34 -13.16 -7.35 -7.65
N VAL A 35 -12.03 -7.18 -6.94
CA VAL A 35 -11.03 -6.16 -7.28
C VAL A 35 -10.14 -6.58 -8.46
N SER A 36 -9.60 -7.80 -8.41
CA SER A 36 -8.77 -8.41 -9.46
C SER A 36 -8.68 -9.92 -9.27
N GLN A 37 -9.02 -10.69 -10.31
CA GLN A 37 -8.86 -12.15 -10.32
C GLN A 37 -7.40 -12.58 -10.16
N GLU A 38 -6.46 -11.81 -10.74
CA GLU A 38 -5.02 -12.07 -10.61
C GLU A 38 -4.55 -11.84 -9.17
N LEU A 39 -4.98 -10.74 -8.54
CA LEU A 39 -4.63 -10.43 -7.14
C LEU A 39 -5.16 -11.52 -6.18
N TYR A 40 -6.39 -11.98 -6.41
CA TYR A 40 -6.99 -13.09 -5.67
C TYR A 40 -6.25 -14.43 -5.86
N ASP A 41 -5.91 -14.78 -7.10
CA ASP A 41 -5.09 -15.96 -7.43
C ASP A 41 -3.66 -15.98 -6.87
N LEU A 42 -3.05 -14.79 -6.67
CA LEU A 42 -1.77 -14.61 -5.95
C LEU A 42 -1.91 -14.85 -4.43
N ASN A 43 -3.13 -14.97 -3.90
CA ASN A 43 -3.46 -15.29 -2.51
C ASN A 43 -2.86 -14.32 -1.46
N VAL A 44 -2.70 -13.04 -1.82
CA VAL A 44 -2.22 -11.99 -0.92
C VAL A 44 -3.17 -11.74 0.26
N GLU A 45 -2.61 -11.30 1.40
CA GLU A 45 -3.36 -10.78 2.54
C GLU A 45 -2.58 -9.68 3.28
N LEU A 46 -3.32 -8.74 3.87
CA LEU A 46 -2.78 -7.74 4.80
C LEU A 46 -2.38 -8.34 6.16
N SER A 47 -1.50 -7.62 6.86
CA SER A 47 -1.11 -7.87 8.25
C SER A 47 -1.37 -6.65 9.15
N LYS A 48 -1.32 -5.41 8.60
CA LYS A 48 -1.64 -4.15 9.30
C LYS A 48 -2.04 -3.03 8.33
N VAL A 49 -2.78 -2.03 8.81
CA VAL A 49 -3.06 -0.76 8.13
C VAL A 49 -2.66 0.39 9.08
N SER A 50 -2.19 1.50 8.50
CA SER A 50 -1.84 2.75 9.18
C SER A 50 -2.38 3.98 8.44
N LEU A 51 -3.51 4.48 8.91
CA LEU A 51 -4.08 5.77 8.50
C LEU A 51 -3.28 6.94 9.09
N THR A 52 -2.98 7.98 8.31
CA THR A 52 -2.21 9.14 8.79
C THR A 52 -3.03 10.02 9.75
N PRO A 53 -2.37 10.65 10.74
CA PRO A 53 -2.99 11.58 11.70
C PRO A 53 -3.59 12.83 11.03
N ASP A 54 -3.05 13.24 9.88
CA ASP A 54 -3.58 14.30 9.02
C ASP A 54 -4.82 13.94 8.17
N PHE A 55 -5.29 12.69 8.25
CA PHE A 55 -6.30 12.09 7.37
C PHE A 55 -5.96 12.05 5.87
N SER A 56 -4.68 12.27 5.53
CA SER A 56 -4.15 12.49 4.18
C SER A 56 -3.88 11.22 3.37
N ALA A 57 -3.56 10.09 4.01
CA ALA A 57 -3.26 8.82 3.33
C ALA A 57 -3.58 7.60 4.20
N CYS A 58 -3.89 6.48 3.55
CA CYS A 58 -4.05 5.17 4.20
C CYS A 58 -2.96 4.19 3.71
N ARG A 59 -2.00 3.86 4.58
CA ARG A 59 -0.97 2.85 4.30
C ARG A 59 -1.47 1.45 4.63
N ALA A 60 -1.20 0.48 3.77
CA ALA A 60 -1.64 -0.90 3.95
C ALA A 60 -0.48 -1.90 3.76
N TYR A 61 -0.18 -2.65 4.82
CA TYR A 61 0.97 -3.54 4.93
C TYR A 61 0.63 -5.00 4.60
N TRP A 62 1.26 -5.57 3.58
CA TRP A 62 0.90 -6.88 3.01
C TRP A 62 2.03 -7.91 3.15
N LYS A 63 1.65 -9.18 3.34
CA LYS A 63 2.58 -10.29 3.65
C LYS A 63 3.33 -10.76 2.40
N THR A 64 4.67 -10.83 2.49
CA THR A 64 5.60 -11.05 1.37
C THR A 64 6.25 -12.45 1.31
N THR A 65 6.73 -12.84 0.13
CA THR A 65 7.45 -14.10 -0.13
C THR A 65 8.97 -14.00 -0.13
N LEU A 66 9.67 -15.14 -0.18
CA LEU A 66 11.13 -15.21 -0.29
C LEU A 66 11.67 -14.76 -1.66
N SER A 67 10.83 -14.71 -2.71
CA SER A 67 11.20 -14.25 -4.05
C SER A 67 10.93 -12.75 -4.24
N ALA A 68 11.98 -11.97 -4.50
CA ALA A 68 11.84 -10.54 -4.82
C ALA A 68 11.13 -10.30 -6.17
N GLU A 69 11.23 -11.25 -7.11
CA GLU A 69 10.53 -11.24 -8.40
C GLU A 69 9.02 -11.38 -8.21
N GLN A 70 8.60 -12.36 -7.40
CA GLN A 70 7.21 -12.54 -6.98
C GLN A 70 6.70 -11.32 -6.19
N ASN A 71 7.50 -10.78 -5.27
CA ASN A 71 7.15 -9.60 -4.50
C ASN A 71 6.94 -8.35 -5.38
N ALA A 72 7.79 -8.11 -6.38
CA ALA A 72 7.62 -7.00 -7.32
C ALA A 72 6.36 -7.16 -8.20
N HIS A 73 6.05 -8.39 -8.63
CA HIS A 73 4.80 -8.69 -9.35
C HIS A 73 3.56 -8.42 -8.50
N MET A 74 3.51 -8.96 -7.27
CA MET A 74 2.43 -8.70 -6.32
C MET A 74 2.31 -7.20 -5.95
N GLU A 75 3.42 -6.50 -5.75
CA GLU A 75 3.43 -5.06 -5.45
C GLU A 75 2.77 -4.25 -6.57
N ALA A 76 3.15 -4.51 -7.83
CA ALA A 76 2.64 -3.78 -8.99
C ALA A 76 1.13 -4.00 -9.19
N VAL A 77 0.65 -5.25 -9.17
CA VAL A 77 -0.80 -5.53 -9.30
C VAL A 77 -1.62 -4.98 -8.13
N LEU A 78 -1.09 -5.05 -6.90
CA LEU A 78 -1.76 -4.51 -5.71
C LEU A 78 -1.85 -2.97 -5.74
N GLN A 79 -0.79 -2.28 -6.20
CA GLN A 79 -0.81 -0.84 -6.48
C GLN A 79 -1.75 -0.44 -7.63
N ARG A 80 -1.83 -1.23 -8.71
CA ARG A 80 -2.84 -1.07 -9.78
C ARG A 80 -4.28 -1.25 -9.27
N SER A 81 -4.48 -2.17 -8.33
CA SER A 81 -5.76 -2.45 -7.69
C SER A 81 -6.23 -1.32 -6.75
N ALA A 82 -5.31 -0.50 -6.21
CA ALA A 82 -5.56 0.46 -5.14
C ALA A 82 -6.64 1.52 -5.45
N ALA A 83 -6.64 2.11 -6.65
CA ALA A 83 -7.62 3.13 -7.04
C ALA A 83 -9.06 2.55 -7.12
N HIS A 84 -9.19 1.34 -7.64
CA HIS A 84 -10.44 0.57 -7.67
C HIS A 84 -10.89 0.16 -6.26
N MET A 85 -9.97 -0.27 -5.38
CA MET A 85 -10.31 -0.47 -3.95
C MET A 85 -10.83 0.81 -3.30
N ARG A 86 -10.21 1.98 -3.58
CA ARG A 86 -10.64 3.27 -3.02
C ARG A 86 -12.10 3.53 -3.38
N HIS A 87 -12.46 3.38 -4.66
CA HIS A 87 -13.82 3.51 -5.19
C HIS A 87 -14.81 2.49 -4.61
N LEU A 88 -14.43 1.21 -4.50
CA LEU A 88 -15.27 0.15 -3.93
C LEU A 88 -15.62 0.43 -2.45
N LEU A 89 -14.70 1.00 -1.67
CA LEU A 89 -14.96 1.44 -0.30
C LEU A 89 -15.77 2.75 -0.23
N MET A 90 -15.59 3.67 -1.17
CA MET A 90 -16.35 4.92 -1.28
C MET A 90 -17.80 4.73 -1.75
N SER A 91 -18.12 3.58 -2.36
CA SER A 91 -19.49 3.18 -2.68
C SER A 91 -20.35 2.94 -1.42
N GLN A 92 -19.74 2.59 -0.29
CA GLN A 92 -20.43 2.39 0.99
C GLN A 92 -21.06 3.69 1.53
N GLN A 93 -22.10 3.57 2.35
CA GLN A 93 -22.79 4.73 2.95
C GLN A 93 -21.98 5.38 4.09
N THR A 94 -21.23 4.61 4.86
CA THR A 94 -20.41 5.09 5.99
C THR A 94 -19.01 5.58 5.59
N LEU A 95 -18.25 4.78 4.84
CA LEU A 95 -16.93 5.14 4.27
C LEU A 95 -17.07 5.92 2.94
N ARG A 96 -18.06 6.82 2.82
CA ARG A 96 -18.40 7.54 1.56
C ARG A 96 -17.27 8.42 0.99
N ASN A 97 -16.26 8.76 1.80
CA ASN A 97 -15.01 9.40 1.37
C ASN A 97 -13.81 8.66 1.99
N VAL A 98 -12.79 8.35 1.18
CA VAL A 98 -11.63 7.52 1.54
C VAL A 98 -10.34 8.17 0.98
N PRO A 99 -9.30 8.38 1.80
CA PRO A 99 -8.02 8.95 1.35
C PRO A 99 -7.24 8.01 0.43
N PRO A 100 -6.23 8.49 -0.33
CA PRO A 100 -5.40 7.66 -1.20
C PRO A 100 -4.77 6.47 -0.45
N ILE A 101 -4.92 5.28 -1.05
CA ILE A 101 -4.41 4.01 -0.51
C ILE A 101 -3.00 3.76 -1.06
N VAL A 102 -2.07 3.40 -0.18
CA VAL A 102 -0.65 3.15 -0.49
C VAL A 102 -0.21 1.80 0.07
N PHE A 103 0.13 0.85 -0.79
CA PHE A 103 0.59 -0.48 -0.37
C PHE A 103 2.08 -0.56 0.00
N VAL A 104 2.39 -1.26 1.10
CA VAL A 104 3.72 -1.28 1.73
C VAL A 104 4.20 -2.68 2.09
N GLN A 105 5.45 -3.00 1.77
CA GLN A 105 6.07 -4.29 2.09
C GLN A 105 6.57 -4.36 3.53
N ASP A 106 6.43 -5.53 4.16
CA ASP A 106 6.98 -5.82 5.50
C ASP A 106 8.52 -5.99 5.57
N LYS A 107 9.15 -6.36 4.43
CA LYS A 107 10.61 -6.50 4.23
C LYS A 107 11.05 -6.00 2.85
N GLY A 108 12.34 -5.67 2.69
CA GLY A 108 12.93 -5.24 1.42
C GLY A 108 14.46 -5.13 1.45
N ASN A 109 15.09 -5.10 0.28
CA ASN A 109 16.54 -4.97 0.08
C ASN A 109 16.88 -4.17 -1.20
N ALA A 110 18.16 -3.79 -1.36
CA ALA A 110 18.71 -3.11 -2.52
C ALA A 110 20.13 -3.61 -2.89
N ALA A 111 20.57 -3.35 -4.12
CA ALA A 111 21.89 -3.68 -4.65
C ALA A 111 22.43 -2.56 -5.56
N LEU A 112 23.75 -2.35 -5.53
CA LEU A 112 24.50 -1.35 -6.31
C LEU A 112 25.89 -1.89 -6.73
N ALA A 113 26.40 -1.41 -7.87
CA ALA A 113 27.76 -1.69 -8.36
C ALA A 113 28.47 -0.42 -8.86
N GLU A 114 29.80 -0.50 -9.01
CA GLU A 114 30.68 0.66 -9.24
C GLU A 114 31.64 0.51 -10.45
N LEU A 115 31.38 -0.48 -11.31
CA LEU A 115 32.17 -0.77 -12.51
C LEU A 115 32.05 0.32 -13.61
N ASP A 116 33.11 0.47 -14.41
CA ASP A 116 33.20 1.37 -15.57
C ASP A 116 33.94 0.78 -16.80
N GLN A 117 33.55 1.20 -18.00
CA GLN A 117 34.22 0.81 -19.26
C GLN A 117 35.55 1.55 -19.48
N LEU A 118 36.48 0.92 -20.19
CA LEU A 118 37.81 1.47 -20.53
C LEU A 118 37.82 2.33 -21.81
N LEU A 119 36.65 2.65 -22.38
CA LEU A 119 36.48 3.43 -23.61
C LEU A 119 36.93 4.90 -23.44
N ALA A 120 37.64 5.42 -24.45
CA ALA A 120 38.21 6.77 -24.48
C ALA A 120 38.47 7.24 -25.93
N VAL A 121 38.82 8.52 -26.10
CA VAL A 121 39.26 9.13 -27.37
C VAL A 121 40.40 10.13 -27.19
N ALA A 122 41.38 10.11 -28.10
CA ALA A 122 42.59 10.94 -28.04
C ALA A 122 42.38 12.37 -28.58
N ASP A 123 43.17 13.32 -28.07
CA ASP A 123 43.28 14.69 -28.61
C ASP A 123 44.07 14.81 -29.93
N SER A 124 43.82 15.88 -30.70
CA SER A 124 44.49 16.15 -31.99
C SER A 124 44.57 17.66 -32.30
N GLY A 125 45.54 18.06 -33.12
CA GLY A 125 45.73 19.44 -33.59
C GLY A 125 46.76 19.52 -34.74
N PRO A 126 46.49 20.29 -35.82
CA PRO A 126 47.41 20.44 -36.96
C PRO A 126 48.77 21.07 -36.61
N SER A 127 49.79 20.76 -37.41
CA SER A 127 51.11 21.42 -37.37
C SER A 127 51.05 22.87 -37.88
N SER A 128 52.02 23.70 -37.47
CA SER A 128 52.17 25.10 -37.91
C SER A 128 52.54 25.26 -39.40
N GLY A 129 53.01 24.18 -40.06
CA GLY A 129 53.40 24.15 -41.48
C GLY A 129 53.77 22.75 -41.96
N GLY A 1 -21.74 4.04 37.46
CA GLY A 1 -21.44 5.45 37.16
C GLY A 1 -22.38 6.03 36.12
N SER A 2 -22.58 7.36 36.15
CA SER A 2 -23.44 8.08 35.19
C SER A 2 -22.85 8.14 33.76
N SER A 3 -23.72 8.18 32.75
CA SER A 3 -23.35 8.29 31.33
C SER A 3 -22.68 9.62 30.96
N GLY A 4 -21.86 9.62 29.91
CA GLY A 4 -21.18 10.80 29.37
C GLY A 4 -20.37 10.52 28.10
N SER A 5 -19.97 11.58 27.38
CA SER A 5 -19.13 11.51 26.18
C SER A 5 -17.66 11.22 26.49
N SER A 6 -16.88 10.84 25.48
CA SER A 6 -15.42 10.65 25.58
C SER A 6 -14.60 11.95 25.45
N GLY A 7 -15.24 13.11 25.34
CA GLY A 7 -14.60 14.43 25.28
C GLY A 7 -13.68 14.60 24.06
N ARG A 8 -12.51 15.22 24.29
CA ARG A 8 -11.53 15.53 23.22
C ARG A 8 -10.91 14.30 22.56
N LYS A 9 -10.91 13.15 23.24
CA LYS A 9 -10.38 11.86 22.76
C LYS A 9 -11.20 11.20 21.64
N GLU A 10 -12.41 11.71 21.34
CA GLU A 10 -13.19 11.20 20.20
C GLU A 10 -12.49 11.35 18.85
N ASP A 11 -11.64 12.36 18.68
CA ASP A 11 -10.79 12.48 17.48
C ASP A 11 -9.89 11.26 17.22
N HIS A 12 -9.22 10.77 18.27
CA HIS A 12 -8.42 9.55 18.24
C HIS A 12 -9.30 8.30 18.09
N ALA A 13 -10.47 8.25 18.73
CA ALA A 13 -11.43 7.16 18.59
C ALA A 13 -11.96 7.03 17.15
N ARG A 14 -12.27 8.15 16.50
CA ARG A 14 -12.73 8.22 15.10
C ARG A 14 -11.64 7.80 14.11
N LEU A 15 -10.40 8.25 14.30
CA LEU A 15 -9.23 7.78 13.54
C LEU A 15 -9.03 6.25 13.68
N ARG A 16 -9.08 5.74 14.92
CA ARG A 16 -8.91 4.30 15.23
C ARG A 16 -10.00 3.45 14.58
N ALA A 17 -11.26 3.85 14.71
CA ALA A 17 -12.40 3.12 14.18
C ALA A 17 -12.42 3.12 12.65
N LEU A 18 -12.16 4.27 12.01
CA LEU A 18 -12.07 4.40 10.56
C LEU A 18 -10.89 3.58 10.00
N ASN A 19 -9.74 3.56 10.68
CA ASN A 19 -8.61 2.71 10.31
C ASN A 19 -8.92 1.20 10.45
N GLY A 20 -9.66 0.79 11.49
CA GLY A 20 -10.13 -0.58 11.67
C GLY A 20 -11.11 -1.03 10.58
N LEU A 21 -12.04 -0.15 10.21
CA LEU A 21 -12.97 -0.36 9.08
C LEU A 21 -12.23 -0.46 7.75
N LEU A 22 -11.25 0.41 7.49
CA LEU A 22 -10.36 0.32 6.32
C LEU A 22 -9.60 -1.02 6.32
N TYR A 23 -9.04 -1.44 7.46
CA TYR A 23 -8.33 -2.72 7.56
C TYR A 23 -9.15 -3.96 7.19
N LYS A 24 -10.34 -4.09 7.79
CA LYS A 24 -11.27 -5.19 7.50
C LYS A 24 -11.76 -5.14 6.04
N ALA A 25 -12.17 -3.96 5.56
CA ALA A 25 -12.73 -3.81 4.22
C ALA A 25 -11.69 -3.97 3.09
N LEU A 26 -10.47 -3.43 3.25
CA LEU A 26 -9.38 -3.66 2.29
C LEU A 26 -9.00 -5.15 2.23
N THR A 27 -8.86 -5.81 3.39
CA THR A 27 -8.64 -7.27 3.46
C THR A 27 -9.74 -8.09 2.78
N ASP A 28 -11.00 -7.69 2.94
CA ASP A 28 -12.12 -8.25 2.15
C ASP A 28 -12.04 -8.07 0.63
N LEU A 29 -11.55 -6.92 0.15
CA LEU A 29 -11.31 -6.70 -1.28
C LEU A 29 -10.18 -7.60 -1.81
N LEU A 30 -9.06 -7.74 -1.09
CA LEU A 30 -8.00 -8.71 -1.42
C LEU A 30 -8.55 -10.16 -1.48
N CYS A 31 -9.53 -10.49 -0.64
CA CYS A 31 -10.17 -11.81 -0.58
C CYS A 31 -11.20 -12.11 -1.71
N THR A 32 -11.45 -11.19 -2.65
CA THR A 32 -12.45 -11.33 -3.72
C THR A 32 -12.00 -10.85 -5.13
N PRO A 33 -12.44 -11.47 -6.24
CA PRO A 33 -12.05 -11.06 -7.61
C PRO A 33 -12.55 -9.68 -8.04
N GLU A 34 -13.47 -9.05 -7.30
CA GLU A 34 -14.12 -7.78 -7.64
C GLU A 34 -13.16 -6.59 -7.78
N VAL A 35 -12.05 -6.60 -7.02
CA VAL A 35 -10.93 -5.66 -7.21
C VAL A 35 -10.02 -6.07 -8.38
N SER A 36 -9.59 -7.33 -8.40
CA SER A 36 -8.77 -7.92 -9.46
C SER A 36 -8.76 -9.45 -9.36
N GLN A 37 -9.03 -10.11 -10.49
CA GLN A 37 -8.89 -11.57 -10.62
C GLN A 37 -7.46 -12.06 -10.35
N GLU A 38 -6.46 -11.30 -10.82
CA GLU A 38 -5.04 -11.58 -10.61
C GLU A 38 -4.66 -11.45 -9.13
N LEU A 39 -5.09 -10.37 -8.46
CA LEU A 39 -4.82 -10.15 -7.03
C LEU A 39 -5.45 -11.24 -6.15
N TYR A 40 -6.69 -11.63 -6.47
CA TYR A 40 -7.36 -12.77 -5.85
C TYR A 40 -6.62 -14.11 -6.00
N ASP A 41 -6.22 -14.44 -7.24
CA ASP A 41 -5.49 -15.67 -7.57
C ASP A 41 -4.12 -15.80 -6.86
N LEU A 42 -3.45 -14.67 -6.64
CA LEU A 42 -2.20 -14.59 -5.86
C LEU A 42 -2.39 -14.84 -4.35
N ASN A 43 -3.63 -14.86 -3.86
CA ASN A 43 -4.02 -15.13 -2.47
C ASN A 43 -3.32 -14.20 -1.43
N VAL A 44 -3.02 -12.96 -1.80
CA VAL A 44 -2.44 -11.94 -0.89
C VAL A 44 -3.37 -11.61 0.28
N GLU A 45 -2.80 -11.26 1.43
CA GLU A 45 -3.54 -10.87 2.64
C GLU A 45 -2.76 -9.84 3.47
N LEU A 46 -3.44 -8.78 3.91
CA LEU A 46 -2.87 -7.74 4.79
C LEU A 46 -2.55 -8.24 6.22
N SER A 47 -1.52 -7.69 6.83
CA SER A 47 -1.19 -7.87 8.25
C SER A 47 -1.81 -6.80 9.16
N LYS A 48 -1.88 -5.54 8.68
CA LYS A 48 -2.39 -4.35 9.39
C LYS A 48 -2.55 -3.16 8.45
N VAL A 49 -3.26 -2.12 8.89
CA VAL A 49 -3.35 -0.81 8.24
C VAL A 49 -3.11 0.31 9.27
N SER A 50 -2.45 1.39 8.84
CA SER A 50 -2.19 2.61 9.61
C SER A 50 -2.72 3.86 8.89
N LEU A 51 -3.43 4.72 9.61
CA LEU A 51 -4.04 5.94 9.08
C LEU A 51 -3.36 7.21 9.62
N THR A 52 -3.18 8.22 8.76
CA THR A 52 -2.56 9.50 9.16
C THR A 52 -3.54 10.31 10.04
N PRO A 53 -3.02 11.03 11.07
CA PRO A 53 -3.84 11.89 11.92
C PRO A 53 -4.45 13.08 11.17
N ASP A 54 -3.78 13.54 10.10
CA ASP A 54 -4.27 14.56 9.16
C ASP A 54 -5.31 14.08 8.13
N PHE A 55 -5.66 12.79 8.14
CA PHE A 55 -6.53 12.12 7.15
C PHE A 55 -6.05 12.11 5.68
N SER A 56 -4.81 12.56 5.43
CA SER A 56 -4.24 12.83 4.11
C SER A 56 -3.79 11.58 3.33
N ALA A 57 -3.49 10.47 4.00
CA ALA A 57 -3.12 9.19 3.40
C ALA A 57 -3.36 7.98 4.34
N CYS A 58 -3.47 6.79 3.74
CA CYS A 58 -3.59 5.50 4.41
C CYS A 58 -2.47 4.53 3.96
N ARG A 59 -1.79 3.89 4.91
CA ARG A 59 -0.70 2.92 4.67
C ARG A 59 -1.14 1.51 5.03
N ALA A 60 -1.22 0.61 4.06
CA ALA A 60 -1.71 -0.75 4.22
C ALA A 60 -0.58 -1.79 4.04
N TYR A 61 -0.38 -2.64 5.05
CA TYR A 61 0.78 -3.54 5.16
C TYR A 61 0.52 -4.99 4.75
N TRP A 62 1.45 -5.62 4.02
CA TRP A 62 1.32 -7.01 3.55
C TRP A 62 2.64 -7.78 3.66
N LYS A 63 2.55 -9.06 4.03
CA LYS A 63 3.71 -9.96 4.23
C LYS A 63 4.23 -10.53 2.90
N THR A 64 5.56 -10.64 2.79
CA THR A 64 6.29 -10.95 1.55
C THR A 64 6.88 -12.37 1.47
N THR A 65 7.12 -12.87 0.25
CA THR A 65 7.74 -14.18 -0.04
C THR A 65 9.27 -14.17 -0.12
N LEU A 66 9.89 -15.36 -0.22
CA LEU A 66 11.34 -15.52 -0.43
C LEU A 66 11.84 -14.96 -1.77
N SER A 67 10.99 -14.93 -2.82
CA SER A 67 11.34 -14.44 -4.16
C SER A 67 11.08 -12.94 -4.32
N ALA A 68 12.12 -12.16 -4.60
CA ALA A 68 11.99 -10.72 -4.89
C ALA A 68 11.23 -10.44 -6.21
N GLU A 69 11.29 -11.36 -7.18
CA GLU A 69 10.51 -11.26 -8.43
C GLU A 69 9.01 -11.46 -8.17
N GLN A 70 8.64 -12.44 -7.34
CA GLN A 70 7.26 -12.63 -6.87
C GLN A 70 6.78 -11.43 -6.04
N ASN A 71 7.63 -10.88 -5.18
CA ASN A 71 7.32 -9.70 -4.37
C ASN A 71 7.06 -8.45 -5.23
N ALA A 72 7.88 -8.19 -6.25
CA ALA A 72 7.66 -7.08 -7.18
C ALA A 72 6.39 -7.27 -8.03
N HIS A 73 6.08 -8.51 -8.44
CA HIS A 73 4.84 -8.84 -9.14
C HIS A 73 3.60 -8.59 -8.29
N MET A 74 3.57 -9.12 -7.05
CA MET A 74 2.49 -8.88 -6.09
C MET A 74 2.37 -7.38 -5.72
N GLU A 75 3.50 -6.67 -5.58
CA GLU A 75 3.46 -5.23 -5.32
C GLU A 75 2.80 -4.45 -6.47
N ALA A 76 3.20 -4.71 -7.72
CA ALA A 76 2.68 -3.98 -8.88
C ALA A 76 1.15 -4.14 -9.06
N VAL A 77 0.63 -5.36 -8.90
CA VAL A 77 -0.83 -5.62 -8.93
C VAL A 77 -1.56 -5.01 -7.72
N LEU A 78 -0.99 -5.08 -6.51
CA LEU A 78 -1.61 -4.55 -5.30
C LEU A 78 -1.66 -3.00 -5.30
N GLN A 79 -0.56 -2.35 -5.72
CA GLN A 79 -0.48 -0.89 -5.88
C GLN A 79 -1.41 -0.37 -6.99
N ARG A 80 -1.48 -1.01 -8.16
CA ARG A 80 -2.38 -0.58 -9.26
C ARG A 80 -3.86 -0.80 -8.90
N SER A 81 -4.14 -1.80 -8.05
CA SER A 81 -5.49 -2.08 -7.53
C SER A 81 -6.01 -0.98 -6.57
N ALA A 82 -5.13 -0.21 -5.94
CA ALA A 82 -5.45 0.71 -4.84
C ALA A 82 -6.44 1.83 -5.19
N ALA A 83 -6.37 2.41 -6.39
CA ALA A 83 -7.29 3.47 -6.83
C ALA A 83 -8.74 2.95 -7.00
N HIS A 84 -8.88 1.74 -7.55
CA HIS A 84 -10.15 1.00 -7.62
C HIS A 84 -10.65 0.57 -6.23
N MET A 85 -9.76 0.13 -5.33
CA MET A 85 -10.14 -0.09 -3.91
C MET A 85 -10.70 1.19 -3.27
N ARG A 86 -10.10 2.37 -3.52
CA ARG A 86 -10.59 3.64 -2.98
C ARG A 86 -12.05 3.89 -3.40
N HIS A 87 -12.36 3.68 -4.69
CA HIS A 87 -13.70 3.78 -5.27
C HIS A 87 -14.68 2.74 -4.70
N LEU A 88 -14.26 1.47 -4.58
CA LEU A 88 -15.09 0.39 -4.02
C LEU A 88 -15.45 0.65 -2.55
N LEU A 89 -14.54 1.23 -1.77
CA LEU A 89 -14.78 1.63 -0.38
C LEU A 89 -15.55 2.96 -0.24
N MET A 90 -15.53 3.82 -1.25
CA MET A 90 -16.30 5.07 -1.30
C MET A 90 -17.81 4.83 -1.49
N SER A 91 -18.20 3.69 -2.06
CA SER A 91 -19.60 3.23 -2.14
C SER A 91 -20.18 2.77 -0.78
N GLN A 92 -19.34 2.52 0.23
CA GLN A 92 -19.77 2.02 1.55
C GLN A 92 -20.10 3.18 2.50
N GLN A 93 -21.27 3.16 3.12
CA GLN A 93 -21.76 4.23 4.02
C GLN A 93 -21.05 4.27 5.39
N THR A 94 -20.34 3.19 5.77
CA THR A 94 -19.61 3.09 7.04
C THR A 94 -18.42 4.04 7.23
N LEU A 95 -17.72 4.37 6.14
CA LEU A 95 -16.64 5.36 6.09
C LEU A 95 -17.21 6.76 5.76
N ARG A 96 -16.85 7.78 6.55
CA ARG A 96 -17.29 9.18 6.32
C ARG A 96 -16.70 9.77 5.03
N ASN A 97 -15.45 9.41 4.75
CA ASN A 97 -14.67 9.69 3.53
C ASN A 97 -13.57 8.61 3.43
N VAL A 98 -12.94 8.45 2.25
CA VAL A 98 -11.88 7.46 2.01
C VAL A 98 -10.55 8.14 1.60
N PRO A 99 -9.47 7.97 2.38
CA PRO A 99 -8.14 8.52 2.05
C PRO A 99 -7.50 7.80 0.84
N PRO A 100 -6.47 8.38 0.20
CA PRO A 100 -5.68 7.67 -0.79
C PRO A 100 -4.92 6.51 -0.14
N ILE A 101 -5.10 5.32 -0.70
CA ILE A 101 -4.54 4.05 -0.19
C ILE A 101 -3.17 3.81 -0.82
N VAL A 102 -2.17 3.51 0.01
CA VAL A 102 -0.79 3.24 -0.38
C VAL A 102 -0.33 1.92 0.26
N PHE A 103 0.10 0.95 -0.57
CA PHE A 103 0.58 -0.33 -0.08
C PHE A 103 2.04 -0.36 0.37
N VAL A 104 2.34 -1.11 1.44
CA VAL A 104 3.64 -1.15 2.11
C VAL A 104 4.09 -2.59 2.42
N GLN A 105 5.31 -2.95 2.03
CA GLN A 105 5.88 -4.25 2.36
C GLN A 105 6.22 -4.31 3.86
N ASP A 106 5.73 -5.35 4.55
CA ASP A 106 5.89 -5.49 6.02
C ASP A 106 7.28 -6.10 6.37
N LYS A 107 8.07 -6.49 5.35
CA LYS A 107 9.46 -6.97 5.47
C LYS A 107 10.43 -5.78 5.62
N GLY A 108 11.22 -5.78 6.70
CA GLY A 108 12.28 -4.79 6.93
C GLY A 108 13.54 -5.04 6.08
N ASN A 109 14.33 -3.98 5.85
CA ASN A 109 15.60 -4.02 5.09
C ASN A 109 16.66 -3.10 5.72
N ALA A 110 17.95 -3.42 5.52
CA ALA A 110 19.10 -2.62 5.95
C ALA A 110 19.31 -1.35 5.09
N ALA A 111 20.09 -0.40 5.60
CA ALA A 111 20.54 0.81 4.91
C ALA A 111 21.98 1.18 5.32
N LEU A 112 22.73 1.76 4.39
CA LEU A 112 24.11 2.22 4.55
C LEU A 112 24.36 3.55 3.80
N ALA A 113 25.05 4.50 4.44
CA ALA A 113 25.39 5.81 3.85
C ALA A 113 26.57 5.75 2.87
N GLU A 114 26.64 6.73 1.97
CA GLU A 114 27.60 6.79 0.85
C GLU A 114 28.04 8.25 0.61
N LEU A 115 29.28 8.57 0.99
CA LEU A 115 29.89 9.89 0.80
C LEU A 115 30.13 10.23 -0.68
N ASP A 116 30.12 11.52 -1.01
CA ASP A 116 30.35 12.06 -2.36
C ASP A 116 31.19 13.37 -2.32
N GLN A 117 32.44 13.26 -1.83
CA GLN A 117 33.35 14.38 -1.67
C GLN A 117 33.84 14.95 -3.02
N LEU A 118 34.05 16.27 -3.08
CA LEU A 118 34.53 16.98 -4.27
C LEU A 118 36.04 16.80 -4.45
N LEU A 119 36.49 16.67 -5.71
CA LEU A 119 37.90 16.65 -6.11
C LEU A 119 38.49 18.08 -6.13
N ALA A 120 39.74 18.25 -5.66
CA ALA A 120 40.45 19.54 -5.68
C ALA A 120 40.81 20.01 -7.11
N VAL A 121 40.88 21.33 -7.31
CA VAL A 121 41.17 21.99 -8.59
C VAL A 121 42.21 23.11 -8.44
N ALA A 122 42.92 23.42 -9.52
CA ALA A 122 43.93 24.49 -9.61
C ALA A 122 44.10 25.06 -11.03
N ASP A 123 44.03 24.21 -12.07
CA ASP A 123 44.12 24.61 -13.48
C ASP A 123 42.97 25.51 -13.98
N SER A 124 43.28 26.69 -14.52
CA SER A 124 42.31 27.67 -15.04
C SER A 124 41.58 27.23 -16.33
N GLY A 125 42.11 26.23 -17.06
CA GLY A 125 41.58 25.77 -18.34
C GLY A 125 41.65 26.81 -19.46
N PRO A 126 42.84 27.36 -19.79
CA PRO A 126 43.01 28.43 -20.78
C PRO A 126 42.63 27.99 -22.21
N SER A 127 42.22 28.97 -23.04
CA SER A 127 41.83 28.80 -24.45
C SER A 127 43.01 28.62 -25.43
N SER A 128 44.05 27.89 -25.02
CA SER A 128 45.32 27.72 -25.75
C SER A 128 45.22 26.92 -27.07
N GLY A 129 44.14 26.15 -27.26
CA GLY A 129 43.89 25.30 -28.43
C GLY A 129 44.85 24.11 -28.56
N GLY A 1 7.68 6.78 21.38
CA GLY A 1 7.83 8.21 21.02
C GLY A 1 6.84 8.63 19.94
N SER A 2 7.26 9.53 19.05
CA SER A 2 6.54 9.97 17.83
C SER A 2 5.08 10.43 18.03
N SER A 3 4.77 11.01 19.20
CA SER A 3 3.43 11.52 19.55
C SER A 3 3.06 12.80 18.77
N GLY A 4 1.77 13.02 18.51
CA GLY A 4 1.23 14.21 17.86
C GLY A 4 1.17 15.44 18.78
N SER A 5 2.34 15.93 19.21
CA SER A 5 2.57 17.01 20.18
C SER A 5 1.76 16.88 21.49
N SER A 6 0.63 17.58 21.62
CA SER A 6 -0.29 17.50 22.77
C SER A 6 -1.74 17.84 22.39
N GLY A 7 -2.69 17.26 23.13
CA GLY A 7 -4.14 17.42 22.91
C GLY A 7 -4.96 16.31 23.59
N ARG A 8 -6.30 16.39 23.49
CA ARG A 8 -7.22 15.35 23.99
C ARG A 8 -7.16 14.08 23.12
N LYS A 9 -7.15 12.91 23.76
CA LYS A 9 -6.89 11.59 23.14
C LYS A 9 -7.95 11.09 22.13
N GLU A 10 -9.07 11.80 21.97
CA GLU A 10 -10.13 11.43 21.02
C GLU A 10 -9.65 11.39 19.55
N ASP A 11 -8.58 12.10 19.20
CA ASP A 11 -7.97 12.04 17.86
C ASP A 11 -7.42 10.66 17.49
N HIS A 12 -6.62 10.07 18.39
CA HIS A 12 -6.11 8.70 18.29
C HIS A 12 -7.24 7.68 18.27
N ALA A 13 -8.27 7.84 19.11
CA ALA A 13 -9.45 6.98 19.12
C ALA A 13 -10.22 7.02 17.78
N ARG A 14 -10.43 8.22 17.22
CA ARG A 14 -11.09 8.44 15.93
C ARG A 14 -10.28 7.86 14.76
N LEU A 15 -8.97 8.08 14.74
CA LEU A 15 -8.05 7.49 13.76
C LEU A 15 -8.06 5.95 13.83
N ARG A 16 -7.99 5.37 15.03
CA ARG A 16 -7.99 3.92 15.27
C ARG A 16 -9.30 3.26 14.80
N ALA A 17 -10.44 3.87 15.11
CA ALA A 17 -11.75 3.35 14.70
C ALA A 17 -11.91 3.33 13.17
N LEU A 18 -11.57 4.44 12.49
CA LEU A 18 -11.64 4.56 11.03
C LEU A 18 -10.66 3.58 10.35
N ASN A 19 -9.42 3.53 10.85
CA ASN A 19 -8.37 2.62 10.37
C ASN A 19 -8.74 1.14 10.53
N GLY A 20 -9.37 0.75 11.63
CA GLY A 20 -9.84 -0.62 11.86
C GLY A 20 -10.95 -1.04 10.89
N LEU A 21 -11.90 -0.15 10.61
CA LEU A 21 -12.95 -0.35 9.60
C LEU A 21 -12.36 -0.47 8.19
N LEU A 22 -11.42 0.41 7.82
CA LEU A 22 -10.69 0.31 6.55
C LEU A 22 -9.90 -1.00 6.46
N TYR A 23 -9.22 -1.44 7.52
CA TYR A 23 -8.46 -2.69 7.52
C TYR A 23 -9.26 -3.95 7.21
N LYS A 24 -10.41 -4.12 7.88
CA LYS A 24 -11.34 -5.23 7.62
C LYS A 24 -11.91 -5.16 6.21
N ALA A 25 -12.37 -3.98 5.77
CA ALA A 25 -12.98 -3.79 4.47
C ALA A 25 -12.00 -3.95 3.29
N LEU A 26 -10.77 -3.44 3.40
CA LEU A 26 -9.69 -3.65 2.43
C LEU A 26 -9.34 -5.14 2.32
N THR A 27 -9.15 -5.83 3.45
CA THR A 27 -8.90 -7.27 3.49
C THR A 27 -10.00 -8.10 2.83
N ASP A 28 -11.27 -7.71 3.01
CA ASP A 28 -12.40 -8.27 2.26
C ASP A 28 -12.34 -8.13 0.73
N LEU A 29 -11.78 -7.02 0.21
CA LEU A 29 -11.55 -6.85 -1.23
C LEU A 29 -10.40 -7.75 -1.74
N LEU A 30 -9.27 -7.84 -1.02
CA LEU A 30 -8.17 -8.77 -1.34
C LEU A 30 -8.65 -10.23 -1.39
N CYS A 31 -9.64 -10.60 -0.58
CA CYS A 31 -10.21 -11.95 -0.50
C CYS A 31 -11.16 -12.35 -1.65
N THR A 32 -11.44 -11.47 -2.62
CA THR A 32 -12.43 -11.70 -3.70
C THR A 32 -12.01 -11.24 -5.11
N PRO A 33 -12.42 -11.89 -6.22
CA PRO A 33 -12.07 -11.49 -7.59
C PRO A 33 -12.61 -10.11 -8.04
N GLU A 34 -13.54 -9.51 -7.29
CA GLU A 34 -14.20 -8.24 -7.60
C GLU A 34 -13.23 -7.05 -7.74
N VAL A 35 -12.11 -7.06 -7.01
CA VAL A 35 -11.00 -6.13 -7.21
C VAL A 35 -10.13 -6.52 -8.41
N SER A 36 -9.67 -7.77 -8.45
CA SER A 36 -8.90 -8.37 -9.54
C SER A 36 -8.81 -9.90 -9.38
N GLN A 37 -9.06 -10.63 -10.47
CA GLN A 37 -8.84 -12.09 -10.53
C GLN A 37 -7.37 -12.48 -10.29
N GLU A 38 -6.43 -11.72 -10.87
CA GLU A 38 -4.99 -11.92 -10.65
C GLU A 38 -4.60 -11.71 -9.19
N LEU A 39 -5.10 -10.64 -8.56
CA LEU A 39 -4.83 -10.35 -7.15
C LEU A 39 -5.41 -11.44 -6.22
N TYR A 40 -6.61 -11.91 -6.53
CA TYR A 40 -7.24 -13.05 -5.86
C TYR A 40 -6.46 -14.37 -5.98
N ASP A 41 -5.99 -14.70 -7.19
CA ASP A 41 -5.19 -15.90 -7.46
C ASP A 41 -3.80 -15.88 -6.79
N LEU A 42 -3.19 -14.69 -6.67
CA LEU A 42 -1.96 -14.47 -5.88
C LEU A 42 -2.16 -14.66 -4.36
N ASN A 43 -3.41 -14.69 -3.88
CA ASN A 43 -3.80 -14.96 -2.49
C ASN A 43 -3.09 -14.05 -1.46
N VAL A 44 -2.92 -12.77 -1.80
CA VAL A 44 -2.37 -11.73 -0.91
C VAL A 44 -3.27 -11.51 0.31
N GLU A 45 -2.67 -11.13 1.44
CA GLU A 45 -3.37 -10.75 2.68
C GLU A 45 -2.63 -9.61 3.41
N LEU A 46 -3.39 -8.67 3.97
CA LEU A 46 -2.89 -7.63 4.85
C LEU A 46 -2.49 -8.16 6.24
N SER A 47 -1.36 -7.67 6.76
CA SER A 47 -0.90 -7.85 8.14
C SER A 47 -1.49 -6.77 9.05
N LYS A 48 -1.49 -5.51 8.58
CA LYS A 48 -1.99 -4.32 9.29
C LYS A 48 -2.23 -3.16 8.32
N VAL A 49 -2.97 -2.14 8.76
CA VAL A 49 -3.12 -0.85 8.08
C VAL A 49 -2.84 0.28 9.07
N SER A 50 -2.22 1.38 8.62
CA SER A 50 -1.95 2.59 9.38
C SER A 50 -2.43 3.83 8.64
N LEU A 51 -3.47 4.48 9.18
CA LEU A 51 -4.00 5.75 8.70
C LEU A 51 -3.16 6.94 9.22
N THR A 52 -2.86 7.92 8.37
CA THR A 52 -2.05 9.08 8.76
C THR A 52 -2.84 10.01 9.70
N PRO A 53 -2.17 10.64 10.70
CA PRO A 53 -2.80 11.57 11.64
C PRO A 53 -3.34 12.84 10.98
N ASP A 54 -2.74 13.26 9.85
CA ASP A 54 -3.23 14.34 8.99
C ASP A 54 -4.44 13.99 8.10
N PHE A 55 -4.88 12.72 8.12
CA PHE A 55 -5.90 12.15 7.24
C PHE A 55 -5.58 12.09 5.72
N SER A 56 -4.36 12.47 5.34
CA SER A 56 -3.92 12.68 3.95
C SER A 56 -3.76 11.40 3.12
N ALA A 57 -3.43 10.27 3.77
CA ALA A 57 -3.20 8.96 3.14
C ALA A 57 -3.40 7.80 4.13
N CYS A 58 -3.59 6.58 3.61
CA CYS A 58 -3.77 5.36 4.39
C CYS A 58 -2.78 4.28 3.89
N ARG A 59 -1.80 3.91 4.71
CA ARG A 59 -0.75 2.92 4.35
C ARG A 59 -1.15 1.51 4.76
N ALA A 60 -1.23 0.60 3.79
CA ALA A 60 -1.72 -0.77 3.97
C ALA A 60 -0.59 -1.80 3.77
N TYR A 61 -0.27 -2.55 4.81
CA TYR A 61 0.90 -3.44 4.89
C TYR A 61 0.58 -4.91 4.64
N TRP A 62 1.15 -5.52 3.61
CA TRP A 62 0.78 -6.87 3.13
C TRP A 62 1.91 -7.89 3.26
N LYS A 63 1.53 -9.15 3.52
CA LYS A 63 2.45 -10.24 3.88
C LYS A 63 3.22 -10.78 2.66
N THR A 64 4.53 -10.92 2.83
CA THR A 64 5.51 -11.18 1.75
C THR A 64 5.97 -12.64 1.66
N THR A 65 6.46 -13.03 0.48
CA THR A 65 7.17 -14.29 0.22
C THR A 65 8.69 -14.09 0.26
N LEU A 66 9.46 -15.19 0.22
CA LEU A 66 10.93 -15.18 0.14
C LEU A 66 11.45 -14.74 -1.26
N SER A 67 10.62 -14.85 -2.30
CA SER A 67 10.99 -14.51 -3.68
C SER A 67 10.73 -13.03 -4.01
N ALA A 68 11.79 -12.22 -4.15
CA ALA A 68 11.68 -10.78 -4.36
C ALA A 68 11.02 -10.38 -5.70
N GLU A 69 11.16 -11.21 -6.75
CA GLU A 69 10.46 -11.01 -8.03
C GLU A 69 8.94 -11.15 -7.88
N GLN A 70 8.49 -12.14 -7.10
CA GLN A 70 7.07 -12.33 -6.78
C GLN A 70 6.54 -11.23 -5.86
N ASN A 71 7.35 -10.76 -4.89
CA ASN A 71 7.01 -9.60 -4.06
C ASN A 71 6.81 -8.33 -4.91
N ALA A 72 7.71 -8.04 -5.86
CA ALA A 72 7.57 -6.89 -6.76
C ALA A 72 6.34 -7.00 -7.69
N HIS A 73 6.04 -8.20 -8.19
CA HIS A 73 4.82 -8.47 -8.97
C HIS A 73 3.54 -8.22 -8.15
N MET A 74 3.46 -8.81 -6.95
CA MET A 74 2.35 -8.59 -6.02
C MET A 74 2.20 -7.12 -5.62
N GLU A 75 3.31 -6.43 -5.34
CA GLU A 75 3.31 -5.02 -4.97
C GLU A 75 2.70 -4.16 -6.07
N ALA A 76 3.14 -4.33 -7.33
CA ALA A 76 2.67 -3.51 -8.43
C ALA A 76 1.19 -3.75 -8.77
N VAL A 77 0.72 -5.00 -8.82
CA VAL A 77 -0.72 -5.30 -9.04
C VAL A 77 -1.60 -4.78 -7.90
N LEU A 78 -1.14 -4.87 -6.65
CA LEU A 78 -1.88 -4.38 -5.48
C LEU A 78 -1.94 -2.84 -5.45
N GLN A 79 -0.86 -2.15 -5.80
CA GLN A 79 -0.82 -0.69 -6.00
C GLN A 79 -1.72 -0.22 -7.16
N ARG A 80 -1.70 -0.95 -8.29
CA ARG A 80 -2.63 -0.73 -9.42
C ARG A 80 -4.10 -0.92 -9.03
N SER A 81 -4.37 -1.89 -8.17
CA SER A 81 -5.71 -2.20 -7.63
C SER A 81 -6.25 -1.12 -6.67
N ALA A 82 -5.40 -0.27 -6.10
CA ALA A 82 -5.73 0.64 -5.00
C ALA A 82 -6.81 1.70 -5.35
N ALA A 83 -6.81 2.26 -6.56
CA ALA A 83 -7.80 3.26 -6.98
C ALA A 83 -9.22 2.66 -7.07
N HIS A 84 -9.32 1.45 -7.62
CA HIS A 84 -10.55 0.66 -7.67
C HIS A 84 -10.99 0.22 -6.27
N MET A 85 -10.07 -0.19 -5.38
CA MET A 85 -10.40 -0.41 -3.96
C MET A 85 -10.94 0.85 -3.27
N ARG A 86 -10.36 2.02 -3.54
CA ARG A 86 -10.85 3.30 -2.98
C ARG A 86 -12.29 3.56 -3.42
N HIS A 87 -12.60 3.36 -4.72
CA HIS A 87 -13.94 3.47 -5.31
C HIS A 87 -14.95 2.47 -4.71
N LEU A 88 -14.55 1.21 -4.51
CA LEU A 88 -15.40 0.18 -3.91
C LEU A 88 -15.77 0.52 -2.45
N LEU A 89 -14.87 1.13 -1.68
CA LEU A 89 -15.15 1.61 -0.32
C LEU A 89 -15.92 2.96 -0.29
N MET A 90 -15.82 3.77 -1.34
CA MET A 90 -16.58 5.01 -1.55
C MET A 90 -18.03 4.76 -1.98
N SER A 91 -18.32 3.58 -2.53
CA SER A 91 -19.67 3.14 -2.92
C SER A 91 -20.62 2.99 -1.72
N GLN A 92 -20.09 2.83 -0.50
CA GLN A 92 -20.85 2.89 0.74
C GLN A 92 -21.27 4.35 1.02
N GLN A 93 -22.55 4.67 0.79
CA GLN A 93 -23.06 6.05 0.77
C GLN A 93 -22.98 6.80 2.12
N THR A 94 -22.86 6.06 3.23
CA THR A 94 -22.64 6.61 4.58
C THR A 94 -21.21 7.14 4.80
N LEU A 95 -20.21 6.62 4.06
CA LEU A 95 -18.80 7.00 4.16
C LEU A 95 -18.47 8.09 3.11
N ARG A 96 -18.61 9.36 3.51
CA ARG A 96 -18.55 10.54 2.62
C ARG A 96 -17.23 10.69 1.85
N ASN A 97 -16.10 10.34 2.46
CA ASN A 97 -14.76 10.37 1.86
C ASN A 97 -13.91 9.17 2.30
N VAL A 98 -12.98 8.74 1.43
CA VAL A 98 -11.99 7.69 1.67
C VAL A 98 -10.60 8.20 1.25
N PRO A 99 -9.57 8.14 2.11
CA PRO A 99 -8.23 8.63 1.80
C PRO A 99 -7.54 7.78 0.72
N PRO A 100 -6.53 8.32 0.00
CA PRO A 100 -5.74 7.55 -0.95
C PRO A 100 -5.00 6.39 -0.26
N ILE A 101 -5.18 5.19 -0.79
CA ILE A 101 -4.63 3.95 -0.23
C ILE A 101 -3.25 3.69 -0.86
N VAL A 102 -2.26 3.41 -0.02
CA VAL A 102 -0.86 3.20 -0.42
C VAL A 102 -0.39 1.84 0.07
N PHE A 103 -0.10 0.92 -0.85
CA PHE A 103 0.33 -0.45 -0.50
C PHE A 103 1.82 -0.65 -0.26
N VAL A 104 2.18 -1.24 0.88
CA VAL A 104 3.55 -1.35 1.41
C VAL A 104 3.92 -2.78 1.83
N GLN A 105 5.13 -3.23 1.52
CA GLN A 105 5.63 -4.52 1.99
C GLN A 105 5.71 -4.56 3.53
N ASP A 106 5.29 -5.65 4.14
CA ASP A 106 5.51 -5.93 5.57
C ASP A 106 6.98 -5.86 6.04
N LYS A 107 7.92 -6.19 5.14
CA LYS A 107 9.38 -6.06 5.32
C LYS A 107 9.95 -4.68 4.95
N GLY A 108 9.16 -3.84 4.27
CA GLY A 108 9.57 -2.58 3.63
C GLY A 108 10.30 -2.82 2.30
N ASN A 109 9.92 -2.10 1.24
CA ASN A 109 10.57 -2.17 -0.07
C ASN A 109 11.97 -1.52 -0.01
N ALA A 110 13.01 -2.25 -0.45
CA ALA A 110 14.42 -1.85 -0.39
C ALA A 110 15.08 -1.63 -1.77
N ALA A 111 14.32 -1.61 -2.87
CA ALA A 111 14.82 -1.45 -4.23
C ALA A 111 15.35 -0.03 -4.49
N LEU A 112 16.68 0.12 -4.48
CA LEU A 112 17.39 1.37 -4.80
C LEU A 112 17.35 1.68 -6.31
N ALA A 113 17.45 2.97 -6.65
CA ALA A 113 17.48 3.47 -8.04
C ALA A 113 18.84 3.29 -8.74
N GLU A 114 18.85 3.51 -10.05
CA GLU A 114 19.95 3.21 -10.97
C GLU A 114 20.02 4.31 -12.06
N LEU A 115 21.08 5.10 -12.02
CA LEU A 115 21.35 6.18 -12.99
C LEU A 115 21.58 5.65 -14.42
N ASP A 116 21.17 6.44 -15.42
CA ASP A 116 21.17 6.09 -16.85
C ASP A 116 21.62 7.23 -17.79
N GLN A 117 22.43 8.16 -17.27
CA GLN A 117 22.88 9.37 -17.98
C GLN A 117 23.72 9.06 -19.24
N LEU A 118 23.52 9.86 -20.29
CA LEU A 118 24.21 9.76 -21.60
C LEU A 118 24.51 11.15 -22.18
N LEU A 119 25.66 11.30 -22.85
CA LEU A 119 26.09 12.53 -23.53
C LEU A 119 26.91 12.17 -24.79
N ALA A 120 26.57 12.78 -25.93
CA ALA A 120 27.25 12.62 -27.21
C ALA A 120 27.20 13.90 -28.07
N VAL A 121 28.19 14.08 -28.95
CA VAL A 121 28.27 15.21 -29.90
C VAL A 121 27.34 15.01 -31.09
N ALA A 122 26.42 15.94 -31.30
CA ALA A 122 25.46 15.94 -32.40
C ALA A 122 26.12 16.18 -33.78
N ASP A 123 25.55 15.58 -34.83
CA ASP A 123 25.93 15.79 -36.23
C ASP A 123 25.40 17.09 -36.89
N SER A 124 26.06 17.54 -37.96
CA SER A 124 25.65 18.70 -38.77
C SER A 124 26.08 18.59 -40.24
N GLY A 125 25.32 19.21 -41.14
CA GLY A 125 25.59 19.25 -42.59
C GLY A 125 26.50 20.40 -43.05
N PRO A 126 26.91 20.42 -44.33
CA PRO A 126 27.67 21.52 -44.94
C PRO A 126 26.83 22.81 -45.08
N SER A 127 27.50 23.94 -45.29
CA SER A 127 26.89 25.27 -45.46
C SER A 127 27.74 26.18 -46.38
N SER A 128 27.09 27.11 -47.08
CA SER A 128 27.71 28.04 -48.04
C SER A 128 26.89 29.34 -48.21
N GLY A 129 27.50 30.38 -48.77
CA GLY A 129 26.92 31.71 -48.99
C GLY A 129 26.72 32.51 -47.70
#